data_1UZP
# 
_entry.id   1UZP 
# 
_audit_conform.dict_name       mmcif_pdbx.dic 
_audit_conform.dict_version    5.399 
_audit_conform.dict_location   http://mmcif.pdb.org/dictionaries/ascii/mmcif_pdbx.dic 
# 
loop_
_database_2.database_id 
_database_2.database_code 
_database_2.pdbx_database_accession 
_database_2.pdbx_DOI 
PDB   1UZP         pdb_00001uzp 10.2210/pdb1uzp/pdb 
PDBE  EBI-14803    ?            ?                   
WWPDB D_1290014803 ?            ?                   
# 
loop_
_pdbx_audit_revision_history.ordinal 
_pdbx_audit_revision_history.data_content_type 
_pdbx_audit_revision_history.major_revision 
_pdbx_audit_revision_history.minor_revision 
_pdbx_audit_revision_history.revision_date 
1 'Structure model' 1 0 2004-04-08 
2 'Structure model' 1 1 2011-05-07 
3 'Structure model' 1 2 2011-07-13 
4 'Structure model' 1 3 2018-06-27 
5 'Structure model' 1 4 2019-05-08 
6 'Structure model' 1 5 2024-11-20 
# 
_pdbx_audit_revision_details.ordinal             1 
_pdbx_audit_revision_details.revision_ordinal    1 
_pdbx_audit_revision_details.data_content_type   'Structure model' 
_pdbx_audit_revision_details.provider            repository 
_pdbx_audit_revision_details.type                'Initial release' 
_pdbx_audit_revision_details.description         ? 
_pdbx_audit_revision_details.details             ? 
# 
loop_
_pdbx_audit_revision_group.ordinal 
_pdbx_audit_revision_group.revision_ordinal 
_pdbx_audit_revision_group.data_content_type 
_pdbx_audit_revision_group.group 
1  2 'Structure model' 'Version format compliance' 
2  3 'Structure model' 'Version format compliance' 
3  4 'Structure model' 'Data collection'           
4  4 'Structure model' 'Derived calculations'      
5  5 'Structure model' 'Data collection'           
6  5 'Structure model' 'Experimental preparation'  
7  6 'Structure model' 'Data collection'           
8  6 'Structure model' 'Database references'       
9  6 'Structure model' 'Derived calculations'      
10 6 'Structure model' 'Structure summary'         
# 
loop_
_pdbx_audit_revision_category.ordinal 
_pdbx_audit_revision_category.revision_ordinal 
_pdbx_audit_revision_category.data_content_type 
_pdbx_audit_revision_category.category 
1 4 'Structure model' pdbx_struct_conn_angle    
2 4 'Structure model' struct_conn               
3 5 'Structure model' exptl_crystal_grow        
4 6 'Structure model' chem_comp_atom            
5 6 'Structure model' chem_comp_bond            
6 6 'Structure model' database_2                
7 6 'Structure model' pdbx_entry_details        
8 6 'Structure model' pdbx_modification_feature 
9 6 'Structure model' struct_conn               
# 
loop_
_pdbx_audit_revision_item.ordinal 
_pdbx_audit_revision_item.revision_ordinal 
_pdbx_audit_revision_item.data_content_type 
_pdbx_audit_revision_item.item 
1  4 'Structure model' '_pdbx_struct_conn_angle.ptnr1_auth_comp_id'  
2  4 'Structure model' '_pdbx_struct_conn_angle.ptnr1_auth_seq_id'   
3  4 'Structure model' '_pdbx_struct_conn_angle.ptnr1_label_asym_id' 
4  4 'Structure model' '_pdbx_struct_conn_angle.ptnr1_label_atom_id' 
5  4 'Structure model' '_pdbx_struct_conn_angle.ptnr1_label_comp_id' 
6  4 'Structure model' '_pdbx_struct_conn_angle.ptnr1_label_seq_id'  
7  4 'Structure model' '_pdbx_struct_conn_angle.ptnr1_symmetry'      
8  4 'Structure model' '_pdbx_struct_conn_angle.ptnr2_auth_seq_id'   
9  4 'Structure model' '_pdbx_struct_conn_angle.ptnr2_label_asym_id' 
10 4 'Structure model' '_pdbx_struct_conn_angle.ptnr3_auth_comp_id'  
11 4 'Structure model' '_pdbx_struct_conn_angle.ptnr3_auth_seq_id'   
12 4 'Structure model' '_pdbx_struct_conn_angle.ptnr3_label_asym_id' 
13 4 'Structure model' '_pdbx_struct_conn_angle.ptnr3_label_atom_id' 
14 4 'Structure model' '_pdbx_struct_conn_angle.ptnr3_label_comp_id' 
15 4 'Structure model' '_pdbx_struct_conn_angle.ptnr3_label_seq_id'  
16 4 'Structure model' '_pdbx_struct_conn_angle.ptnr3_symmetry'      
17 4 'Structure model' '_pdbx_struct_conn_angle.value'               
18 4 'Structure model' '_struct_conn.pdbx_dist_value'                
19 4 'Structure model' '_struct_conn.ptnr1_auth_comp_id'             
20 4 'Structure model' '_struct_conn.ptnr1_auth_seq_id'              
21 4 'Structure model' '_struct_conn.ptnr1_label_asym_id'            
22 4 'Structure model' '_struct_conn.ptnr1_label_atom_id'            
23 4 'Structure model' '_struct_conn.ptnr1_label_comp_id'            
24 4 'Structure model' '_struct_conn.ptnr1_label_seq_id'             
25 4 'Structure model' '_struct_conn.ptnr2_auth_comp_id'             
26 4 'Structure model' '_struct_conn.ptnr2_auth_seq_id'              
27 4 'Structure model' '_struct_conn.ptnr2_label_asym_id'            
28 4 'Structure model' '_struct_conn.ptnr2_label_atom_id'            
29 4 'Structure model' '_struct_conn.ptnr2_label_comp_id'            
30 4 'Structure model' '_struct_conn.ptnr2_label_seq_id'             
31 4 'Structure model' '_struct_conn.ptnr2_symmetry'                 
32 5 'Structure model' '_exptl_crystal_grow.method'                  
33 6 'Structure model' '_database_2.pdbx_DOI'                        
34 6 'Structure model' '_database_2.pdbx_database_accession'         
35 6 'Structure model' '_struct_conn.pdbx_dist_value'                
36 6 'Structure model' '_struct_conn.ptnr1_auth_comp_id'             
37 6 'Structure model' '_struct_conn.ptnr1_auth_seq_id'              
38 6 'Structure model' '_struct_conn.ptnr1_label_asym_id'            
39 6 'Structure model' '_struct_conn.ptnr1_label_atom_id'            
40 6 'Structure model' '_struct_conn.ptnr1_label_comp_id'            
41 6 'Structure model' '_struct_conn.ptnr1_label_seq_id'             
42 6 'Structure model' '_struct_conn.ptnr1_symmetry'                 
43 6 'Structure model' '_struct_conn.ptnr2_auth_comp_id'             
44 6 'Structure model' '_struct_conn.ptnr2_auth_seq_id'              
45 6 'Structure model' '_struct_conn.ptnr2_label_asym_id'            
46 6 'Structure model' '_struct_conn.ptnr2_label_atom_id'            
47 6 'Structure model' '_struct_conn.ptnr2_label_comp_id'            
48 6 'Structure model' '_struct_conn.ptnr2_symmetry'                 
# 
_pdbx_database_status.status_code                     REL 
_pdbx_database_status.entry_id                        1UZP 
_pdbx_database_status.deposit_site                    PDBE 
_pdbx_database_status.process_site                    PDBE 
_pdbx_database_status.SG_entry                        . 
_pdbx_database_status.recvd_initial_deposition_date   2004-03-15 
_pdbx_database_status.pdb_format_compatible           Y 
_pdbx_database_status.status_code_sf                  ? 
_pdbx_database_status.status_code_mr                  ? 
_pdbx_database_status.status_code_cs                  ? 
_pdbx_database_status.methods_development_category    ? 
_pdbx_database_status.status_code_nmr_data            ? 
# 
loop_
_pdbx_database_related.db_name 
_pdbx_database_related.db_id 
_pdbx_database_related.content_type 
_pdbx_database_related.details 
PDB 1APJ unspecified 
'NMR STUDY OF THE TRANSFORMING GROWTH FACTOR BETA BINDINGPROTEIN-LIKE DOMAIN (TB MODULE/ 8-CYS DOMAIN), NMR,21 STRUCTURES' 
PDB 1EMN unspecified 
'NMR STUDY OF A PAIR OF FIBRILLIN CA==2 +== BINDING EPIDERMAL GROWTH FACTOR-LIKE DOMAINS, MINIMIZED AVERAGE STRUCTURE'     
PDB 1EMO unspecified 'NMR STUDY OF A PAIR OF FIBRILLIN CA==2 +== BINDING EPIDERMAL GROWTH FACTOR-LIKE DOMAINS, 22 STRUCTURES' 
PDB 1LMJ unspecified 'NMR STUDY OF THE FIBRILLIN-1 CBEGF12-13 PAIR OF CA2+BINDING EPIDERMAL GROWTH FACTOR -LIKE DOMAINS' 
PDB 1UZK unspecified 'X_RAY STRUCTURE OF THE INTEGRIN BINDING CBEGF22-TB4-CBEGF33 FRAGMENT OF HUMAN FIBRILLIN-1, HOLO FORM' 
PDB 1UZJ unspecified 'X_RAY STRUCTURE OF THE INTEGRIN BINDING CBEGF22-TB4-CBEGF33 FRAGMENT OF HUMAN FIBRILLIN-1, HOLO FORM' 
PDB 1UZQ unspecified 'X_RAY STRUCTURE OF THE INTEGRIN BINDING CBEGF22-TB4-CBEGF33 FRAGMENT OF HUMAN FIBRILLIN-1, APO FORM CBEGF23' 
# 
loop_
_audit_author.name 
_audit_author.pdbx_ordinal 
_audit_author.identifier_ORCID 
'Lee, S.S.J.'    1 ? 
'Knott, V.'      2 ? 
'Harlos, K.'     3 ? 
'Handford, P.A.' 4 ? 
'Stuart, D.I.'   5 ? 
# 
_citation.id                        primary 
_citation.title                     
'Structure of the Integrin Binding Fragment from Fibrillin-1 Gives New Insights Into Microfibril Organization' 
_citation.journal_abbrev            Structure 
_citation.journal_volume            12 
_citation.page_first                717 
_citation.page_last                 ? 
_citation.year                      2004 
_citation.journal_id_ASTM           STRUE6 
_citation.country                   UK 
_citation.journal_id_ISSN           0969-2126 
_citation.journal_id_CSD            2005 
_citation.book_publisher            ? 
_citation.pdbx_database_id_PubMed   15062093 
_citation.pdbx_database_id_DOI      10.1016/J.STR.2004.02.023 
# 
loop_
_citation_author.citation_id 
_citation_author.name 
_citation_author.ordinal 
_citation_author.identifier_ORCID 
primary 'Lee, S.S.J.'    1 ? 
primary 'Knott, V.'      2 ? 
primary 'Jovanovi, J.'   3 ? 
primary 'Harlos, K.'     4 ? 
primary 'Grimes, J.'     5 ? 
primary 'Choulier, L.'   6 ? 
primary 'Mardon, H.'     7 ? 
primary 'Stuart, D.I.'   8 ? 
primary 'Handford, P.A.' 9 ? 
# 
loop_
_entity.id 
_entity.type 
_entity.src_method 
_entity.pdbx_description 
_entity.formula_weight 
_entity.pdbx_number_of_molecules 
_entity.pdbx_ec 
_entity.pdbx_mutation 
_entity.pdbx_fragment 
_entity.details 
1 polymer     man FIBRILLIN-1          17332.436 1   ? ? 'BEGF22-TB4-CBEGF23, RESIDUES 1486-1647' ? 
2 non-polymer syn 'SAMARIUM (III) ION' 150.360   3   ? ? ?                                        ? 
3 water       nat water                18.015    188 ? ? ?                                        ? 
# 
_entity_poly.entity_id                      1 
_entity_poly.type                           'polypeptide(L)' 
_entity_poly.nstd_linkage                   no 
_entity_poly.nstd_monomer                   no 
_entity_poly.pdbx_seq_one_letter_code       
;TDVNECLDPTTCISGNCVNTPGSYICDCPPDFELNPTRVGCVDTRSGNCYLDIRPRGDNGDTACSNEIGVGVSKASCCCS
LGKAWGTPCEMCPAVNTSEYKILCPGGEGFRPNPITVILEDIDECQELPGLCQGGKCINTFGSFQCRCPTGYYLNEDTRV
CD
;
_entity_poly.pdbx_seq_one_letter_code_can   
;TDVNECLDPTTCISGNCVNTPGSYICDCPPDFELNPTRVGCVDTRSGNCYLDIRPRGDNGDTACSNEIGVGVSKASCCCS
LGKAWGTPCEMCPAVNTSEYKILCPGGEGFRPNPITVILEDIDECQELPGLCQGGKCINTFGSFQCRCPTGYYLNEDTRV
CD
;
_entity_poly.pdbx_strand_id                 A 
_entity_poly.pdbx_target_identifier         ? 
# 
loop_
_pdbx_entity_nonpoly.entity_id 
_pdbx_entity_nonpoly.name 
_pdbx_entity_nonpoly.comp_id 
2 'SAMARIUM (III) ION' SM  
3 water                HOH 
# 
loop_
_entity_poly_seq.entity_id 
_entity_poly_seq.num 
_entity_poly_seq.mon_id 
_entity_poly_seq.hetero 
1 1   THR n 
1 2   ASP n 
1 3   VAL n 
1 4   ASN n 
1 5   GLU n 
1 6   CYS n 
1 7   LEU n 
1 8   ASP n 
1 9   PRO n 
1 10  THR n 
1 11  THR n 
1 12  CYS n 
1 13  ILE n 
1 14  SER n 
1 15  GLY n 
1 16  ASN n 
1 17  CYS n 
1 18  VAL n 
1 19  ASN n 
1 20  THR n 
1 21  PRO n 
1 22  GLY n 
1 23  SER n 
1 24  TYR n 
1 25  ILE n 
1 26  CYS n 
1 27  ASP n 
1 28  CYS n 
1 29  PRO n 
1 30  PRO n 
1 31  ASP n 
1 32  PHE n 
1 33  GLU n 
1 34  LEU n 
1 35  ASN n 
1 36  PRO n 
1 37  THR n 
1 38  ARG n 
1 39  VAL n 
1 40  GLY n 
1 41  CYS n 
1 42  VAL n 
1 43  ASP n 
1 44  THR n 
1 45  ARG n 
1 46  SER n 
1 47  GLY n 
1 48  ASN n 
1 49  CYS n 
1 50  TYR n 
1 51  LEU n 
1 52  ASP n 
1 53  ILE n 
1 54  ARG n 
1 55  PRO n 
1 56  ARG n 
1 57  GLY n 
1 58  ASP n 
1 59  ASN n 
1 60  GLY n 
1 61  ASP n 
1 62  THR n 
1 63  ALA n 
1 64  CYS n 
1 65  SER n 
1 66  ASN n 
1 67  GLU n 
1 68  ILE n 
1 69  GLY n 
1 70  VAL n 
1 71  GLY n 
1 72  VAL n 
1 73  SER n 
1 74  LYS n 
1 75  ALA n 
1 76  SER n 
1 77  CYS n 
1 78  CYS n 
1 79  CYS n 
1 80  SER n 
1 81  LEU n 
1 82  GLY n 
1 83  LYS n 
1 84  ALA n 
1 85  TRP n 
1 86  GLY n 
1 87  THR n 
1 88  PRO n 
1 89  CYS n 
1 90  GLU n 
1 91  MET n 
1 92  CYS n 
1 93  PRO n 
1 94  ALA n 
1 95  VAL n 
1 96  ASN n 
1 97  THR n 
1 98  SER n 
1 99  GLU n 
1 100 TYR n 
1 101 LYS n 
1 102 ILE n 
1 103 LEU n 
1 104 CYS n 
1 105 PRO n 
1 106 GLY n 
1 107 GLY n 
1 108 GLU n 
1 109 GLY n 
1 110 PHE n 
1 111 ARG n 
1 112 PRO n 
1 113 ASN n 
1 114 PRO n 
1 115 ILE n 
1 116 THR n 
1 117 VAL n 
1 118 ILE n 
1 119 LEU n 
1 120 GLU n 
1 121 ASP n 
1 122 ILE n 
1 123 ASP n 
1 124 GLU n 
1 125 CYS n 
1 126 GLN n 
1 127 GLU n 
1 128 LEU n 
1 129 PRO n 
1 130 GLY n 
1 131 LEU n 
1 132 CYS n 
1 133 GLN n 
1 134 GLY n 
1 135 GLY n 
1 136 LYS n 
1 137 CYS n 
1 138 ILE n 
1 139 ASN n 
1 140 THR n 
1 141 PHE n 
1 142 GLY n 
1 143 SER n 
1 144 PHE n 
1 145 GLN n 
1 146 CYS n 
1 147 ARG n 
1 148 CYS n 
1 149 PRO n 
1 150 THR n 
1 151 GLY n 
1 152 TYR n 
1 153 TYR n 
1 154 LEU n 
1 155 ASN n 
1 156 GLU n 
1 157 ASP n 
1 158 THR n 
1 159 ARG n 
1 160 VAL n 
1 161 CYS n 
1 162 ASP n 
# 
_entity_src_gen.entity_id                          1 
_entity_src_gen.pdbx_src_id                        1 
_entity_src_gen.pdbx_alt_source_flag               sample 
_entity_src_gen.pdbx_seq_type                      ? 
_entity_src_gen.pdbx_beg_seq_num                   ? 
_entity_src_gen.pdbx_end_seq_num                   ? 
_entity_src_gen.gene_src_common_name               HUMAN 
_entity_src_gen.gene_src_genus                     ? 
_entity_src_gen.pdbx_gene_src_gene                 ? 
_entity_src_gen.gene_src_species                   ? 
_entity_src_gen.gene_src_strain                    ? 
_entity_src_gen.gene_src_tissue                    'EXTRA-ELLULAR MATRIX' 
_entity_src_gen.gene_src_tissue_fraction           ? 
_entity_src_gen.gene_src_details                   ? 
_entity_src_gen.pdbx_gene_src_fragment             ? 
_entity_src_gen.pdbx_gene_src_scientific_name      'HOMO SAPIENS' 
_entity_src_gen.pdbx_gene_src_ncbi_taxonomy_id     9606 
_entity_src_gen.pdbx_gene_src_variant              ? 
_entity_src_gen.pdbx_gene_src_cell_line            ? 
_entity_src_gen.pdbx_gene_src_atcc                 ? 
_entity_src_gen.pdbx_gene_src_organ                ? 
_entity_src_gen.pdbx_gene_src_organelle            ? 
_entity_src_gen.pdbx_gene_src_cell                 ? 
_entity_src_gen.pdbx_gene_src_cellular_location    ? 
_entity_src_gen.host_org_common_name               ? 
_entity_src_gen.pdbx_host_org_scientific_name      'ESCHERICHIA COLI' 
_entity_src_gen.pdbx_host_org_ncbi_taxonomy_id     562 
_entity_src_gen.host_org_genus                     ? 
_entity_src_gen.pdbx_host_org_gene                 ? 
_entity_src_gen.pdbx_host_org_organ                ? 
_entity_src_gen.host_org_species                   ? 
_entity_src_gen.pdbx_host_org_tissue               ? 
_entity_src_gen.pdbx_host_org_tissue_fraction      ? 
_entity_src_gen.pdbx_host_org_strain               NM554 
_entity_src_gen.pdbx_host_org_variant              ? 
_entity_src_gen.pdbx_host_org_cell_line            ? 
_entity_src_gen.pdbx_host_org_atcc                 ? 
_entity_src_gen.pdbx_host_org_culture_collection   ? 
_entity_src_gen.pdbx_host_org_cell                 ? 
_entity_src_gen.pdbx_host_org_organelle            ? 
_entity_src_gen.pdbx_host_org_cellular_location    ? 
_entity_src_gen.pdbx_host_org_vector_type          ? 
_entity_src_gen.pdbx_host_org_vector               ? 
_entity_src_gen.host_org_details                   ? 
_entity_src_gen.expression_system_id               ? 
_entity_src_gen.plasmid_name                       ? 
_entity_src_gen.plasmid_details                    ? 
_entity_src_gen.pdbx_description                   ? 
# 
loop_
_chem_comp.id 
_chem_comp.type 
_chem_comp.mon_nstd_flag 
_chem_comp.name 
_chem_comp.pdbx_synonyms 
_chem_comp.formula 
_chem_comp.formula_weight 
ALA 'L-peptide linking' y ALANINE              ? 'C3 H7 N O2'     89.093  
ARG 'L-peptide linking' y ARGININE             ? 'C6 H15 N4 O2 1' 175.209 
ASN 'L-peptide linking' y ASPARAGINE           ? 'C4 H8 N2 O3'    132.118 
ASP 'L-peptide linking' y 'ASPARTIC ACID'      ? 'C4 H7 N O4'     133.103 
CYS 'L-peptide linking' y CYSTEINE             ? 'C3 H7 N O2 S'   121.158 
GLN 'L-peptide linking' y GLUTAMINE            ? 'C5 H10 N2 O3'   146.144 
GLU 'L-peptide linking' y 'GLUTAMIC ACID'      ? 'C5 H9 N O4'     147.129 
GLY 'peptide linking'   y GLYCINE              ? 'C2 H5 N O2'     75.067  
HOH non-polymer         . WATER                ? 'H2 O'           18.015  
ILE 'L-peptide linking' y ISOLEUCINE           ? 'C6 H13 N O2'    131.173 
LEU 'L-peptide linking' y LEUCINE              ? 'C6 H13 N O2'    131.173 
LYS 'L-peptide linking' y LYSINE               ? 'C6 H15 N2 O2 1' 147.195 
MET 'L-peptide linking' y METHIONINE           ? 'C5 H11 N O2 S'  149.211 
PHE 'L-peptide linking' y PHENYLALANINE        ? 'C9 H11 N O2'    165.189 
PRO 'L-peptide linking' y PROLINE              ? 'C5 H9 N O2'     115.130 
SER 'L-peptide linking' y SERINE               ? 'C3 H7 N O3'     105.093 
SM  non-polymer         . 'SAMARIUM (III) ION' ? 'Sm 3'           150.360 
THR 'L-peptide linking' y THREONINE            ? 'C4 H9 N O3'     119.119 
TRP 'L-peptide linking' y TRYPTOPHAN           ? 'C11 H12 N2 O2'  204.225 
TYR 'L-peptide linking' y TYROSINE             ? 'C9 H11 N O3'    181.189 
VAL 'L-peptide linking' y VALINE               ? 'C5 H11 N O2'    117.146 
# 
loop_
_pdbx_poly_seq_scheme.asym_id 
_pdbx_poly_seq_scheme.entity_id 
_pdbx_poly_seq_scheme.seq_id 
_pdbx_poly_seq_scheme.mon_id 
_pdbx_poly_seq_scheme.ndb_seq_num 
_pdbx_poly_seq_scheme.pdb_seq_num 
_pdbx_poly_seq_scheme.auth_seq_num 
_pdbx_poly_seq_scheme.pdb_mon_id 
_pdbx_poly_seq_scheme.auth_mon_id 
_pdbx_poly_seq_scheme.pdb_strand_id 
_pdbx_poly_seq_scheme.pdb_ins_code 
_pdbx_poly_seq_scheme.hetero 
A 1 1   THR 1   1486 1486 THR THR A . n 
A 1 2   ASP 2   1487 1487 ASP ASP A . n 
A 1 3   VAL 3   1488 1488 VAL VAL A . n 
A 1 4   ASN 4   1489 1489 ASN ASN A . n 
A 1 5   GLU 5   1490 1490 GLU GLU A . n 
A 1 6   CYS 6   1491 1491 CYS CYS A . n 
A 1 7   LEU 7   1492 1492 LEU LEU A . n 
A 1 8   ASP 8   1493 1493 ASP ASP A . n 
A 1 9   PRO 9   1494 1494 PRO PRO A . n 
A 1 10  THR 10  1495 1495 THR THR A . n 
A 1 11  THR 11  1496 1496 THR THR A . n 
A 1 12  CYS 12  1497 1497 CYS CYS A . n 
A 1 13  ILE 13  1498 1498 ILE ILE A . n 
A 1 14  SER 14  1499 1499 SER SER A . n 
A 1 15  GLY 15  1500 1500 GLY GLY A . n 
A 1 16  ASN 16  1501 1501 ASN ASN A . n 
A 1 17  CYS 17  1502 1502 CYS CYS A . n 
A 1 18  VAL 18  1503 1503 VAL VAL A . n 
A 1 19  ASN 19  1504 1504 ASN ASN A . n 
A 1 20  THR 20  1505 1505 THR THR A . n 
A 1 21  PRO 21  1506 1506 PRO PRO A . n 
A 1 22  GLY 22  1507 1507 GLY GLY A . n 
A 1 23  SER 23  1508 1508 SER SER A . n 
A 1 24  TYR 24  1509 1509 TYR TYR A . n 
A 1 25  ILE 25  1510 1510 ILE ILE A . n 
A 1 26  CYS 26  1511 1511 CYS CYS A . n 
A 1 27  ASP 27  1512 1512 ASP ASP A . n 
A 1 28  CYS 28  1513 1513 CYS CYS A . n 
A 1 29  PRO 29  1514 1514 PRO PRO A . n 
A 1 30  PRO 30  1515 1515 PRO PRO A . n 
A 1 31  ASP 31  1516 1516 ASP ASP A . n 
A 1 32  PHE 32  1517 1517 PHE PHE A . n 
A 1 33  GLU 33  1518 1518 GLU GLU A . n 
A 1 34  LEU 34  1519 1519 LEU LEU A . n 
A 1 35  ASN 35  1520 1520 ASN ASN A . n 
A 1 36  PRO 36  1521 1521 PRO PRO A . n 
A 1 37  THR 37  1522 1522 THR THR A . n 
A 1 38  ARG 38  1523 1523 ARG ARG A . n 
A 1 39  VAL 39  1524 1524 VAL VAL A . n 
A 1 40  GLY 40  1525 1525 GLY GLY A . n 
A 1 41  CYS 41  1526 1526 CYS CYS A . n 
A 1 42  VAL 42  1527 1527 VAL VAL A . n 
A 1 43  ASP 43  1528 1528 ASP ASP A . n 
A 1 44  THR 44  1529 1529 THR THR A . n 
A 1 45  ARG 45  1530 1530 ARG ARG A . n 
A 1 46  SER 46  1531 1531 SER SER A . n 
A 1 47  GLY 47  1532 1532 GLY GLY A . n 
A 1 48  ASN 48  1533 1533 ASN ASN A . n 
A 1 49  CYS 49  1534 1534 CYS CYS A . n 
A 1 50  TYR 50  1535 1535 TYR TYR A . n 
A 1 51  LEU 51  1536 1536 LEU LEU A . n 
A 1 52  ASP 52  1537 1537 ASP ASP A . n 
A 1 53  ILE 53  1538 1538 ILE ILE A . n 
A 1 54  ARG 54  1539 ?    ?   ?   A . n 
A 1 55  PRO 55  1540 ?    ?   ?   A . n 
A 1 56  ARG 56  1541 ?    ?   ?   A . n 
A 1 57  GLY 57  1542 ?    ?   ?   A . n 
A 1 58  ASP 58  1543 ?    ?   ?   A . n 
A 1 59  ASN 59  1544 ?    ?   ?   A . n 
A 1 60  GLY 60  1545 ?    ?   ?   A . n 
A 1 61  ASP 61  1546 ?    ?   ?   A . n 
A 1 62  THR 62  1547 ?    ?   ?   A . n 
A 1 63  ALA 63  1548 ?    ?   ?   A . n 
A 1 64  CYS 64  1549 1549 CYS CYS A . n 
A 1 65  SER 65  1550 1550 SER SER A . n 
A 1 66  ASN 66  1551 1551 ASN ASN A . n 
A 1 67  GLU 67  1552 1552 GLU GLU A . n 
A 1 68  ILE 68  1553 1553 ILE ILE A . n 
A 1 69  GLY 69  1554 1554 GLY GLY A . n 
A 1 70  VAL 70  1555 1555 VAL VAL A . n 
A 1 71  GLY 71  1556 1556 GLY GLY A . n 
A 1 72  VAL 72  1557 1557 VAL VAL A . n 
A 1 73  SER 73  1558 1558 SER SER A . n 
A 1 74  LYS 74  1559 1559 LYS LYS A . n 
A 1 75  ALA 75  1560 1560 ALA ALA A . n 
A 1 76  SER 76  1561 1561 SER SER A . n 
A 1 77  CYS 77  1562 1562 CYS CYS A . n 
A 1 78  CYS 78  1563 1563 CYS CYS A . n 
A 1 79  CYS 79  1564 1564 CYS CYS A . n 
A 1 80  SER 80  1565 1565 SER SER A . n 
A 1 81  LEU 81  1566 1566 LEU LEU A . n 
A 1 82  GLY 82  1567 1567 GLY GLY A . n 
A 1 83  LYS 83  1568 1568 LYS LYS A . n 
A 1 84  ALA 84  1569 1569 ALA ALA A . n 
A 1 85  TRP 85  1570 1570 TRP TRP A . n 
A 1 86  GLY 86  1571 1571 GLY GLY A . n 
A 1 87  THR 87  1572 1572 THR THR A . n 
A 1 88  PRO 88  1573 1573 PRO PRO A . n 
A 1 89  CYS 89  1574 1574 CYS CYS A . n 
A 1 90  GLU 90  1575 1575 GLU GLU A . n 
A 1 91  MET 91  1576 1576 MET MET A . n 
A 1 92  CYS 92  1577 1577 CYS CYS A . n 
A 1 93  PRO 93  1578 1578 PRO PRO A . n 
A 1 94  ALA 94  1579 1579 ALA ALA A . n 
A 1 95  VAL 95  1580 1580 VAL VAL A . n 
A 1 96  ASN 96  1581 1581 ASN ASN A . n 
A 1 97  THR 97  1582 1582 THR THR A . n 
A 1 98  SER 98  1583 1583 SER SER A . n 
A 1 99  GLU 99  1584 1584 GLU GLU A . n 
A 1 100 TYR 100 1585 1585 TYR TYR A . n 
A 1 101 LYS 101 1586 1586 LYS LYS A . n 
A 1 102 ILE 102 1587 1587 ILE ILE A . n 
A 1 103 LEU 103 1588 1588 LEU LEU A . n 
A 1 104 CYS 104 1589 1589 CYS CYS A . n 
A 1 105 PRO 105 1590 1590 PRO PRO A . n 
A 1 106 GLY 106 1591 1591 GLY GLY A . n 
A 1 107 GLY 107 1592 1592 GLY GLY A . n 
A 1 108 GLU 108 1593 1593 GLU GLU A . n 
A 1 109 GLY 109 1594 1594 GLY GLY A . n 
A 1 110 PHE 110 1595 1595 PHE PHE A . n 
A 1 111 ARG 111 1596 1596 ARG ARG A . n 
A 1 112 PRO 112 1597 1597 PRO PRO A . n 
A 1 113 ASN 113 1598 1598 ASN ASN A . n 
A 1 114 PRO 114 1599 1599 PRO PRO A . n 
A 1 115 ILE 115 1600 1600 ILE ILE A . n 
A 1 116 THR 116 1601 1601 THR THR A . n 
A 1 117 VAL 117 1602 1602 VAL VAL A . n 
A 1 118 ILE 118 1603 1603 ILE ILE A . n 
A 1 119 LEU 119 1604 1604 LEU LEU A . n 
A 1 120 GLU 120 1605 1605 GLU GLU A . n 
A 1 121 ASP 121 1606 1606 ASP ASP A . n 
A 1 122 ILE 122 1607 1607 ILE ILE A . n 
A 1 123 ASP 123 1608 1608 ASP ASP A . n 
A 1 124 GLU 124 1609 1609 GLU GLU A . n 
A 1 125 CYS 125 1610 1610 CYS CYS A . n 
A 1 126 GLN 126 1611 1611 GLN GLN A . n 
A 1 127 GLU 127 1612 1612 GLU GLU A . n 
A 1 128 LEU 128 1613 1613 LEU LEU A . n 
A 1 129 PRO 129 1614 1614 PRO PRO A . n 
A 1 130 GLY 130 1615 1615 GLY GLY A . n 
A 1 131 LEU 131 1616 1616 LEU LEU A . n 
A 1 132 CYS 132 1617 1617 CYS CYS A . n 
A 1 133 GLN 133 1618 1618 GLN GLN A . n 
A 1 134 GLY 134 1619 1619 GLY GLY A . n 
A 1 135 GLY 135 1620 1620 GLY GLY A . n 
A 1 136 LYS 136 1621 1621 LYS LYS A . n 
A 1 137 CYS 137 1622 1622 CYS CYS A . n 
A 1 138 ILE 138 1623 1623 ILE ILE A . n 
A 1 139 ASN 139 1624 1624 ASN ASN A . n 
A 1 140 THR 140 1625 1625 THR THR A . n 
A 1 141 PHE 141 1626 1626 PHE PHE A . n 
A 1 142 GLY 142 1627 1627 GLY GLY A . n 
A 1 143 SER 143 1628 1628 SER SER A . n 
A 1 144 PHE 144 1629 1629 PHE PHE A . n 
A 1 145 GLN 145 1630 1630 GLN GLN A . n 
A 1 146 CYS 146 1631 1631 CYS CYS A . n 
A 1 147 ARG 147 1632 1632 ARG ARG A . n 
A 1 148 CYS 148 1633 1633 CYS CYS A . n 
A 1 149 PRO 149 1634 1634 PRO PRO A . n 
A 1 150 THR 150 1635 1635 THR THR A . n 
A 1 151 GLY 151 1636 1636 GLY GLY A . n 
A 1 152 TYR 152 1637 1637 TYR TYR A . n 
A 1 153 TYR 153 1638 1638 TYR TYR A . n 
A 1 154 LEU 154 1639 1639 LEU LEU A . n 
A 1 155 ASN 155 1640 1640 ASN ASN A . n 
A 1 156 GLU 156 1641 1641 GLU GLU A . n 
A 1 157 ASP 157 1642 1642 ASP ASP A . n 
A 1 158 THR 158 1643 1643 THR THR A . n 
A 1 159 ARG 159 1644 1644 ARG ARG A . n 
A 1 160 VAL 160 1645 1645 VAL VAL A . n 
A 1 161 CYS 161 1646 1646 CYS CYS A . n 
A 1 162 ASP 162 1647 1647 ASP ASP A . n 
# 
loop_
_pdbx_nonpoly_scheme.asym_id 
_pdbx_nonpoly_scheme.entity_id 
_pdbx_nonpoly_scheme.mon_id 
_pdbx_nonpoly_scheme.ndb_seq_num 
_pdbx_nonpoly_scheme.pdb_seq_num 
_pdbx_nonpoly_scheme.auth_seq_num 
_pdbx_nonpoly_scheme.pdb_mon_id 
_pdbx_nonpoly_scheme.auth_mon_id 
_pdbx_nonpoly_scheme.pdb_strand_id 
_pdbx_nonpoly_scheme.pdb_ins_code 
B 2 SM  1   2648 2648 SM  SM  A . 
C 2 SM  1   2649 2649 SM  SM  A . 
D 2 SM  1   2650 2650 SM  SM  A . 
E 3 HOH 1   2001 2001 HOH HOH A . 
E 3 HOH 2   2002 2002 HOH HOH A . 
E 3 HOH 3   2003 2003 HOH HOH A . 
E 3 HOH 4   2004 2004 HOH HOH A . 
E 3 HOH 5   2005 2005 HOH HOH A . 
E 3 HOH 6   2006 2006 HOH HOH A . 
E 3 HOH 7   2007 2007 HOH HOH A . 
E 3 HOH 8   2008 2008 HOH HOH A . 
E 3 HOH 9   2009 2009 HOH HOH A . 
E 3 HOH 10  2010 2010 HOH HOH A . 
E 3 HOH 11  2011 2011 HOH HOH A . 
E 3 HOH 12  2012 2012 HOH HOH A . 
E 3 HOH 13  2013 2013 HOH HOH A . 
E 3 HOH 14  2014 2014 HOH HOH A . 
E 3 HOH 15  2015 2015 HOH HOH A . 
E 3 HOH 16  2016 2016 HOH HOH A . 
E 3 HOH 17  2017 2017 HOH HOH A . 
E 3 HOH 18  2018 2018 HOH HOH A . 
E 3 HOH 19  2019 2019 HOH HOH A . 
E 3 HOH 20  2020 2020 HOH HOH A . 
E 3 HOH 21  2021 2021 HOH HOH A . 
E 3 HOH 22  2022 2022 HOH HOH A . 
E 3 HOH 23  2023 2023 HOH HOH A . 
E 3 HOH 24  2024 2024 HOH HOH A . 
E 3 HOH 25  2025 2025 HOH HOH A . 
E 3 HOH 26  2026 2026 HOH HOH A . 
E 3 HOH 27  2027 2027 HOH HOH A . 
E 3 HOH 28  2028 2028 HOH HOH A . 
E 3 HOH 29  2029 2029 HOH HOH A . 
E 3 HOH 30  2030 2030 HOH HOH A . 
E 3 HOH 31  2031 2031 HOH HOH A . 
E 3 HOH 32  2032 2032 HOH HOH A . 
E 3 HOH 33  2033 2033 HOH HOH A . 
E 3 HOH 34  2034 2034 HOH HOH A . 
E 3 HOH 35  2035 2035 HOH HOH A . 
E 3 HOH 36  2036 2036 HOH HOH A . 
E 3 HOH 37  2037 2037 HOH HOH A . 
E 3 HOH 38  2038 2038 HOH HOH A . 
E 3 HOH 39  2039 2039 HOH HOH A . 
E 3 HOH 40  2040 2040 HOH HOH A . 
E 3 HOH 41  2041 2041 HOH HOH A . 
E 3 HOH 42  2042 2042 HOH HOH A . 
E 3 HOH 43  2043 2043 HOH HOH A . 
E 3 HOH 44  2044 2044 HOH HOH A . 
E 3 HOH 45  2045 2045 HOH HOH A . 
E 3 HOH 46  2046 2046 HOH HOH A . 
E 3 HOH 47  2047 2047 HOH HOH A . 
E 3 HOH 48  2048 2048 HOH HOH A . 
E 3 HOH 49  2049 2049 HOH HOH A . 
E 3 HOH 50  2050 2050 HOH HOH A . 
E 3 HOH 51  2051 2051 HOH HOH A . 
E 3 HOH 52  2052 2052 HOH HOH A . 
E 3 HOH 53  2053 2053 HOH HOH A . 
E 3 HOH 54  2054 2054 HOH HOH A . 
E 3 HOH 55  2055 2055 HOH HOH A . 
E 3 HOH 56  2056 2056 HOH HOH A . 
E 3 HOH 57  2057 2057 HOH HOH A . 
E 3 HOH 58  2058 2058 HOH HOH A . 
E 3 HOH 59  2059 2059 HOH HOH A . 
E 3 HOH 60  2060 2060 HOH HOH A . 
E 3 HOH 61  2061 2061 HOH HOH A . 
E 3 HOH 62  2062 2062 HOH HOH A . 
E 3 HOH 63  2063 2063 HOH HOH A . 
E 3 HOH 64  2064 2064 HOH HOH A . 
E 3 HOH 65  2065 2065 HOH HOH A . 
E 3 HOH 66  2066 2066 HOH HOH A . 
E 3 HOH 67  2067 2067 HOH HOH A . 
E 3 HOH 68  2068 2068 HOH HOH A . 
E 3 HOH 69  2069 2069 HOH HOH A . 
E 3 HOH 70  2070 2070 HOH HOH A . 
E 3 HOH 71  2071 2071 HOH HOH A . 
E 3 HOH 72  2072 2072 HOH HOH A . 
E 3 HOH 73  2073 2073 HOH HOH A . 
E 3 HOH 74  2074 2074 HOH HOH A . 
E 3 HOH 75  2075 2075 HOH HOH A . 
E 3 HOH 76  2076 2076 HOH HOH A . 
E 3 HOH 77  2077 2077 HOH HOH A . 
E 3 HOH 78  2078 2078 HOH HOH A . 
E 3 HOH 79  2079 2079 HOH HOH A . 
E 3 HOH 80  2080 2080 HOH HOH A . 
E 3 HOH 81  2081 2081 HOH HOH A . 
E 3 HOH 82  2082 2082 HOH HOH A . 
E 3 HOH 83  2083 2083 HOH HOH A . 
E 3 HOH 84  2084 2084 HOH HOH A . 
E 3 HOH 85  2085 2085 HOH HOH A . 
E 3 HOH 86  2086 2086 HOH HOH A . 
E 3 HOH 87  2087 2087 HOH HOH A . 
E 3 HOH 88  2088 2088 HOH HOH A . 
E 3 HOH 89  2089 2089 HOH HOH A . 
E 3 HOH 90  2090 2090 HOH HOH A . 
E 3 HOH 91  2091 2091 HOH HOH A . 
E 3 HOH 92  2092 2092 HOH HOH A . 
E 3 HOH 93  2093 2093 HOH HOH A . 
E 3 HOH 94  2094 2094 HOH HOH A . 
E 3 HOH 95  2095 2095 HOH HOH A . 
E 3 HOH 96  2096 2096 HOH HOH A . 
E 3 HOH 97  2097 2097 HOH HOH A . 
E 3 HOH 98  2098 2098 HOH HOH A . 
E 3 HOH 99  2099 2099 HOH HOH A . 
E 3 HOH 100 2100 2100 HOH HOH A . 
E 3 HOH 101 2101 2101 HOH HOH A . 
E 3 HOH 102 2102 2102 HOH HOH A . 
E 3 HOH 103 2103 2103 HOH HOH A . 
E 3 HOH 104 2104 2104 HOH HOH A . 
E 3 HOH 105 2105 2105 HOH HOH A . 
E 3 HOH 106 2106 2106 HOH HOH A . 
E 3 HOH 107 2107 2107 HOH HOH A . 
E 3 HOH 108 2108 2108 HOH HOH A . 
E 3 HOH 109 2109 2109 HOH HOH A . 
E 3 HOH 110 2110 2110 HOH HOH A . 
E 3 HOH 111 2111 2111 HOH HOH A . 
E 3 HOH 112 2112 2112 HOH HOH A . 
E 3 HOH 113 2113 2113 HOH HOH A . 
E 3 HOH 114 2114 2114 HOH HOH A . 
E 3 HOH 115 2115 2115 HOH HOH A . 
E 3 HOH 116 2116 2116 HOH HOH A . 
E 3 HOH 117 2117 2117 HOH HOH A . 
E 3 HOH 118 2118 2118 HOH HOH A . 
E 3 HOH 119 2119 2119 HOH HOH A . 
E 3 HOH 120 2120 2120 HOH HOH A . 
E 3 HOH 121 2121 2121 HOH HOH A . 
E 3 HOH 122 2122 2122 HOH HOH A . 
E 3 HOH 123 2123 2123 HOH HOH A . 
E 3 HOH 124 2124 2124 HOH HOH A . 
E 3 HOH 125 2125 2125 HOH HOH A . 
E 3 HOH 126 2126 2126 HOH HOH A . 
E 3 HOH 127 2127 2127 HOH HOH A . 
E 3 HOH 128 2128 2128 HOH HOH A . 
E 3 HOH 129 2129 2129 HOH HOH A . 
E 3 HOH 130 2130 2130 HOH HOH A . 
E 3 HOH 131 2131 2131 HOH HOH A . 
E 3 HOH 132 2132 2132 HOH HOH A . 
E 3 HOH 133 2133 2133 HOH HOH A . 
E 3 HOH 134 2134 2134 HOH HOH A . 
E 3 HOH 135 2135 2135 HOH HOH A . 
E 3 HOH 136 2136 2136 HOH HOH A . 
E 3 HOH 137 2137 2137 HOH HOH A . 
E 3 HOH 138 2138 2138 HOH HOH A . 
E 3 HOH 139 2139 2139 HOH HOH A . 
E 3 HOH 140 2140 2140 HOH HOH A . 
E 3 HOH 141 2141 2141 HOH HOH A . 
E 3 HOH 142 2142 2142 HOH HOH A . 
E 3 HOH 143 2143 2143 HOH HOH A . 
E 3 HOH 144 2144 2144 HOH HOH A . 
E 3 HOH 145 2145 2145 HOH HOH A . 
E 3 HOH 146 2146 2146 HOH HOH A . 
E 3 HOH 147 2147 2147 HOH HOH A . 
E 3 HOH 148 2148 2148 HOH HOH A . 
E 3 HOH 149 2149 2149 HOH HOH A . 
E 3 HOH 150 2150 2150 HOH HOH A . 
E 3 HOH 151 2151 2151 HOH HOH A . 
E 3 HOH 152 2152 2152 HOH HOH A . 
E 3 HOH 153 2153 2153 HOH HOH A . 
E 3 HOH 154 2154 2154 HOH HOH A . 
E 3 HOH 155 2155 2155 HOH HOH A . 
E 3 HOH 156 2156 2156 HOH HOH A . 
E 3 HOH 157 2157 2157 HOH HOH A . 
E 3 HOH 158 2158 2158 HOH HOH A . 
E 3 HOH 159 2159 2159 HOH HOH A . 
E 3 HOH 160 2160 2160 HOH HOH A . 
E 3 HOH 161 2161 2161 HOH HOH A . 
E 3 HOH 162 2162 2162 HOH HOH A . 
E 3 HOH 163 2163 2163 HOH HOH A . 
E 3 HOH 164 2164 2164 HOH HOH A . 
E 3 HOH 165 2165 2165 HOH HOH A . 
E 3 HOH 166 2166 2166 HOH HOH A . 
E 3 HOH 167 2167 2167 HOH HOH A . 
E 3 HOH 168 2168 2168 HOH HOH A . 
E 3 HOH 169 2169 2169 HOH HOH A . 
E 3 HOH 170 2170 2170 HOH HOH A . 
E 3 HOH 171 2171 2171 HOH HOH A . 
E 3 HOH 172 2172 2172 HOH HOH A . 
E 3 HOH 173 2173 2173 HOH HOH A . 
E 3 HOH 174 2174 2174 HOH HOH A . 
E 3 HOH 175 2175 2175 HOH HOH A . 
E 3 HOH 176 2176 2176 HOH HOH A . 
E 3 HOH 177 2177 2177 HOH HOH A . 
E 3 HOH 178 2178 2178 HOH HOH A . 
E 3 HOH 179 2179 2179 HOH HOH A . 
E 3 HOH 180 2180 2180 HOH HOH A . 
E 3 HOH 181 2181 2181 HOH HOH A . 
E 3 HOH 182 2182 2182 HOH HOH A . 
E 3 HOH 183 2183 2183 HOH HOH A . 
E 3 HOH 184 2184 2184 HOH HOH A . 
E 3 HOH 185 2185 2185 HOH HOH A . 
E 3 HOH 186 2186 2186 HOH HOH A . 
E 3 HOH 187 2187 2187 HOH HOH A . 
E 3 HOH 188 2188 2188 HOH HOH A . 
# 
loop_
_software.name 
_software.classification 
_software.version 
_software.citation_id 
_software.pdbx_ordinal 
_software.date 
_software.type 
_software.location 
_software.language 
DENZO     'data reduction' .   ? 1 ? ? ? ? 
SCALEPACK 'data scaling'   .   ? 2 ? ? ? ? 
SHARP     phasing          .   ? 3 ? ? ? ? 
GAP       phasing          .   ? 4 ? ? ? ? 
CNS       refinement       1.1 ? 5 ? ? ? ? 
# 
_cell.entry_id           1UZP 
_cell.length_a           42.500 
_cell.length_b           65.100 
_cell.length_c           102.300 
_cell.angle_alpha        90.00 
_cell.angle_beta         90.00 
_cell.angle_gamma        90.00 
_cell.Z_PDB              8 
_cell.pdbx_unique_axis   ? 
# 
_symmetry.entry_id                         1UZP 
_symmetry.space_group_name_H-M             'I 2 2 2' 
_symmetry.pdbx_full_space_group_name_H-M   ? 
_symmetry.cell_setting                     ? 
_symmetry.Int_Tables_number                23 
# 
_exptl.entry_id          1UZP 
_exptl.method            'X-RAY DIFFRACTION' 
_exptl.crystals_number   1 
# 
_exptl_crystal.id                    1 
_exptl_crystal.density_meas          ? 
_exptl_crystal.density_Matthews      2.04 
_exptl_crystal.density_percent_sol   36 
_exptl_crystal.description           ? 
# 
_exptl_crystal_grow.crystal_id      1 
_exptl_crystal_grow.method          'VAPOR DIFFUSION, SITTING DROP' 
_exptl_crystal_grow.temp            ? 
_exptl_crystal_grow.temp_details    ? 
_exptl_crystal_grow.pH              8.50 
_exptl_crystal_grow.pdbx_pH_range   ? 
_exptl_crystal_grow.pdbx_details    
;SITTING DROP VAPOUR DIFFUSION, 3 MICROLITRE OF 25MG/ML PROTEIN, 10MM TRIS PH7.5 + 0.5 MICROLITRES OF 40% V/V POLYPROPYLENE GLYCOL P400 + 2.5 MICROLITRES RESERVOIR SOLUTION (0.2M LISULFATE, 0.1M TRIS PH 8.5, 30% PEG 4000) SOAKED OVERNIGHT IN 10MM SAMARIUM ACETATE
;
# 
_diffrn.id                     1 
_diffrn.ambient_temp           100.0 
_diffrn.ambient_temp_details   ? 
_diffrn.crystal_id             1 
# 
_diffrn_detector.diffrn_id              1 
_diffrn_detector.detector               'IMAGE PLATE' 
_diffrn_detector.type                   'MARRESEARCH 300MM' 
_diffrn_detector.pdbx_collection_date   2001-09-15 
_diffrn_detector.details                'OSMIC BLUE CONFOCAL' 
# 
_diffrn_radiation.diffrn_id                        1 
_diffrn_radiation.wavelength_id                    1 
_diffrn_radiation.pdbx_monochromatic_or_laue_m_l   M 
_diffrn_radiation.monochromator                    ? 
_diffrn_radiation.pdbx_diffrn_protocol             'SINGLE WAVELENGTH' 
_diffrn_radiation.pdbx_scattering_type             x-ray 
# 
_diffrn_radiation_wavelength.id           1 
_diffrn_radiation_wavelength.wavelength   1.542 
_diffrn_radiation_wavelength.wt           1.0 
# 
_diffrn_source.diffrn_id                   1 
_diffrn_source.source                      'ROTATING ANODE' 
_diffrn_source.type                        'RIGAKU RU345' 
_diffrn_source.pdbx_synchrotron_site       ? 
_diffrn_source.pdbx_synchrotron_beamline   ? 
_diffrn_source.pdbx_wavelength             1.542 
_diffrn_source.pdbx_wavelength_list        ? 
# 
_reflns.pdbx_diffrn_id               1 
_reflns.pdbx_ordinal                 1 
_reflns.entry_id                     1UZP 
_reflns.observed_criterion_sigma_I   ? 
_reflns.observed_criterion_sigma_F   ? 
_reflns.d_resolution_low             30.000 
_reflns.d_resolution_high            1.780 
_reflns.number_obs                   13997 
_reflns.number_all                   ? 
_reflns.percent_possible_obs         99.5 
_reflns.pdbx_Rmerge_I_obs            0.12700 
_reflns.pdbx_Rsym_value              ? 
_reflns.pdbx_netI_over_sigmaI        24.4000 
_reflns.B_iso_Wilson_estimate        ? 
_reflns.pdbx_redundancy              25.200 
_reflns.pdbx_CC_half                 ? 
_reflns.pdbx_Rpim_I_all              ? 
_reflns.pdbx_Rrim_I_all              ? 
# 
_reflns_shell.pdbx_diffrn_id         1 
_reflns_shell.pdbx_ordinal           1 
_reflns_shell.d_res_high             1.78 
_reflns_shell.d_res_low              1.84 
_reflns_shell.percent_possible_all   98.6 
_reflns_shell.Rmerge_I_obs           0.47900 
_reflns_shell.pdbx_Rsym_value        ? 
_reflns_shell.meanI_over_sigI_obs    5.300 
_reflns_shell.pdbx_redundancy        ? 
_reflns_shell.number_measured_obs    ? 
_reflns_shell.number_unique_all      ? 
_reflns_shell.number_unique_obs      ? 
_reflns_shell.pdbx_CC_half           ? 
_reflns_shell.pdbx_Rpim_I_all        ? 
_reflns_shell.pdbx_Rrim_I_all        ? 
# 
_refine.pdbx_refine_id                           'X-RAY DIFFRACTION' 
_refine.entry_id                                 1UZP 
_refine.pdbx_diffrn_id                           1 
_refine.pdbx_TLS_residual_ADP_flag               ? 
_refine.ls_number_reflns_obs                     6275 
_refine.ls_number_reflns_all                     ? 
_refine.pdbx_ls_sigma_I                          ? 
_refine.pdbx_ls_sigma_F                          0.0 
_refine.pdbx_data_cutoff_high_absF               10000 
_refine.pdbx_data_cutoff_low_absF                ? 
_refine.pdbx_data_cutoff_high_rms_absF           ? 
_refine.ls_d_res_low                             20.0 
_refine.ls_d_res_high                            1.78 
_refine.ls_percent_reflns_obs                    99.0 
_refine.ls_R_factor_obs                          0.210 
_refine.ls_R_factor_all                          ? 
_refine.ls_R_factor_R_work                       0.210 
_refine.ls_R_factor_R_free                       0.254 
_refine.ls_R_factor_R_free_error                 ? 
_refine.ls_R_factor_R_free_error_details         ? 
_refine.ls_percent_reflns_R_free                 9.9 
_refine.ls_number_reflns_R_free                  1385 
_refine.ls_number_parameters                     ? 
_refine.ls_number_restraints                     ? 
_refine.occupancy_min                            ? 
_refine.occupancy_max                            ? 
_refine.correlation_coeff_Fo_to_Fc               ? 
_refine.correlation_coeff_Fo_to_Fc_free          ? 
_refine.B_iso_mean                               ? 
_refine.aniso_B[1][1]                            10.0 
_refine.aniso_B[2][2]                            -19.5 
_refine.aniso_B[3][3]                            9.5 
_refine.aniso_B[1][2]                            0.0 
_refine.aniso_B[1][3]                            0.0 
_refine.aniso_B[2][3]                            0.0 
_refine.solvent_model_details                    'FLAT MODEL' 
_refine.solvent_model_param_ksol                 0.365 
_refine.solvent_model_param_bsol                 49 
_refine.pdbx_solvent_vdw_probe_radii             ? 
_refine.pdbx_solvent_ion_probe_radii             ? 
_refine.pdbx_solvent_shrinkage_radii             ? 
_refine.pdbx_ls_cross_valid_method               THROUGHOUT 
_refine.details                                  ? 
_refine.pdbx_starting_model                      ? 
_refine.pdbx_method_to_determine_struct          OTHER 
_refine.pdbx_isotropic_thermal_model             RESTRAINED 
_refine.pdbx_stereochemistry_target_values       ? 
_refine.pdbx_stereochem_target_val_spec_case     ? 
_refine.pdbx_R_Free_selection_details            RANDOM 
_refine.pdbx_overall_ESU_R                       ? 
_refine.pdbx_overall_ESU_R_Free                  ? 
_refine.overall_SU_ML                            ? 
_refine.pdbx_overall_phase_error                 ? 
_refine.overall_SU_B                             ? 
_refine.overall_SU_R_Cruickshank_DPI             ? 
_refine.pdbx_overall_SU_R_free_Cruickshank_DPI   ? 
_refine.pdbx_overall_SU_R_Blow_DPI               ? 
_refine.pdbx_overall_SU_R_free_Blow_DPI          ? 
# 
_refine_hist.pdbx_refine_id                   'X-RAY DIFFRACTION' 
_refine_hist.cycle_id                         LAST 
_refine_hist.pdbx_number_atoms_protein        1122 
_refine_hist.pdbx_number_atoms_nucleic_acid   0 
_refine_hist.pdbx_number_atoms_ligand         3 
_refine_hist.number_atoms_solvent             188 
_refine_hist.number_atoms_total               1313 
_refine_hist.d_res_high                       1.78 
_refine_hist.d_res_low                        20.0 
# 
loop_
_refine_ls_restr.type 
_refine_ls_restr.dev_ideal 
_refine_ls_restr.dev_ideal_target 
_refine_ls_restr.weight 
_refine_ls_restr.number 
_refine_ls_restr.pdbx_refine_id 
_refine_ls_restr.pdbx_restraint_function 
c_bond_d                0.013 ?   ? ? 'X-RAY DIFFRACTION' ? 
c_bond_d_na             ?     ?   ? ? 'X-RAY DIFFRACTION' ? 
c_bond_d_prot           ?     ?   ? ? 'X-RAY DIFFRACTION' ? 
c_angle_d               ?     ?   ? ? 'X-RAY DIFFRACTION' ? 
c_angle_d_na            ?     ?   ? ? 'X-RAY DIFFRACTION' ? 
c_angle_d_prot          ?     ?   ? ? 'X-RAY DIFFRACTION' ? 
c_angle_deg             1.78  ?   ? ? 'X-RAY DIFFRACTION' ? 
c_angle_deg_na          ?     ?   ? ? 'X-RAY DIFFRACTION' ? 
c_angle_deg_prot        ?     ?   ? ? 'X-RAY DIFFRACTION' ? 
c_dihedral_angle_d      ?     ?   ? ? 'X-RAY DIFFRACTION' ? 
c_dihedral_angle_d_na   ?     ?   ? ? 'X-RAY DIFFRACTION' ? 
c_dihedral_angle_d_prot ?     ?   ? ? 'X-RAY DIFFRACTION' ? 
c_improper_angle_d      ?     ?   ? ? 'X-RAY DIFFRACTION' ? 
c_improper_angle_d_na   ?     ?   ? ? 'X-RAY DIFFRACTION' ? 
c_improper_angle_d_prot ?     ?   ? ? 'X-RAY DIFFRACTION' ? 
c_mcbond_it             3.1   3.0 ? ? 'X-RAY DIFFRACTION' ? 
c_mcangle_it            4.7   4.0 ? ? 'X-RAY DIFFRACTION' ? 
c_scbond_it             3.8   4.0 ? ? 'X-RAY DIFFRACTION' ? 
c_scangle_it            6.1   5.0 ? ? 'X-RAY DIFFRACTION' ? 
# 
_refine_ls_shell.pdbx_refine_id                   'X-RAY DIFFRACTION' 
_refine_ls_shell.pdbx_total_number_of_bins_used   27 
_refine_ls_shell.d_res_high                       1.78 
_refine_ls_shell.d_res_low                        1.8 
_refine_ls_shell.number_reflns_R_work             369 
_refine_ls_shell.R_factor_R_work                  0.50 
_refine_ls_shell.percent_reflns_obs               ? 
_refine_ls_shell.R_factor_R_free                  0.516 
_refine_ls_shell.R_factor_R_free_error            ? 
_refine_ls_shell.percent_reflns_R_free            ? 
_refine_ls_shell.number_reflns_R_free             36 
_refine_ls_shell.number_reflns_all                ? 
_refine_ls_shell.R_factor_all                     ? 
_refine_ls_shell.R_factor_obs                     ? 
_refine_ls_shell.number_reflns_obs                ? 
# 
_struct.entry_id                  1UZP 
_struct.title                     
'Integrin binding cbEGF22-TB4-cbEGF33 fragment of human fibrillin-1, Sm bound form cbEGF23 domain only.' 
_struct.pdbx_model_details        ? 
_struct.pdbx_CASP_flag            ? 
_struct.pdbx_model_type_details   ? 
# 
_struct_keywords.entry_id        1UZP 
_struct_keywords.pdbx_keywords   'MATRIX PROTEIN' 
_struct_keywords.text            'MATRIX PROTEIN, EXTRA-CELLULAR MATRIX, FIBRILLIN-1, CBEGF DOMAIN, TB DOMAIN' 
# 
loop_
_struct_asym.id 
_struct_asym.pdbx_blank_PDB_chainid_flag 
_struct_asym.pdbx_modified 
_struct_asym.entity_id 
_struct_asym.details 
A N N 1 ? 
B N N 2 ? 
C N N 2 ? 
D N N 2 ? 
E N N 3 ? 
# 
_struct_ref.id                         1 
_struct_ref.db_name                    UNP 
_struct_ref.db_code                    FBN1_HUMAN 
_struct_ref.entity_id                  1 
_struct_ref.pdbx_seq_one_letter_code   ? 
_struct_ref.pdbx_align_begin           ? 
_struct_ref.pdbx_db_accession          P35555 
_struct_ref.pdbx_db_isoform            ? 
# 
_struct_ref_seq.align_id                      1 
_struct_ref_seq.ref_id                        1 
_struct_ref_seq.pdbx_PDB_id_code              1UZP 
_struct_ref_seq.pdbx_strand_id                A 
_struct_ref_seq.seq_align_beg                 1 
_struct_ref_seq.pdbx_seq_align_beg_ins_code   ? 
_struct_ref_seq.seq_align_end                 162 
_struct_ref_seq.pdbx_seq_align_end_ins_code   ? 
_struct_ref_seq.pdbx_db_accession             P35555 
_struct_ref_seq.db_align_beg                  1486 
_struct_ref_seq.pdbx_db_align_beg_ins_code    ? 
_struct_ref_seq.db_align_end                  1647 
_struct_ref_seq.pdbx_db_align_end_ins_code    ? 
_struct_ref_seq.pdbx_auth_seq_align_beg       1486 
_struct_ref_seq.pdbx_auth_seq_align_end       1647 
# 
_pdbx_struct_assembly.id                   1 
_pdbx_struct_assembly.details              author_and_software_defined_assembly 
_pdbx_struct_assembly.method_details       PQS 
_pdbx_struct_assembly.oligomeric_details   monomeric 
_pdbx_struct_assembly.oligomeric_count     1 
# 
_pdbx_struct_assembly_gen.assembly_id       1 
_pdbx_struct_assembly_gen.oper_expression   1 
_pdbx_struct_assembly_gen.asym_id_list      A,B,C,D,E 
# 
_pdbx_struct_oper_list.id                   1 
_pdbx_struct_oper_list.type                 'identity operation' 
_pdbx_struct_oper_list.name                 1_555 
_pdbx_struct_oper_list.symmetry_operation   x,y,z 
_pdbx_struct_oper_list.matrix[1][1]         1.0000000000 
_pdbx_struct_oper_list.matrix[1][2]         0.0000000000 
_pdbx_struct_oper_list.matrix[1][3]         0.0000000000 
_pdbx_struct_oper_list.vector[1]            0.0000000000 
_pdbx_struct_oper_list.matrix[2][1]         0.0000000000 
_pdbx_struct_oper_list.matrix[2][2]         1.0000000000 
_pdbx_struct_oper_list.matrix[2][3]         0.0000000000 
_pdbx_struct_oper_list.vector[2]            0.0000000000 
_pdbx_struct_oper_list.matrix[3][1]         0.0000000000 
_pdbx_struct_oper_list.matrix[3][2]         0.0000000000 
_pdbx_struct_oper_list.matrix[3][3]         1.0000000000 
_pdbx_struct_oper_list.vector[3]            0.0000000000 
# 
loop_
_struct_conf.conf_type_id 
_struct_conf.id 
_struct_conf.pdbx_PDB_helix_id 
_struct_conf.beg_label_comp_id 
_struct_conf.beg_label_asym_id 
_struct_conf.beg_label_seq_id 
_struct_conf.pdbx_beg_PDB_ins_code 
_struct_conf.end_label_comp_id 
_struct_conf.end_label_asym_id 
_struct_conf.end_label_seq_id 
_struct_conf.pdbx_end_PDB_ins_code 
_struct_conf.beg_auth_comp_id 
_struct_conf.beg_auth_asym_id 
_struct_conf.beg_auth_seq_id 
_struct_conf.end_auth_comp_id 
_struct_conf.end_auth_asym_id 
_struct_conf.end_auth_seq_id 
_struct_conf.pdbx_PDB_helix_class 
_struct_conf.details 
_struct_conf.pdbx_PDB_helix_length 
HELX_P HELX_P1 1 ASN A 4   ? ASP A 8   ? ASN A 1489 ASP A 1493 5 ? 5 
HELX_P HELX_P2 2 SER A 73  ? CYS A 79  ? SER A 1558 CYS A 1564 1 ? 7 
HELX_P HELX_P3 3 THR A 97  ? CYS A 104 ? THR A 1582 CYS A 1589 1 ? 8 
HELX_P HELX_P4 4 ASP A 123 ? LEU A 128 ? ASP A 1608 LEU A 1613 1 ? 6 
HELX_P HELX_P5 5 PRO A 129 ? CYS A 132 ? PRO A 1614 CYS A 1617 5 ? 4 
# 
_struct_conf_type.id          HELX_P 
_struct_conf_type.criteria    ? 
_struct_conf_type.reference   ? 
# 
loop_
_struct_conn.id 
_struct_conn.conn_type_id 
_struct_conn.pdbx_leaving_atom_flag 
_struct_conn.pdbx_PDB_id 
_struct_conn.ptnr1_label_asym_id 
_struct_conn.ptnr1_label_comp_id 
_struct_conn.ptnr1_label_seq_id 
_struct_conn.ptnr1_label_atom_id 
_struct_conn.pdbx_ptnr1_label_alt_id 
_struct_conn.pdbx_ptnr1_PDB_ins_code 
_struct_conn.pdbx_ptnr1_standard_comp_id 
_struct_conn.ptnr1_symmetry 
_struct_conn.ptnr2_label_asym_id 
_struct_conn.ptnr2_label_comp_id 
_struct_conn.ptnr2_label_seq_id 
_struct_conn.ptnr2_label_atom_id 
_struct_conn.pdbx_ptnr2_label_alt_id 
_struct_conn.pdbx_ptnr2_PDB_ins_code 
_struct_conn.ptnr1_auth_asym_id 
_struct_conn.ptnr1_auth_comp_id 
_struct_conn.ptnr1_auth_seq_id 
_struct_conn.ptnr2_auth_asym_id 
_struct_conn.ptnr2_auth_comp_id 
_struct_conn.ptnr2_auth_seq_id 
_struct_conn.ptnr2_symmetry 
_struct_conn.pdbx_ptnr3_label_atom_id 
_struct_conn.pdbx_ptnr3_label_seq_id 
_struct_conn.pdbx_ptnr3_label_comp_id 
_struct_conn.pdbx_ptnr3_label_asym_id 
_struct_conn.pdbx_ptnr3_label_alt_id 
_struct_conn.pdbx_ptnr3_PDB_ins_code 
_struct_conn.details 
_struct_conn.pdbx_dist_value 
_struct_conn.pdbx_value_order 
_struct_conn.pdbx_role 
disulf1  disulf ? ? A CYS 6   SG  ? ? ? 1_555 A CYS 17  SG ? ? A CYS 1491 A CYS 1502 1_555 ? ? ? ? ? ? ? 2.043 ? ? 
disulf2  disulf ? ? A CYS 12  SG  ? ? ? 1_555 A CYS 26  SG ? ? A CYS 1497 A CYS 1511 1_555 ? ? ? ? ? ? ? 2.039 ? ? 
disulf3  disulf ? ? A CYS 28  SG  ? ? ? 1_555 A CYS 41  SG ? ? A CYS 1513 A CYS 1526 1_555 ? ? ? ? ? ? ? 2.049 ? ? 
disulf4  disulf ? ? A CYS 49  SG  ? ? ? 1_555 A CYS 77  SG ? ? A CYS 1534 A CYS 1562 1_555 ? ? ? ? ? ? ? 2.042 ? ? 
disulf5  disulf ? ? A CYS 64  SG  ? ? ? 1_555 A CYS 89  SG ? ? A CYS 1549 A CYS 1574 1_555 ? ? ? ? ? ? ? 2.028 ? ? 
disulf6  disulf ? ? A CYS 78  SG  ? ? ? 1_555 A CYS 92  SG ? ? A CYS 1563 A CYS 1577 1_555 ? ? ? ? ? ? ? 2.046 ? ? 
disulf7  disulf ? ? A CYS 79  SG  ? ? ? 1_555 A CYS 104 SG ? ? A CYS 1564 A CYS 1589 1_555 ? ? ? ? ? ? ? 2.031 ? ? 
disulf8  disulf ? ? A CYS 125 SG  ? ? ? 1_555 A CYS 137 SG ? ? A CYS 1610 A CYS 1622 1_555 ? ? ? ? ? ? ? 2.039 ? ? 
disulf9  disulf ? ? A CYS 132 SG  ? ? ? 1_555 A CYS 146 SG ? ? A CYS 1617 A CYS 1631 1_555 ? ? ? ? ? ? ? 2.026 ? ? 
disulf10 disulf ? ? A CYS 148 SG  ? ? ? 1_555 A CYS 161 SG ? ? A CYS 1633 A CYS 1646 1_555 ? ? ? ? ? ? ? 2.042 ? ? 
metalc1  metalc ? ? A ASP 2   OD1 ? ? ? 1_555 B SM  .   SM ? ? A ASP 1487 A SM  2648 1_555 ? ? ? ? ? ? ? 2.310 ? ? 
metalc2  metalc ? ? A ASP 2   OD2 ? ? ? 1_555 B SM  .   SM ? ? A ASP 1487 A SM  2648 1_555 ? ? ? ? ? ? ? 2.608 ? ? 
metalc3  metalc ? ? A VAL 3   O   ? ? ? 1_555 B SM  .   SM ? ? A VAL 1488 A SM  2648 1_555 ? ? ? ? ? ? ? 2.300 ? ? 
metalc4  metalc ? ? A GLU 5   OE1 ? ? ? 1_555 B SM  .   SM ? ? A GLU 1490 A SM  2648 1_555 ? ? ? ? ? ? ? 2.538 ? ? 
metalc5  metalc ? ? A GLU 5   OE2 ? ? ? 1_555 B SM  .   SM ? ? A GLU 1490 A SM  2648 1_555 ? ? ? ? ? ? ? 2.854 ? ? 
metalc6  metalc ? ? A ASN 19  OD1 ? ? ? 1_555 B SM  .   SM ? ? A ASN 1504 A SM  2648 1_555 ? ? ? ? ? ? ? 2.358 ? ? 
metalc7  metalc ? ? A THR 20  O   ? ? ? 1_555 B SM  .   SM ? ? A THR 1505 A SM  2648 1_555 ? ? ? ? ? ? ? 2.400 ? ? 
metalc8  metalc ? ? A GLY 22  O   ? ? ? 1_555 B SM  .   SM ? ? A GLY 1507 A SM  2648 1_555 ? ? ? ? ? ? ? 2.552 ? ? 
metalc9  metalc ? ? A SER 23  O   ? ? ? 1_555 B SM  .   SM ? ? A SER 1508 A SM  2648 1_555 ? ? ? ? ? ? ? 2.348 ? ? 
metalc10 metalc ? ? A GLU 99  OE2 ? ? ? 1_555 D SM  .   SM ? ? A GLU 1584 A SM  2650 1_555 ? ? ? ? ? ? ? 2.319 ? ? 
metalc11 metalc ? ? A GLU 99  OE1 ? ? ? 1_555 D SM  .   SM ? ? A GLU 1584 A SM  2650 3_656 ? ? ? ? ? ? ? 2.754 ? ? 
metalc12 metalc ? ? A GLU 99  OE2 ? ? ? 1_555 D SM  .   SM ? ? A GLU 1584 A SM  2650 3_656 ? ? ? ? ? ? ? 2.537 ? ? 
metalc13 metalc ? ? A ASP 121 OD1 ? ? ? 1_555 C SM  .   SM ? ? A ASP 1606 A SM  2649 1_555 ? ? ? ? ? ? ? 2.517 ? ? 
metalc14 metalc ? ? A ASP 121 OD2 ? ? ? 1_555 C SM  .   SM ? ? A ASP 1606 A SM  2649 1_555 ? ? ? ? ? ? ? 2.467 ? ? 
metalc15 metalc ? ? A ILE 122 O   ? ? ? 1_555 C SM  .   SM ? ? A ILE 1607 A SM  2649 1_555 ? ? ? ? ? ? ? 2.273 ? ? 
metalc16 metalc ? ? A GLU 124 OE2 ? ? ? 1_555 C SM  .   SM ? ? A GLU 1609 A SM  2649 1_555 ? ? ? ? ? ? ? 2.247 ? ? 
metalc17 metalc ? ? A ASN 139 OD1 ? ? ? 1_555 C SM  .   SM ? ? A ASN 1624 A SM  2649 1_555 ? ? ? ? ? ? ? 2.280 ? ? 
metalc18 metalc ? ? A THR 140 O   ? ? ? 1_555 C SM  .   SM ? ? A THR 1625 A SM  2649 1_555 ? ? ? ? ? ? ? 2.456 ? ? 
metalc19 metalc ? ? A SER 143 O   ? ? ? 1_555 C SM  .   SM ? ? A SER 1628 A SM  2649 1_555 ? ? ? ? ? ? ? 2.419 ? ? 
metalc20 metalc ? ? E HOH .   O   ? ? ? 3_656 D SM  .   SM ? ? A HOH 2109 A SM  2650 1_555 ? ? ? ? ? ? ? 2.521 ? ? 
metalc21 metalc ? ? E HOH .   O   ? ? ? 1_555 C SM  .   SM ? ? A HOH 2138 A SM  2649 1_555 ? ? ? ? ? ? ? 2.556 ? ? 
# 
loop_
_struct_conn_type.id 
_struct_conn_type.criteria 
_struct_conn_type.reference 
disulf ? ? 
metalc ? ? 
# 
loop_
_pdbx_struct_conn_angle.id 
_pdbx_struct_conn_angle.ptnr1_label_atom_id 
_pdbx_struct_conn_angle.ptnr1_label_alt_id 
_pdbx_struct_conn_angle.ptnr1_label_asym_id 
_pdbx_struct_conn_angle.ptnr1_label_comp_id 
_pdbx_struct_conn_angle.ptnr1_label_seq_id 
_pdbx_struct_conn_angle.ptnr1_auth_atom_id 
_pdbx_struct_conn_angle.ptnr1_auth_asym_id 
_pdbx_struct_conn_angle.ptnr1_auth_comp_id 
_pdbx_struct_conn_angle.ptnr1_auth_seq_id 
_pdbx_struct_conn_angle.ptnr1_PDB_ins_code 
_pdbx_struct_conn_angle.ptnr1_symmetry 
_pdbx_struct_conn_angle.ptnr2_label_atom_id 
_pdbx_struct_conn_angle.ptnr2_label_alt_id 
_pdbx_struct_conn_angle.ptnr2_label_asym_id 
_pdbx_struct_conn_angle.ptnr2_label_comp_id 
_pdbx_struct_conn_angle.ptnr2_label_seq_id 
_pdbx_struct_conn_angle.ptnr2_auth_atom_id 
_pdbx_struct_conn_angle.ptnr2_auth_asym_id 
_pdbx_struct_conn_angle.ptnr2_auth_comp_id 
_pdbx_struct_conn_angle.ptnr2_auth_seq_id 
_pdbx_struct_conn_angle.ptnr2_PDB_ins_code 
_pdbx_struct_conn_angle.ptnr2_symmetry 
_pdbx_struct_conn_angle.ptnr3_label_atom_id 
_pdbx_struct_conn_angle.ptnr3_label_alt_id 
_pdbx_struct_conn_angle.ptnr3_label_asym_id 
_pdbx_struct_conn_angle.ptnr3_label_comp_id 
_pdbx_struct_conn_angle.ptnr3_label_seq_id 
_pdbx_struct_conn_angle.ptnr3_auth_atom_id 
_pdbx_struct_conn_angle.ptnr3_auth_asym_id 
_pdbx_struct_conn_angle.ptnr3_auth_comp_id 
_pdbx_struct_conn_angle.ptnr3_auth_seq_id 
_pdbx_struct_conn_angle.ptnr3_PDB_ins_code 
_pdbx_struct_conn_angle.ptnr3_symmetry 
_pdbx_struct_conn_angle.value 
_pdbx_struct_conn_angle.value_esd 
1  OD1 ? A ASP 2   ? A ASP 1487 ? 1_555 SM ? B SM . ? A SM 2648 ? 1_555 OD2 ? A ASP 2   ? A ASP 1487 ? 1_555 52.8  ? 
2  OD1 ? A ASP 2   ? A ASP 1487 ? 1_555 SM ? B SM . ? A SM 2648 ? 1_555 O   ? A VAL 3   ? A VAL 1488 ? 1_555 73.6  ? 
3  OD2 ? A ASP 2   ? A ASP 1487 ? 1_555 SM ? B SM . ? A SM 2648 ? 1_555 O   ? A VAL 3   ? A VAL 1488 ? 1_555 82.3  ? 
4  OD1 ? A ASP 2   ? A ASP 1487 ? 1_555 SM ? B SM . ? A SM 2648 ? 1_555 OE1 ? A GLU 5   ? A GLU 1490 ? 1_555 138.1 ? 
5  OD2 ? A ASP 2   ? A ASP 1487 ? 1_555 SM ? B SM . ? A SM 2648 ? 1_555 OE1 ? A GLU 5   ? A GLU 1490 ? 1_555 143.7 ? 
6  O   ? A VAL 3   ? A VAL 1488 ? 1_555 SM ? B SM . ? A SM 2648 ? 1_555 OE1 ? A GLU 5   ? A GLU 1490 ? 1_555 73.3  ? 
7  OD1 ? A ASP 2   ? A ASP 1487 ? 1_555 SM ? B SM . ? A SM 2648 ? 1_555 OE2 ? A GLU 5   ? A GLU 1490 ? 1_555 136.6 ? 
8  OD2 ? A ASP 2   ? A ASP 1487 ? 1_555 SM ? B SM . ? A SM 2648 ? 1_555 OE2 ? A GLU 5   ? A GLU 1490 ? 1_555 98.6  ? 
9  O   ? A VAL 3   ? A VAL 1488 ? 1_555 SM ? B SM . ? A SM 2648 ? 1_555 OE2 ? A GLU 5   ? A GLU 1490 ? 1_555 70.3  ? 
10 OE1 ? A GLU 5   ? A GLU 1490 ? 1_555 SM ? B SM . ? A SM 2648 ? 1_555 OE2 ? A GLU 5   ? A GLU 1490 ? 1_555 48.1  ? 
11 OD1 ? A ASP 2   ? A ASP 1487 ? 1_555 SM ? B SM . ? A SM 2648 ? 1_555 OD1 ? A ASN 19  ? A ASN 1504 ? 1_555 76.0  ? 
12 OD2 ? A ASP 2   ? A ASP 1487 ? 1_555 SM ? B SM . ? A SM 2648 ? 1_555 OD1 ? A ASN 19  ? A ASN 1504 ? 1_555 128.7 ? 
13 O   ? A VAL 3   ? A VAL 1488 ? 1_555 SM ? B SM . ? A SM 2648 ? 1_555 OD1 ? A ASN 19  ? A ASN 1504 ? 1_555 84.0  ? 
14 OE1 ? A GLU 5   ? A GLU 1490 ? 1_555 SM ? B SM . ? A SM 2648 ? 1_555 OD1 ? A ASN 19  ? A ASN 1504 ? 1_555 75.7  ? 
15 OE2 ? A GLU 5   ? A GLU 1490 ? 1_555 SM ? B SM . ? A SM 2648 ? 1_555 OD1 ? A ASN 19  ? A ASN 1504 ? 1_555 122.4 ? 
16 OD1 ? A ASP 2   ? A ASP 1487 ? 1_555 SM ? B SM . ? A SM 2648 ? 1_555 O   ? A THR 20  ? A THR 1505 ? 1_555 70.1  ? 
17 OD2 ? A ASP 2   ? A ASP 1487 ? 1_555 SM ? B SM . ? A SM 2648 ? 1_555 O   ? A THR 20  ? A THR 1505 ? 1_555 83.9  ? 
18 O   ? A VAL 3   ? A VAL 1488 ? 1_555 SM ? B SM . ? A SM 2648 ? 1_555 O   ? A THR 20  ? A THR 1505 ? 1_555 142.2 ? 
19 OE1 ? A GLU 5   ? A GLU 1490 ? 1_555 SM ? B SM . ? A SM 2648 ? 1_555 O   ? A THR 20  ? A THR 1505 ? 1_555 131.4 ? 
20 OE2 ? A GLU 5   ? A GLU 1490 ? 1_555 SM ? B SM . ? A SM 2648 ? 1_555 O   ? A THR 20  ? A THR 1505 ? 1_555 146.8 ? 
21 OD1 ? A ASN 19  ? A ASN 1504 ? 1_555 SM ? B SM . ? A SM 2648 ? 1_555 O   ? A THR 20  ? A THR 1505 ? 1_555 77.6  ? 
22 OD1 ? A ASP 2   ? A ASP 1487 ? 1_555 SM ? B SM . ? A SM 2648 ? 1_555 O   ? A GLY 22  ? A GLY 1507 ? 1_555 109.5 ? 
23 OD2 ? A ASP 2   ? A ASP 1487 ? 1_555 SM ? B SM . ? A SM 2648 ? 1_555 O   ? A GLY 22  ? A GLY 1507 ? 1_555 60.0  ? 
24 O   ? A VAL 3   ? A VAL 1488 ? 1_555 SM ? B SM . ? A SM 2648 ? 1_555 O   ? A GLY 22  ? A GLY 1507 ? 1_555 117.0 ? 
25 OE1 ? A GLU 5   ? A GLU 1490 ? 1_555 SM ? B SM . ? A SM 2648 ? 1_555 O   ? A GLY 22  ? A GLY 1507 ? 1_555 108.0 ? 
26 OE2 ? A GLU 5   ? A GLU 1490 ? 1_555 SM ? B SM . ? A SM 2648 ? 1_555 O   ? A GLY 22  ? A GLY 1507 ? 1_555 68.3  ? 
27 OD1 ? A ASN 19  ? A ASN 1504 ? 1_555 SM ? B SM . ? A SM 2648 ? 1_555 O   ? A GLY 22  ? A GLY 1507 ? 1_555 159.0 ? 
28 O   ? A THR 20  ? A THR 1505 ? 1_555 SM ? B SM . ? A SM 2648 ? 1_555 O   ? A GLY 22  ? A GLY 1507 ? 1_555 85.1  ? 
29 OD1 ? A ASP 2   ? A ASP 1487 ? 1_555 SM ? B SM . ? A SM 2648 ? 1_555 O   ? A SER 23  ? A SER 1508 ? 1_555 136.1 ? 
30 OD2 ? A ASP 2   ? A ASP 1487 ? 1_555 SM ? B SM . ? A SM 2648 ? 1_555 O   ? A SER 23  ? A SER 1508 ? 1_555 130.4 ? 
31 O   ? A VAL 3   ? A VAL 1488 ? 1_555 SM ? B SM . ? A SM 2648 ? 1_555 O   ? A SER 23  ? A SER 1508 ? 1_555 143.5 ? 
32 OE1 ? A GLU 5   ? A GLU 1490 ? 1_555 SM ? B SM . ? A SM 2648 ? 1_555 O   ? A SER 23  ? A SER 1508 ? 1_555 70.2  ? 
33 OE2 ? A GLU 5   ? A GLU 1490 ? 1_555 SM ? B SM . ? A SM 2648 ? 1_555 O   ? A SER 23  ? A SER 1508 ? 1_555 86.9  ? 
34 OD1 ? A ASN 19  ? A ASN 1504 ? 1_555 SM ? B SM . ? A SM 2648 ? 1_555 O   ? A SER 23  ? A SER 1508 ? 1_555 84.8  ? 
35 O   ? A THR 20  ? A THR 1505 ? 1_555 SM ? B SM . ? A SM 2648 ? 1_555 O   ? A SER 23  ? A SER 1508 ? 1_555 67.4  ? 
36 O   ? A GLY 22  ? A GLY 1507 ? 1_555 SM ? B SM . ? A SM 2648 ? 1_555 O   ? A SER 23  ? A SER 1508 ? 1_555 77.4  ? 
37 OE2 ? A GLU 99  ? A GLU 1584 ? 1_555 SM ? D SM . ? A SM 2650 ? 1_555 OE1 ? A GLU 99  ? A GLU 1584 ? 1_555 7.2   ? 
38 OE2 ? A GLU 99  ? A GLU 1584 ? 1_555 SM ? D SM . ? A SM 2650 ? 1_555 OE2 ? A GLU 99  ? A GLU 1584 ? 1_555 0.0   ? 
39 OE1 ? A GLU 99  ? A GLU 1584 ? 1_555 SM ? D SM . ? A SM 2650 ? 1_555 OE2 ? A GLU 99  ? A GLU 1584 ? 1_555 7.2   ? 
40 OE2 ? A GLU 99  ? A GLU 1584 ? 1_555 SM ? D SM . ? A SM 2650 ? 1_555 O   ? E HOH .   ? A HOH 2109 ? 3_656 159.5 ? 
41 OE1 ? A GLU 99  ? A GLU 1584 ? 1_555 SM ? D SM . ? A SM 2650 ? 1_555 O   ? E HOH .   ? A HOH 2109 ? 3_656 153.6 ? 
42 OE2 ? A GLU 99  ? A GLU 1584 ? 1_555 SM ? D SM . ? A SM 2650 ? 1_555 O   ? E HOH .   ? A HOH 2109 ? 3_656 159.5 ? 
43 OD1 ? A ASP 121 ? A ASP 1606 ? 1_555 SM ? C SM . ? A SM 2649 ? 1_555 OD2 ? A ASP 121 ? A ASP 1606 ? 1_555 52.9  ? 
44 OD1 ? A ASP 121 ? A ASP 1606 ? 1_555 SM ? C SM . ? A SM 2649 ? 1_555 O   ? A ILE 122 ? A ILE 1607 ? 1_555 82.1  ? 
45 OD2 ? A ASP 121 ? A ASP 1606 ? 1_555 SM ? C SM . ? A SM 2649 ? 1_555 O   ? A ILE 122 ? A ILE 1607 ? 1_555 72.2  ? 
46 OD1 ? A ASP 121 ? A ASP 1606 ? 1_555 SM ? C SM . ? A SM 2649 ? 1_555 OE2 ? A GLU 124 ? A GLU 1609 ? 1_555 129.4 ? 
47 OD2 ? A ASP 121 ? A ASP 1606 ? 1_555 SM ? C SM . ? A SM 2649 ? 1_555 OE2 ? A GLU 124 ? A GLU 1609 ? 1_555 137.0 ? 
48 O   ? A ILE 122 ? A ILE 1607 ? 1_555 SM ? C SM . ? A SM 2649 ? 1_555 OE2 ? A GLU 124 ? A GLU 1609 ? 1_555 66.7  ? 
49 OD1 ? A ASP 121 ? A ASP 1606 ? 1_555 SM ? C SM . ? A SM 2649 ? 1_555 OD1 ? A ASN 139 ? A ASN 1624 ? 1_555 131.9 ? 
50 OD2 ? A ASP 121 ? A ASP 1606 ? 1_555 SM ? C SM . ? A SM 2649 ? 1_555 OD1 ? A ASN 139 ? A ASN 1624 ? 1_555 79.1  ? 
51 O   ? A ILE 122 ? A ILE 1607 ? 1_555 SM ? C SM . ? A SM 2649 ? 1_555 OD1 ? A ASN 139 ? A ASN 1624 ? 1_555 83.3  ? 
52 OE2 ? A GLU 124 ? A GLU 1609 ? 1_555 SM ? C SM . ? A SM 2649 ? 1_555 OD1 ? A ASN 139 ? A ASN 1624 ? 1_555 84.3  ? 
53 OD1 ? A ASP 121 ? A ASP 1606 ? 1_555 SM ? C SM . ? A SM 2649 ? 1_555 O   ? A THR 140 ? A THR 1625 ? 1_555 78.9  ? 
54 OD2 ? A ASP 121 ? A ASP 1606 ? 1_555 SM ? C SM . ? A SM 2649 ? 1_555 O   ? A THR 140 ? A THR 1625 ? 1_555 75.5  ? 
55 O   ? A ILE 122 ? A ILE 1607 ? 1_555 SM ? C SM . ? A SM 2649 ? 1_555 O   ? A THR 140 ? A THR 1625 ? 1_555 147.6 ? 
56 OE2 ? A GLU 124 ? A GLU 1609 ? 1_555 SM ? C SM . ? A SM 2649 ? 1_555 O   ? A THR 140 ? A THR 1625 ? 1_555 144.3 ? 
57 OD1 ? A ASN 139 ? A ASN 1624 ? 1_555 SM ? C SM . ? A SM 2649 ? 1_555 O   ? A THR 140 ? A THR 1625 ? 1_555 90.1  ? 
58 OD1 ? A ASP 121 ? A ASP 1606 ? 1_555 SM ? C SM . ? A SM 2649 ? 1_555 O   ? A SER 143 ? A SER 1628 ? 1_555 129.4 ? 
59 OD2 ? A ASP 121 ? A ASP 1606 ? 1_555 SM ? C SM . ? A SM 2649 ? 1_555 O   ? A SER 143 ? A SER 1628 ? 1_555 142.0 ? 
60 O   ? A ILE 122 ? A ILE 1607 ? 1_555 SM ? C SM . ? A SM 2649 ? 1_555 O   ? A SER 143 ? A SER 1628 ? 1_555 141.6 ? 
61 OE2 ? A GLU 124 ? A GLU 1609 ? 1_555 SM ? C SM . ? A SM 2649 ? 1_555 O   ? A SER 143 ? A SER 1628 ? 1_555 75.4  ? 
62 OD1 ? A ASN 139 ? A ASN 1624 ? 1_555 SM ? C SM . ? A SM 2649 ? 1_555 O   ? A SER 143 ? A SER 1628 ? 1_555 87.3  ? 
63 O   ? A THR 140 ? A THR 1625 ? 1_555 SM ? C SM . ? A SM 2649 ? 1_555 O   ? A SER 143 ? A SER 1628 ? 1_555 69.2  ? 
64 OD1 ? A ASP 121 ? A ASP 1606 ? 1_555 SM ? C SM . ? A SM 2649 ? 1_555 O   ? E HOH .   ? A HOH 2138 ? 1_555 65.4  ? 
65 OD2 ? A ASP 121 ? A ASP 1606 ? 1_555 SM ? C SM . ? A SM 2649 ? 1_555 O   ? E HOH .   ? A HOH 2138 ? 1_555 115.6 ? 
66 O   ? A ILE 122 ? A ILE 1607 ? 1_555 SM ? C SM . ? A SM 2649 ? 1_555 O   ? E HOH .   ? A HOH 2138 ? 1_555 84.1  ? 
67 OE2 ? A GLU 124 ? A GLU 1609 ? 1_555 SM ? C SM . ? A SM 2649 ? 1_555 O   ? E HOH .   ? A HOH 2138 ? 1_555 72.4  ? 
68 OD1 ? A ASN 139 ? A ASN 1624 ? 1_555 SM ? C SM . ? A SM 2649 ? 1_555 O   ? E HOH .   ? A HOH 2138 ? 1_555 156.4 ? 
69 O   ? A THR 140 ? A THR 1625 ? 1_555 SM ? C SM . ? A SM 2649 ? 1_555 O   ? E HOH .   ? A HOH 2138 ? 1_555 110.9 ? 
70 O   ? A SER 143 ? A SER 1628 ? 1_555 SM ? C SM . ? A SM 2649 ? 1_555 O   ? E HOH .   ? A HOH 2138 ? 1_555 90.3  ? 
# 
loop_
_pdbx_modification_feature.ordinal 
_pdbx_modification_feature.label_comp_id 
_pdbx_modification_feature.label_asym_id 
_pdbx_modification_feature.label_seq_id 
_pdbx_modification_feature.label_alt_id 
_pdbx_modification_feature.modified_residue_label_comp_id 
_pdbx_modification_feature.modified_residue_label_asym_id 
_pdbx_modification_feature.modified_residue_label_seq_id 
_pdbx_modification_feature.modified_residue_label_alt_id 
_pdbx_modification_feature.auth_comp_id 
_pdbx_modification_feature.auth_asym_id 
_pdbx_modification_feature.auth_seq_id 
_pdbx_modification_feature.PDB_ins_code 
_pdbx_modification_feature.symmetry 
_pdbx_modification_feature.modified_residue_auth_comp_id 
_pdbx_modification_feature.modified_residue_auth_asym_id 
_pdbx_modification_feature.modified_residue_auth_seq_id 
_pdbx_modification_feature.modified_residue_PDB_ins_code 
_pdbx_modification_feature.modified_residue_symmetry 
_pdbx_modification_feature.comp_id_linking_atom 
_pdbx_modification_feature.modified_residue_id_linking_atom 
_pdbx_modification_feature.modified_residue_id 
_pdbx_modification_feature.ref_pcm_id 
_pdbx_modification_feature.ref_comp_id 
_pdbx_modification_feature.type 
_pdbx_modification_feature.category 
1  CYS A 6   ? CYS A 17  ? CYS A 1491 ? 1_555 CYS A 1502 ? 1_555 SG SG . . . None 'Disulfide bridge' 
2  CYS A 12  ? CYS A 26  ? CYS A 1497 ? 1_555 CYS A 1511 ? 1_555 SG SG . . . None 'Disulfide bridge' 
3  CYS A 28  ? CYS A 41  ? CYS A 1513 ? 1_555 CYS A 1526 ? 1_555 SG SG . . . None 'Disulfide bridge' 
4  CYS A 49  ? CYS A 77  ? CYS A 1534 ? 1_555 CYS A 1562 ? 1_555 SG SG . . . None 'Disulfide bridge' 
5  CYS A 64  ? CYS A 89  ? CYS A 1549 ? 1_555 CYS A 1574 ? 1_555 SG SG . . . None 'Disulfide bridge' 
6  CYS A 78  ? CYS A 92  ? CYS A 1563 ? 1_555 CYS A 1577 ? 1_555 SG SG . . . None 'Disulfide bridge' 
7  CYS A 79  ? CYS A 104 ? CYS A 1564 ? 1_555 CYS A 1589 ? 1_555 SG SG . . . None 'Disulfide bridge' 
8  CYS A 125 ? CYS A 137 ? CYS A 1610 ? 1_555 CYS A 1622 ? 1_555 SG SG . . . None 'Disulfide bridge' 
9  CYS A 132 ? CYS A 146 ? CYS A 1617 ? 1_555 CYS A 1631 ? 1_555 SG SG . . . None 'Disulfide bridge' 
10 CYS A 148 ? CYS A 161 ? CYS A 1633 ? 1_555 CYS A 1646 ? 1_555 SG SG . . . None 'Disulfide bridge' 
# 
_struct_mon_prot_cis.pdbx_id                1 
_struct_mon_prot_cis.label_comp_id          THR 
_struct_mon_prot_cis.label_seq_id           87 
_struct_mon_prot_cis.label_asym_id          A 
_struct_mon_prot_cis.label_alt_id           . 
_struct_mon_prot_cis.pdbx_PDB_ins_code      ? 
_struct_mon_prot_cis.auth_comp_id           THR 
_struct_mon_prot_cis.auth_seq_id            1572 
_struct_mon_prot_cis.auth_asym_id           A 
_struct_mon_prot_cis.pdbx_label_comp_id_2   PRO 
_struct_mon_prot_cis.pdbx_label_seq_id_2    88 
_struct_mon_prot_cis.pdbx_label_asym_id_2   A 
_struct_mon_prot_cis.pdbx_PDB_ins_code_2    ? 
_struct_mon_prot_cis.pdbx_auth_comp_id_2    PRO 
_struct_mon_prot_cis.pdbx_auth_seq_id_2     1573 
_struct_mon_prot_cis.pdbx_auth_asym_id_2    A 
_struct_mon_prot_cis.pdbx_PDB_model_num     1 
_struct_mon_prot_cis.pdbx_omega_angle       -0.08 
# 
loop_
_struct_sheet.id 
_struct_sheet.type 
_struct_sheet.number_strands 
_struct_sheet.details 
AA ? 2 ? 
AB ? 2 ? 
AC ? 4 ? 
AD ? 2 ? 
AE ? 2 ? 
AF ? 2 ? 
# 
loop_
_struct_sheet_order.sheet_id 
_struct_sheet_order.range_id_1 
_struct_sheet_order.range_id_2 
_struct_sheet_order.offset 
_struct_sheet_order.sense 
AA 1 2 ? anti-parallel 
AB 1 2 ? anti-parallel 
AC 1 2 ? anti-parallel 
AC 2 3 ? anti-parallel 
AC 3 4 ? anti-parallel 
AD 1 2 ? anti-parallel 
AE 1 2 ? anti-parallel 
AF 1 2 ? anti-parallel 
# 
loop_
_struct_sheet_range.sheet_id 
_struct_sheet_range.id 
_struct_sheet_range.beg_label_comp_id 
_struct_sheet_range.beg_label_asym_id 
_struct_sheet_range.beg_label_seq_id 
_struct_sheet_range.pdbx_beg_PDB_ins_code 
_struct_sheet_range.end_label_comp_id 
_struct_sheet_range.end_label_asym_id 
_struct_sheet_range.end_label_seq_id 
_struct_sheet_range.pdbx_end_PDB_ins_code 
_struct_sheet_range.beg_auth_comp_id 
_struct_sheet_range.beg_auth_asym_id 
_struct_sheet_range.beg_auth_seq_id 
_struct_sheet_range.end_auth_comp_id 
_struct_sheet_range.end_auth_asym_id 
_struct_sheet_range.end_auth_seq_id 
AA 1 ASN A 16  ? ASN A 19  ? ASN A 1501 ASN A 1504 
AA 2 TYR A 24  ? ASP A 27  ? TYR A 1509 ASP A 1512 
AB 1 GLU A 33  ? LEU A 34  ? GLU A 1518 LEU A 1519 
AB 2 CYS A 41  ? VAL A 42  ? CYS A 1526 VAL A 1527 
AC 1 SER A 65  ? VAL A 72  ? SER A 1550 VAL A 1557 
AC 2 GLY A 47  ? ASP A 52  ? GLY A 1532 ASP A 1537 
AC 3 ALA A 84  ? TRP A 85  ? ALA A 1569 TRP A 1570 
AC 4 GLU A 90  ? MET A 91  ? GLU A 1575 MET A 1576 
AD 1 PHE A 110 ? PRO A 112 ? PHE A 1595 PRO A 1597 
AD 2 LEU A 119 ? ASP A 121 ? LEU A 1604 ASP A 1606 
AE 1 LYS A 136 ? THR A 140 ? LYS A 1621 THR A 1625 
AE 2 SER A 143 ? ARG A 147 ? SER A 1628 ARG A 1632 
AF 1 LEU A 154 ? ASN A 155 ? LEU A 1639 ASN A 1640 
AF 2 VAL A 160 ? CYS A 161 ? VAL A 1645 CYS A 1646 
# 
loop_
_pdbx_struct_sheet_hbond.sheet_id 
_pdbx_struct_sheet_hbond.range_id_1 
_pdbx_struct_sheet_hbond.range_id_2 
_pdbx_struct_sheet_hbond.range_1_label_atom_id 
_pdbx_struct_sheet_hbond.range_1_label_comp_id 
_pdbx_struct_sheet_hbond.range_1_label_asym_id 
_pdbx_struct_sheet_hbond.range_1_label_seq_id 
_pdbx_struct_sheet_hbond.range_1_PDB_ins_code 
_pdbx_struct_sheet_hbond.range_1_auth_atom_id 
_pdbx_struct_sheet_hbond.range_1_auth_comp_id 
_pdbx_struct_sheet_hbond.range_1_auth_asym_id 
_pdbx_struct_sheet_hbond.range_1_auth_seq_id 
_pdbx_struct_sheet_hbond.range_2_label_atom_id 
_pdbx_struct_sheet_hbond.range_2_label_comp_id 
_pdbx_struct_sheet_hbond.range_2_label_asym_id 
_pdbx_struct_sheet_hbond.range_2_label_seq_id 
_pdbx_struct_sheet_hbond.range_2_PDB_ins_code 
_pdbx_struct_sheet_hbond.range_2_auth_atom_id 
_pdbx_struct_sheet_hbond.range_2_auth_comp_id 
_pdbx_struct_sheet_hbond.range_2_auth_asym_id 
_pdbx_struct_sheet_hbond.range_2_auth_seq_id 
AA 1 2 N VAL A 18  ? N VAL A 1503 O ILE A 25  ? O ILE A 1510 
AB 1 2 N GLU A 33  ? N GLU A 1518 O VAL A 42  ? O VAL A 1527 
AC 1 2 N VAL A 72  ? N VAL A 1557 O GLY A 47  ? O GLY A 1532 
AC 2 3 N TYR A 50  ? N TYR A 1535 O ALA A 84  ? O ALA A 1569 
AC 3 4 N TRP A 85  ? N TRP A 1570 O GLU A 90  ? O GLU A 1575 
AD 1 2 N ARG A 111 ? N ARG A 1596 O GLU A 120 ? O GLU A 1605 
AE 1 2 N THR A 140 ? N THR A 1625 O SER A 143 ? O SER A 1628 
AF 1 2 N ASN A 155 ? N ASN A 1640 O VAL A 160 ? O VAL A 1645 
# 
loop_
_struct_site.id 
_struct_site.pdbx_evidence_code 
_struct_site.pdbx_auth_asym_id 
_struct_site.pdbx_auth_comp_id 
_struct_site.pdbx_auth_seq_id 
_struct_site.pdbx_auth_ins_code 
_struct_site.pdbx_num_residues 
_struct_site.details 
AC1 Software ? ? ? ? 7 'BINDING SITE FOR RESIDUE SM A2648' 
AC2 Software ? ? ? ? 7 'BINDING SITE FOR RESIDUE SM A2649' 
AC3 Software ? ? ? ? 2 'BINDING SITE FOR RESIDUE SM A2650' 
# 
loop_
_struct_site_gen.id 
_struct_site_gen.site_id 
_struct_site_gen.pdbx_num_res 
_struct_site_gen.label_comp_id 
_struct_site_gen.label_asym_id 
_struct_site_gen.label_seq_id 
_struct_site_gen.pdbx_auth_ins_code 
_struct_site_gen.auth_comp_id 
_struct_site_gen.auth_asym_id 
_struct_site_gen.auth_seq_id 
_struct_site_gen.label_atom_id 
_struct_site_gen.label_alt_id 
_struct_site_gen.symmetry 
_struct_site_gen.details 
1  AC1 7 ASP A 2   ? ASP A 1487 . ? 1_555 ? 
2  AC1 7 VAL A 3   ? VAL A 1488 . ? 1_555 ? 
3  AC1 7 GLU A 5   ? GLU A 1490 . ? 1_555 ? 
4  AC1 7 ASN A 19  ? ASN A 1504 . ? 1_555 ? 
5  AC1 7 THR A 20  ? THR A 1505 . ? 1_555 ? 
6  AC1 7 GLY A 22  ? GLY A 1507 . ? 1_555 ? 
7  AC1 7 SER A 23  ? SER A 1508 . ? 1_555 ? 
8  AC2 7 ASP A 121 ? ASP A 1606 . ? 1_555 ? 
9  AC2 7 ILE A 122 ? ILE A 1607 . ? 1_555 ? 
10 AC2 7 GLU A 124 ? GLU A 1609 . ? 1_555 ? 
11 AC2 7 ASN A 139 ? ASN A 1624 . ? 1_555 ? 
12 AC2 7 THR A 140 ? THR A 1625 . ? 1_555 ? 
13 AC2 7 SER A 143 ? SER A 1628 . ? 1_555 ? 
14 AC2 7 HOH E .   ? HOH A 2138 . ? 1_555 ? 
15 AC3 2 GLU A 99  ? GLU A 1584 . ? 1_555 ? 
16 AC3 2 HOH E .   ? HOH A 2109 . ? 1_555 ? 
# 
_pdbx_entry_details.entry_id                   1UZP 
_pdbx_entry_details.compound_details           ? 
_pdbx_entry_details.source_details             ? 
_pdbx_entry_details.nonpolymer_details         ? 
_pdbx_entry_details.sequence_details           ? 
_pdbx_entry_details.has_ligand_of_interest     ? 
_pdbx_entry_details.has_protein_modification   Y 
# 
_pdbx_validate_symm_contact.id                1 
_pdbx_validate_symm_contact.PDB_model_num     1 
_pdbx_validate_symm_contact.auth_atom_id_1    CG2 
_pdbx_validate_symm_contact.auth_asym_id_1    A 
_pdbx_validate_symm_contact.auth_comp_id_1    THR 
_pdbx_validate_symm_contact.auth_seq_id_1     1495 
_pdbx_validate_symm_contact.PDB_ins_code_1    ? 
_pdbx_validate_symm_contact.label_alt_id_1    ? 
_pdbx_validate_symm_contact.site_symmetry_1   1_555 
_pdbx_validate_symm_contact.auth_atom_id_2    CG2 
_pdbx_validate_symm_contact.auth_asym_id_2    A 
_pdbx_validate_symm_contact.auth_comp_id_2    THR 
_pdbx_validate_symm_contact.auth_seq_id_2     1495 
_pdbx_validate_symm_contact.PDB_ins_code_2    ? 
_pdbx_validate_symm_contact.label_alt_id_2    ? 
_pdbx_validate_symm_contact.site_symmetry_2   4_566 
_pdbx_validate_symm_contact.dist              2.13 
# 
loop_
_pdbx_validate_torsion.id 
_pdbx_validate_torsion.PDB_model_num 
_pdbx_validate_torsion.auth_comp_id 
_pdbx_validate_torsion.auth_asym_id 
_pdbx_validate_torsion.auth_seq_id 
_pdbx_validate_torsion.PDB_ins_code 
_pdbx_validate_torsion.label_alt_id 
_pdbx_validate_torsion.phi 
_pdbx_validate_torsion.psi 
1 1 CYS A 1497 ? ? 53.10   79.45   
2 1 SER A 1508 ? ? -86.91  -114.59 
3 1 ASP A 1516 ? ? 83.53   1.19    
4 1 ASN A 1551 ? ? 68.44   63.23   
5 1 SER A 1565 ? ? -109.05 -137.59 
6 1 SER A 1628 ? ? -154.91 -151.31 
# 
_pdbx_distant_solvent_atoms.id                                1 
_pdbx_distant_solvent_atoms.PDB_model_num                     1 
_pdbx_distant_solvent_atoms.auth_atom_id                      O 
_pdbx_distant_solvent_atoms.label_alt_id                      ? 
_pdbx_distant_solvent_atoms.auth_asym_id                      A 
_pdbx_distant_solvent_atoms.auth_comp_id                      HOH 
_pdbx_distant_solvent_atoms.auth_seq_id                       2008 
_pdbx_distant_solvent_atoms.PDB_ins_code                      ? 
_pdbx_distant_solvent_atoms.neighbor_macromolecule_distance   6.76 
_pdbx_distant_solvent_atoms.neighbor_ligand_distance          . 
# 
loop_
_pdbx_unobs_or_zero_occ_residues.id 
_pdbx_unobs_or_zero_occ_residues.PDB_model_num 
_pdbx_unobs_or_zero_occ_residues.polymer_flag 
_pdbx_unobs_or_zero_occ_residues.occupancy_flag 
_pdbx_unobs_or_zero_occ_residues.auth_asym_id 
_pdbx_unobs_or_zero_occ_residues.auth_comp_id 
_pdbx_unobs_or_zero_occ_residues.auth_seq_id 
_pdbx_unobs_or_zero_occ_residues.PDB_ins_code 
_pdbx_unobs_or_zero_occ_residues.label_asym_id 
_pdbx_unobs_or_zero_occ_residues.label_comp_id 
_pdbx_unobs_or_zero_occ_residues.label_seq_id 
1  1 Y 1 A ARG 1539 ? A ARG 54 
2  1 Y 1 A PRO 1540 ? A PRO 55 
3  1 Y 1 A ARG 1541 ? A ARG 56 
4  1 Y 1 A GLY 1542 ? A GLY 57 
5  1 Y 1 A ASP 1543 ? A ASP 58 
6  1 Y 1 A ASN 1544 ? A ASN 59 
7  1 Y 1 A GLY 1545 ? A GLY 60 
8  1 Y 1 A ASP 1546 ? A ASP 61 
9  1 Y 1 A THR 1547 ? A THR 62 
10 1 Y 1 A ALA 1548 ? A ALA 63 
# 
loop_
_chem_comp_atom.comp_id 
_chem_comp_atom.atom_id 
_chem_comp_atom.type_symbol 
_chem_comp_atom.pdbx_aromatic_flag 
_chem_comp_atom.pdbx_stereo_config 
_chem_comp_atom.pdbx_ordinal 
ALA N    N  N N 1   
ALA CA   C  N S 2   
ALA C    C  N N 3   
ALA O    O  N N 4   
ALA CB   C  N N 5   
ALA OXT  O  N N 6   
ALA H    H  N N 7   
ALA H2   H  N N 8   
ALA HA   H  N N 9   
ALA HB1  H  N N 10  
ALA HB2  H  N N 11  
ALA HB3  H  N N 12  
ALA HXT  H  N N 13  
ARG N    N  N N 14  
ARG CA   C  N S 15  
ARG C    C  N N 16  
ARG O    O  N N 17  
ARG CB   C  N N 18  
ARG CG   C  N N 19  
ARG CD   C  N N 20  
ARG NE   N  N N 21  
ARG CZ   C  N N 22  
ARG NH1  N  N N 23  
ARG NH2  N  N N 24  
ARG OXT  O  N N 25  
ARG H    H  N N 26  
ARG H2   H  N N 27  
ARG HA   H  N N 28  
ARG HB2  H  N N 29  
ARG HB3  H  N N 30  
ARG HG2  H  N N 31  
ARG HG3  H  N N 32  
ARG HD2  H  N N 33  
ARG HD3  H  N N 34  
ARG HE   H  N N 35  
ARG HH11 H  N N 36  
ARG HH12 H  N N 37  
ARG HH21 H  N N 38  
ARG HH22 H  N N 39  
ARG HXT  H  N N 40  
ASN N    N  N N 41  
ASN CA   C  N S 42  
ASN C    C  N N 43  
ASN O    O  N N 44  
ASN CB   C  N N 45  
ASN CG   C  N N 46  
ASN OD1  O  N N 47  
ASN ND2  N  N N 48  
ASN OXT  O  N N 49  
ASN H    H  N N 50  
ASN H2   H  N N 51  
ASN HA   H  N N 52  
ASN HB2  H  N N 53  
ASN HB3  H  N N 54  
ASN HD21 H  N N 55  
ASN HD22 H  N N 56  
ASN HXT  H  N N 57  
ASP N    N  N N 58  
ASP CA   C  N S 59  
ASP C    C  N N 60  
ASP O    O  N N 61  
ASP CB   C  N N 62  
ASP CG   C  N N 63  
ASP OD1  O  N N 64  
ASP OD2  O  N N 65  
ASP OXT  O  N N 66  
ASP H    H  N N 67  
ASP H2   H  N N 68  
ASP HA   H  N N 69  
ASP HB2  H  N N 70  
ASP HB3  H  N N 71  
ASP HD2  H  N N 72  
ASP HXT  H  N N 73  
CYS N    N  N N 74  
CYS CA   C  N R 75  
CYS C    C  N N 76  
CYS O    O  N N 77  
CYS CB   C  N N 78  
CYS SG   S  N N 79  
CYS OXT  O  N N 80  
CYS H    H  N N 81  
CYS H2   H  N N 82  
CYS HA   H  N N 83  
CYS HB2  H  N N 84  
CYS HB3  H  N N 85  
CYS HG   H  N N 86  
CYS HXT  H  N N 87  
GLN N    N  N N 88  
GLN CA   C  N S 89  
GLN C    C  N N 90  
GLN O    O  N N 91  
GLN CB   C  N N 92  
GLN CG   C  N N 93  
GLN CD   C  N N 94  
GLN OE1  O  N N 95  
GLN NE2  N  N N 96  
GLN OXT  O  N N 97  
GLN H    H  N N 98  
GLN H2   H  N N 99  
GLN HA   H  N N 100 
GLN HB2  H  N N 101 
GLN HB3  H  N N 102 
GLN HG2  H  N N 103 
GLN HG3  H  N N 104 
GLN HE21 H  N N 105 
GLN HE22 H  N N 106 
GLN HXT  H  N N 107 
GLU N    N  N N 108 
GLU CA   C  N S 109 
GLU C    C  N N 110 
GLU O    O  N N 111 
GLU CB   C  N N 112 
GLU CG   C  N N 113 
GLU CD   C  N N 114 
GLU OE1  O  N N 115 
GLU OE2  O  N N 116 
GLU OXT  O  N N 117 
GLU H    H  N N 118 
GLU H2   H  N N 119 
GLU HA   H  N N 120 
GLU HB2  H  N N 121 
GLU HB3  H  N N 122 
GLU HG2  H  N N 123 
GLU HG3  H  N N 124 
GLU HE2  H  N N 125 
GLU HXT  H  N N 126 
GLY N    N  N N 127 
GLY CA   C  N N 128 
GLY C    C  N N 129 
GLY O    O  N N 130 
GLY OXT  O  N N 131 
GLY H    H  N N 132 
GLY H2   H  N N 133 
GLY HA2  H  N N 134 
GLY HA3  H  N N 135 
GLY HXT  H  N N 136 
HOH O    O  N N 137 
HOH H1   H  N N 138 
HOH H2   H  N N 139 
ILE N    N  N N 140 
ILE CA   C  N S 141 
ILE C    C  N N 142 
ILE O    O  N N 143 
ILE CB   C  N S 144 
ILE CG1  C  N N 145 
ILE CG2  C  N N 146 
ILE CD1  C  N N 147 
ILE OXT  O  N N 148 
ILE H    H  N N 149 
ILE H2   H  N N 150 
ILE HA   H  N N 151 
ILE HB   H  N N 152 
ILE HG12 H  N N 153 
ILE HG13 H  N N 154 
ILE HG21 H  N N 155 
ILE HG22 H  N N 156 
ILE HG23 H  N N 157 
ILE HD11 H  N N 158 
ILE HD12 H  N N 159 
ILE HD13 H  N N 160 
ILE HXT  H  N N 161 
LEU N    N  N N 162 
LEU CA   C  N S 163 
LEU C    C  N N 164 
LEU O    O  N N 165 
LEU CB   C  N N 166 
LEU CG   C  N N 167 
LEU CD1  C  N N 168 
LEU CD2  C  N N 169 
LEU OXT  O  N N 170 
LEU H    H  N N 171 
LEU H2   H  N N 172 
LEU HA   H  N N 173 
LEU HB2  H  N N 174 
LEU HB3  H  N N 175 
LEU HG   H  N N 176 
LEU HD11 H  N N 177 
LEU HD12 H  N N 178 
LEU HD13 H  N N 179 
LEU HD21 H  N N 180 
LEU HD22 H  N N 181 
LEU HD23 H  N N 182 
LEU HXT  H  N N 183 
LYS N    N  N N 184 
LYS CA   C  N S 185 
LYS C    C  N N 186 
LYS O    O  N N 187 
LYS CB   C  N N 188 
LYS CG   C  N N 189 
LYS CD   C  N N 190 
LYS CE   C  N N 191 
LYS NZ   N  N N 192 
LYS OXT  O  N N 193 
LYS H    H  N N 194 
LYS H2   H  N N 195 
LYS HA   H  N N 196 
LYS HB2  H  N N 197 
LYS HB3  H  N N 198 
LYS HG2  H  N N 199 
LYS HG3  H  N N 200 
LYS HD2  H  N N 201 
LYS HD3  H  N N 202 
LYS HE2  H  N N 203 
LYS HE3  H  N N 204 
LYS HZ1  H  N N 205 
LYS HZ2  H  N N 206 
LYS HZ3  H  N N 207 
LYS HXT  H  N N 208 
MET N    N  N N 209 
MET CA   C  N S 210 
MET C    C  N N 211 
MET O    O  N N 212 
MET CB   C  N N 213 
MET CG   C  N N 214 
MET SD   S  N N 215 
MET CE   C  N N 216 
MET OXT  O  N N 217 
MET H    H  N N 218 
MET H2   H  N N 219 
MET HA   H  N N 220 
MET HB2  H  N N 221 
MET HB3  H  N N 222 
MET HG2  H  N N 223 
MET HG3  H  N N 224 
MET HE1  H  N N 225 
MET HE2  H  N N 226 
MET HE3  H  N N 227 
MET HXT  H  N N 228 
PHE N    N  N N 229 
PHE CA   C  N S 230 
PHE C    C  N N 231 
PHE O    O  N N 232 
PHE CB   C  N N 233 
PHE CG   C  Y N 234 
PHE CD1  C  Y N 235 
PHE CD2  C  Y N 236 
PHE CE1  C  Y N 237 
PHE CE2  C  Y N 238 
PHE CZ   C  Y N 239 
PHE OXT  O  N N 240 
PHE H    H  N N 241 
PHE H2   H  N N 242 
PHE HA   H  N N 243 
PHE HB2  H  N N 244 
PHE HB3  H  N N 245 
PHE HD1  H  N N 246 
PHE HD2  H  N N 247 
PHE HE1  H  N N 248 
PHE HE2  H  N N 249 
PHE HZ   H  N N 250 
PHE HXT  H  N N 251 
PRO N    N  N N 252 
PRO CA   C  N S 253 
PRO C    C  N N 254 
PRO O    O  N N 255 
PRO CB   C  N N 256 
PRO CG   C  N N 257 
PRO CD   C  N N 258 
PRO OXT  O  N N 259 
PRO H    H  N N 260 
PRO HA   H  N N 261 
PRO HB2  H  N N 262 
PRO HB3  H  N N 263 
PRO HG2  H  N N 264 
PRO HG3  H  N N 265 
PRO HD2  H  N N 266 
PRO HD3  H  N N 267 
PRO HXT  H  N N 268 
SER N    N  N N 269 
SER CA   C  N S 270 
SER C    C  N N 271 
SER O    O  N N 272 
SER CB   C  N N 273 
SER OG   O  N N 274 
SER OXT  O  N N 275 
SER H    H  N N 276 
SER H2   H  N N 277 
SER HA   H  N N 278 
SER HB2  H  N N 279 
SER HB3  H  N N 280 
SER HG   H  N N 281 
SER HXT  H  N N 282 
SM  SM   SM N N 283 
THR N    N  N N 284 
THR CA   C  N S 285 
THR C    C  N N 286 
THR O    O  N N 287 
THR CB   C  N R 288 
THR OG1  O  N N 289 
THR CG2  C  N N 290 
THR OXT  O  N N 291 
THR H    H  N N 292 
THR H2   H  N N 293 
THR HA   H  N N 294 
THR HB   H  N N 295 
THR HG1  H  N N 296 
THR HG21 H  N N 297 
THR HG22 H  N N 298 
THR HG23 H  N N 299 
THR HXT  H  N N 300 
TRP N    N  N N 301 
TRP CA   C  N S 302 
TRP C    C  N N 303 
TRP O    O  N N 304 
TRP CB   C  N N 305 
TRP CG   C  Y N 306 
TRP CD1  C  Y N 307 
TRP CD2  C  Y N 308 
TRP NE1  N  Y N 309 
TRP CE2  C  Y N 310 
TRP CE3  C  Y N 311 
TRP CZ2  C  Y N 312 
TRP CZ3  C  Y N 313 
TRP CH2  C  Y N 314 
TRP OXT  O  N N 315 
TRP H    H  N N 316 
TRP H2   H  N N 317 
TRP HA   H  N N 318 
TRP HB2  H  N N 319 
TRP HB3  H  N N 320 
TRP HD1  H  N N 321 
TRP HE1  H  N N 322 
TRP HE3  H  N N 323 
TRP HZ2  H  N N 324 
TRP HZ3  H  N N 325 
TRP HH2  H  N N 326 
TRP HXT  H  N N 327 
TYR N    N  N N 328 
TYR CA   C  N S 329 
TYR C    C  N N 330 
TYR O    O  N N 331 
TYR CB   C  N N 332 
TYR CG   C  Y N 333 
TYR CD1  C  Y N 334 
TYR CD2  C  Y N 335 
TYR CE1  C  Y N 336 
TYR CE2  C  Y N 337 
TYR CZ   C  Y N 338 
TYR OH   O  N N 339 
TYR OXT  O  N N 340 
TYR H    H  N N 341 
TYR H2   H  N N 342 
TYR HA   H  N N 343 
TYR HB2  H  N N 344 
TYR HB3  H  N N 345 
TYR HD1  H  N N 346 
TYR HD2  H  N N 347 
TYR HE1  H  N N 348 
TYR HE2  H  N N 349 
TYR HH   H  N N 350 
TYR HXT  H  N N 351 
VAL N    N  N N 352 
VAL CA   C  N S 353 
VAL C    C  N N 354 
VAL O    O  N N 355 
VAL CB   C  N N 356 
VAL CG1  C  N N 357 
VAL CG2  C  N N 358 
VAL OXT  O  N N 359 
VAL H    H  N N 360 
VAL H2   H  N N 361 
VAL HA   H  N N 362 
VAL HB   H  N N 363 
VAL HG11 H  N N 364 
VAL HG12 H  N N 365 
VAL HG13 H  N N 366 
VAL HG21 H  N N 367 
VAL HG22 H  N N 368 
VAL HG23 H  N N 369 
VAL HXT  H  N N 370 
# 
loop_
_chem_comp_bond.comp_id 
_chem_comp_bond.atom_id_1 
_chem_comp_bond.atom_id_2 
_chem_comp_bond.value_order 
_chem_comp_bond.pdbx_aromatic_flag 
_chem_comp_bond.pdbx_stereo_config 
_chem_comp_bond.pdbx_ordinal 
ALA N   CA   sing N N 1   
ALA N   H    sing N N 2   
ALA N   H2   sing N N 3   
ALA CA  C    sing N N 4   
ALA CA  CB   sing N N 5   
ALA CA  HA   sing N N 6   
ALA C   O    doub N N 7   
ALA C   OXT  sing N N 8   
ALA CB  HB1  sing N N 9   
ALA CB  HB2  sing N N 10  
ALA CB  HB3  sing N N 11  
ALA OXT HXT  sing N N 12  
ARG N   CA   sing N N 13  
ARG N   H    sing N N 14  
ARG N   H2   sing N N 15  
ARG CA  C    sing N N 16  
ARG CA  CB   sing N N 17  
ARG CA  HA   sing N N 18  
ARG C   O    doub N N 19  
ARG C   OXT  sing N N 20  
ARG CB  CG   sing N N 21  
ARG CB  HB2  sing N N 22  
ARG CB  HB3  sing N N 23  
ARG CG  CD   sing N N 24  
ARG CG  HG2  sing N N 25  
ARG CG  HG3  sing N N 26  
ARG CD  NE   sing N N 27  
ARG CD  HD2  sing N N 28  
ARG CD  HD3  sing N N 29  
ARG NE  CZ   sing N N 30  
ARG NE  HE   sing N N 31  
ARG CZ  NH1  sing N N 32  
ARG CZ  NH2  doub N N 33  
ARG NH1 HH11 sing N N 34  
ARG NH1 HH12 sing N N 35  
ARG NH2 HH21 sing N N 36  
ARG NH2 HH22 sing N N 37  
ARG OXT HXT  sing N N 38  
ASN N   CA   sing N N 39  
ASN N   H    sing N N 40  
ASN N   H2   sing N N 41  
ASN CA  C    sing N N 42  
ASN CA  CB   sing N N 43  
ASN CA  HA   sing N N 44  
ASN C   O    doub N N 45  
ASN C   OXT  sing N N 46  
ASN CB  CG   sing N N 47  
ASN CB  HB2  sing N N 48  
ASN CB  HB3  sing N N 49  
ASN CG  OD1  doub N N 50  
ASN CG  ND2  sing N N 51  
ASN ND2 HD21 sing N N 52  
ASN ND2 HD22 sing N N 53  
ASN OXT HXT  sing N N 54  
ASP N   CA   sing N N 55  
ASP N   H    sing N N 56  
ASP N   H2   sing N N 57  
ASP CA  C    sing N N 58  
ASP CA  CB   sing N N 59  
ASP CA  HA   sing N N 60  
ASP C   O    doub N N 61  
ASP C   OXT  sing N N 62  
ASP CB  CG   sing N N 63  
ASP CB  HB2  sing N N 64  
ASP CB  HB3  sing N N 65  
ASP CG  OD1  doub N N 66  
ASP CG  OD2  sing N N 67  
ASP OD2 HD2  sing N N 68  
ASP OXT HXT  sing N N 69  
CYS N   CA   sing N N 70  
CYS N   H    sing N N 71  
CYS N   H2   sing N N 72  
CYS CA  C    sing N N 73  
CYS CA  CB   sing N N 74  
CYS CA  HA   sing N N 75  
CYS C   O    doub N N 76  
CYS C   OXT  sing N N 77  
CYS CB  SG   sing N N 78  
CYS CB  HB2  sing N N 79  
CYS CB  HB3  sing N N 80  
CYS SG  HG   sing N N 81  
CYS OXT HXT  sing N N 82  
GLN N   CA   sing N N 83  
GLN N   H    sing N N 84  
GLN N   H2   sing N N 85  
GLN CA  C    sing N N 86  
GLN CA  CB   sing N N 87  
GLN CA  HA   sing N N 88  
GLN C   O    doub N N 89  
GLN C   OXT  sing N N 90  
GLN CB  CG   sing N N 91  
GLN CB  HB2  sing N N 92  
GLN CB  HB3  sing N N 93  
GLN CG  CD   sing N N 94  
GLN CG  HG2  sing N N 95  
GLN CG  HG3  sing N N 96  
GLN CD  OE1  doub N N 97  
GLN CD  NE2  sing N N 98  
GLN NE2 HE21 sing N N 99  
GLN NE2 HE22 sing N N 100 
GLN OXT HXT  sing N N 101 
GLU N   CA   sing N N 102 
GLU N   H    sing N N 103 
GLU N   H2   sing N N 104 
GLU CA  C    sing N N 105 
GLU CA  CB   sing N N 106 
GLU CA  HA   sing N N 107 
GLU C   O    doub N N 108 
GLU C   OXT  sing N N 109 
GLU CB  CG   sing N N 110 
GLU CB  HB2  sing N N 111 
GLU CB  HB3  sing N N 112 
GLU CG  CD   sing N N 113 
GLU CG  HG2  sing N N 114 
GLU CG  HG3  sing N N 115 
GLU CD  OE1  doub N N 116 
GLU CD  OE2  sing N N 117 
GLU OE2 HE2  sing N N 118 
GLU OXT HXT  sing N N 119 
GLY N   CA   sing N N 120 
GLY N   H    sing N N 121 
GLY N   H2   sing N N 122 
GLY CA  C    sing N N 123 
GLY CA  HA2  sing N N 124 
GLY CA  HA3  sing N N 125 
GLY C   O    doub N N 126 
GLY C   OXT  sing N N 127 
GLY OXT HXT  sing N N 128 
HOH O   H1   sing N N 129 
HOH O   H2   sing N N 130 
ILE N   CA   sing N N 131 
ILE N   H    sing N N 132 
ILE N   H2   sing N N 133 
ILE CA  C    sing N N 134 
ILE CA  CB   sing N N 135 
ILE CA  HA   sing N N 136 
ILE C   O    doub N N 137 
ILE C   OXT  sing N N 138 
ILE CB  CG1  sing N N 139 
ILE CB  CG2  sing N N 140 
ILE CB  HB   sing N N 141 
ILE CG1 CD1  sing N N 142 
ILE CG1 HG12 sing N N 143 
ILE CG1 HG13 sing N N 144 
ILE CG2 HG21 sing N N 145 
ILE CG2 HG22 sing N N 146 
ILE CG2 HG23 sing N N 147 
ILE CD1 HD11 sing N N 148 
ILE CD1 HD12 sing N N 149 
ILE CD1 HD13 sing N N 150 
ILE OXT HXT  sing N N 151 
LEU N   CA   sing N N 152 
LEU N   H    sing N N 153 
LEU N   H2   sing N N 154 
LEU CA  C    sing N N 155 
LEU CA  CB   sing N N 156 
LEU CA  HA   sing N N 157 
LEU C   O    doub N N 158 
LEU C   OXT  sing N N 159 
LEU CB  CG   sing N N 160 
LEU CB  HB2  sing N N 161 
LEU CB  HB3  sing N N 162 
LEU CG  CD1  sing N N 163 
LEU CG  CD2  sing N N 164 
LEU CG  HG   sing N N 165 
LEU CD1 HD11 sing N N 166 
LEU CD1 HD12 sing N N 167 
LEU CD1 HD13 sing N N 168 
LEU CD2 HD21 sing N N 169 
LEU CD2 HD22 sing N N 170 
LEU CD2 HD23 sing N N 171 
LEU OXT HXT  sing N N 172 
LYS N   CA   sing N N 173 
LYS N   H    sing N N 174 
LYS N   H2   sing N N 175 
LYS CA  C    sing N N 176 
LYS CA  CB   sing N N 177 
LYS CA  HA   sing N N 178 
LYS C   O    doub N N 179 
LYS C   OXT  sing N N 180 
LYS CB  CG   sing N N 181 
LYS CB  HB2  sing N N 182 
LYS CB  HB3  sing N N 183 
LYS CG  CD   sing N N 184 
LYS CG  HG2  sing N N 185 
LYS CG  HG3  sing N N 186 
LYS CD  CE   sing N N 187 
LYS CD  HD2  sing N N 188 
LYS CD  HD3  sing N N 189 
LYS CE  NZ   sing N N 190 
LYS CE  HE2  sing N N 191 
LYS CE  HE3  sing N N 192 
LYS NZ  HZ1  sing N N 193 
LYS NZ  HZ2  sing N N 194 
LYS NZ  HZ3  sing N N 195 
LYS OXT HXT  sing N N 196 
MET N   CA   sing N N 197 
MET N   H    sing N N 198 
MET N   H2   sing N N 199 
MET CA  C    sing N N 200 
MET CA  CB   sing N N 201 
MET CA  HA   sing N N 202 
MET C   O    doub N N 203 
MET C   OXT  sing N N 204 
MET CB  CG   sing N N 205 
MET CB  HB2  sing N N 206 
MET CB  HB3  sing N N 207 
MET CG  SD   sing N N 208 
MET CG  HG2  sing N N 209 
MET CG  HG3  sing N N 210 
MET SD  CE   sing N N 211 
MET CE  HE1  sing N N 212 
MET CE  HE2  sing N N 213 
MET CE  HE3  sing N N 214 
MET OXT HXT  sing N N 215 
PHE N   CA   sing N N 216 
PHE N   H    sing N N 217 
PHE N   H2   sing N N 218 
PHE CA  C    sing N N 219 
PHE CA  CB   sing N N 220 
PHE CA  HA   sing N N 221 
PHE C   O    doub N N 222 
PHE C   OXT  sing N N 223 
PHE CB  CG   sing N N 224 
PHE CB  HB2  sing N N 225 
PHE CB  HB3  sing N N 226 
PHE CG  CD1  doub Y N 227 
PHE CG  CD2  sing Y N 228 
PHE CD1 CE1  sing Y N 229 
PHE CD1 HD1  sing N N 230 
PHE CD2 CE2  doub Y N 231 
PHE CD2 HD2  sing N N 232 
PHE CE1 CZ   doub Y N 233 
PHE CE1 HE1  sing N N 234 
PHE CE2 CZ   sing Y N 235 
PHE CE2 HE2  sing N N 236 
PHE CZ  HZ   sing N N 237 
PHE OXT HXT  sing N N 238 
PRO N   CA   sing N N 239 
PRO N   CD   sing N N 240 
PRO N   H    sing N N 241 
PRO CA  C    sing N N 242 
PRO CA  CB   sing N N 243 
PRO CA  HA   sing N N 244 
PRO C   O    doub N N 245 
PRO C   OXT  sing N N 246 
PRO CB  CG   sing N N 247 
PRO CB  HB2  sing N N 248 
PRO CB  HB3  sing N N 249 
PRO CG  CD   sing N N 250 
PRO CG  HG2  sing N N 251 
PRO CG  HG3  sing N N 252 
PRO CD  HD2  sing N N 253 
PRO CD  HD3  sing N N 254 
PRO OXT HXT  sing N N 255 
SER N   CA   sing N N 256 
SER N   H    sing N N 257 
SER N   H2   sing N N 258 
SER CA  C    sing N N 259 
SER CA  CB   sing N N 260 
SER CA  HA   sing N N 261 
SER C   O    doub N N 262 
SER C   OXT  sing N N 263 
SER CB  OG   sing N N 264 
SER CB  HB2  sing N N 265 
SER CB  HB3  sing N N 266 
SER OG  HG   sing N N 267 
SER OXT HXT  sing N N 268 
THR N   CA   sing N N 269 
THR N   H    sing N N 270 
THR N   H2   sing N N 271 
THR CA  C    sing N N 272 
THR CA  CB   sing N N 273 
THR CA  HA   sing N N 274 
THR C   O    doub N N 275 
THR C   OXT  sing N N 276 
THR CB  OG1  sing N N 277 
THR CB  CG2  sing N N 278 
THR CB  HB   sing N N 279 
THR OG1 HG1  sing N N 280 
THR CG2 HG21 sing N N 281 
THR CG2 HG22 sing N N 282 
THR CG2 HG23 sing N N 283 
THR OXT HXT  sing N N 284 
TRP N   CA   sing N N 285 
TRP N   H    sing N N 286 
TRP N   H2   sing N N 287 
TRP CA  C    sing N N 288 
TRP CA  CB   sing N N 289 
TRP CA  HA   sing N N 290 
TRP C   O    doub N N 291 
TRP C   OXT  sing N N 292 
TRP CB  CG   sing N N 293 
TRP CB  HB2  sing N N 294 
TRP CB  HB3  sing N N 295 
TRP CG  CD1  doub Y N 296 
TRP CG  CD2  sing Y N 297 
TRP CD1 NE1  sing Y N 298 
TRP CD1 HD1  sing N N 299 
TRP CD2 CE2  doub Y N 300 
TRP CD2 CE3  sing Y N 301 
TRP NE1 CE2  sing Y N 302 
TRP NE1 HE1  sing N N 303 
TRP CE2 CZ2  sing Y N 304 
TRP CE3 CZ3  doub Y N 305 
TRP CE3 HE3  sing N N 306 
TRP CZ2 CH2  doub Y N 307 
TRP CZ2 HZ2  sing N N 308 
TRP CZ3 CH2  sing Y N 309 
TRP CZ3 HZ3  sing N N 310 
TRP CH2 HH2  sing N N 311 
TRP OXT HXT  sing N N 312 
TYR N   CA   sing N N 313 
TYR N   H    sing N N 314 
TYR N   H2   sing N N 315 
TYR CA  C    sing N N 316 
TYR CA  CB   sing N N 317 
TYR CA  HA   sing N N 318 
TYR C   O    doub N N 319 
TYR C   OXT  sing N N 320 
TYR CB  CG   sing N N 321 
TYR CB  HB2  sing N N 322 
TYR CB  HB3  sing N N 323 
TYR CG  CD1  doub Y N 324 
TYR CG  CD2  sing Y N 325 
TYR CD1 CE1  sing Y N 326 
TYR CD1 HD1  sing N N 327 
TYR CD2 CE2  doub Y N 328 
TYR CD2 HD2  sing N N 329 
TYR CE1 CZ   doub Y N 330 
TYR CE1 HE1  sing N N 331 
TYR CE2 CZ   sing Y N 332 
TYR CE2 HE2  sing N N 333 
TYR CZ  OH   sing N N 334 
TYR OH  HH   sing N N 335 
TYR OXT HXT  sing N N 336 
VAL N   CA   sing N N 337 
VAL N   H    sing N N 338 
VAL N   H2   sing N N 339 
VAL CA  C    sing N N 340 
VAL CA  CB   sing N N 341 
VAL CA  HA   sing N N 342 
VAL C   O    doub N N 343 
VAL C   OXT  sing N N 344 
VAL CB  CG1  sing N N 345 
VAL CB  CG2  sing N N 346 
VAL CB  HB   sing N N 347 
VAL CG1 HG11 sing N N 348 
VAL CG1 HG12 sing N N 349 
VAL CG1 HG13 sing N N 350 
VAL CG2 HG21 sing N N 351 
VAL CG2 HG22 sing N N 352 
VAL CG2 HG23 sing N N 353 
VAL OXT HXT  sing N N 354 
# 
_atom_sites.entry_id                    1UZP 
_atom_sites.fract_transf_matrix[1][1]   0.01538958 
_atom_sites.fract_transf_matrix[1][2]   -0.00217033 
_atom_sites.fract_transf_matrix[1][3]   -0.01766534 
_atom_sites.fract_transf_matrix[2][1]   -0.00474582 
_atom_sites.fract_transf_matrix[2][2]   0.01341631 
_atom_sites.fract_transf_matrix[2][3]   -0.00578274 
_atom_sites.fract_transf_matrix[3][1]   0.00674930 
_atom_sites.fract_transf_matrix[3][2]   0.00467427 
_atom_sites.fract_transf_matrix[3][3]   0.00530554 
_atom_sites.fract_transf_vector[1]      0.667804 
_atom_sites.fract_transf_vector[2]      0.260425 
_atom_sites.fract_transf_vector[3]      0.381290 
# 
loop_
_atom_type.symbol 
C  
N  
O  
S  
SM 
# 
loop_
_atom_site.group_PDB 
_atom_site.id 
_atom_site.type_symbol 
_atom_site.label_atom_id 
_atom_site.label_alt_id 
_atom_site.label_comp_id 
_atom_site.label_asym_id 
_atom_site.label_entity_id 
_atom_site.label_seq_id 
_atom_site.pdbx_PDB_ins_code 
_atom_site.Cartn_x 
_atom_site.Cartn_y 
_atom_site.Cartn_z 
_atom_site.occupancy 
_atom_site.B_iso_or_equiv 
_atom_site.pdbx_formal_charge 
_atom_site.auth_seq_id 
_atom_site.auth_comp_id 
_atom_site.auth_asym_id 
_atom_site.auth_atom_id 
_atom_site.pdbx_PDB_model_num 
ATOM   1    N  N   . THR A 1 1   ? 17.278  33.287  11.825  1.00 44.99 ? 1486 THR A N   1 
ATOM   2    C  CA  . THR A 1 1   ? 17.341  31.879  12.291  1.00 48.38 ? 1486 THR A CA  1 
ATOM   3    C  C   . THR A 1 1   ? 16.495  30.943  11.429  1.00 44.71 ? 1486 THR A C   1 
ATOM   4    O  O   . THR A 1 1   ? 15.592  31.337  10.679  1.00 40.42 ? 1486 THR A O   1 
ATOM   5    C  CB  . THR A 1 1   ? 16.945  31.742  13.806  1.00 54.16 ? 1486 THR A CB  1 
ATOM   6    O  OG1 . THR A 1 1   ? 18.123  31.834  14.604  1.00 58.68 ? 1486 THR A OG1 1 
ATOM   7    C  CG2 . THR A 1 1   ? 16.269  30.397  14.119  1.00 59.61 ? 1486 THR A CG2 1 
ATOM   8    N  N   . ASP A 1 2   ? 16.841  29.682  11.544  1.00 35.66 ? 1487 ASP A N   1 
ATOM   9    C  CA  . ASP A 1 2   ? 16.204  28.633  10.812  1.00 32.75 ? 1487 ASP A CA  1 
ATOM   10   C  C   . ASP A 1 2   ? 14.776  28.296  11.215  1.00 25.33 ? 1487 ASP A C   1 
ATOM   11   O  O   . ASP A 1 2   ? 14.383  28.401  12.384  1.00 32.05 ? 1487 ASP A O   1 
ATOM   12   C  CB  . ASP A 1 2   ? 17.051  27.369  10.955  1.00 34.38 ? 1487 ASP A CB  1 
ATOM   13   C  CG  . ASP A 1 2   ? 16.536  26.251  10.110  1.00 31.97 ? 1487 ASP A CG  1 
ATOM   14   O  OD1 . ASP A 1 2   ? 16.308  25.132  10.628  1.00 32.02 ? 1487 ASP A OD1 1 
ATOM   15   O  OD2 . ASP A 1 2   ? 16.363  26.499  8.903   1.00 34.76 ? 1487 ASP A OD2 1 
ATOM   16   N  N   . VAL A 1 3   ? 14.004  27.846  10.239  1.00 25.17 ? 1488 VAL A N   1 
ATOM   17   C  CA  . VAL A 1 3   ? 12.660  27.378  10.524  1.00 25.76 ? 1488 VAL A CA  1 
ATOM   18   C  C   . VAL A 1 3   ? 12.864  25.857  10.761  1.00 24.50 ? 1488 VAL A C   1 
ATOM   19   O  O   . VAL A 1 3   ? 13.615  25.192  10.015  1.00 29.05 ? 1488 VAL A O   1 
ATOM   20   C  CB  . VAL A 1 3   ? 11.721  27.532  9.294   1.00 29.79 ? 1488 VAL A CB  1 
ATOM   21   C  CG1 . VAL A 1 3   ? 10.428  26.752  9.521   1.00 27.10 ? 1488 VAL A CG1 1 
ATOM   22   C  CG2 . VAL A 1 3   ? 11.375  29.024  9.073   1.00 19.64 ? 1488 VAL A CG2 1 
ATOM   23   N  N   . ASN A 1 4   ? 12.194  25.330  11.779  1.00 25.24 ? 1489 ASN A N   1 
ATOM   24   C  CA  . ASN A 1 4   ? 12.219  23.899  12.071  1.00 25.42 ? 1489 ASN A CA  1 
ATOM   25   C  C   . ASN A 1 4   ? 10.962  23.392  11.323  1.00 25.29 ? 1489 ASN A C   1 
ATOM   26   O  O   . ASN A 1 4   ? 9.846   23.435  11.842  1.00 26.05 ? 1489 ASN A O   1 
ATOM   27   C  CB  . ASN A 1 4   ? 12.115  23.646  13.597  1.00 24.79 ? 1489 ASN A CB  1 
ATOM   28   C  CG  . ASN A 1 4   ? 12.163  22.139  13.952  1.00 29.21 ? 1489 ASN A CG  1 
ATOM   29   O  OD1 . ASN A 1 4   ? 11.874  21.323  12.974  1.00 22.76 ? 1489 ASN A OD1 1 
ATOM   30   N  ND2 . ASN A 1 4   ? 12.443  21.730  15.106  1.00 27.16 ? 1489 ASN A ND2 1 
ATOM   31   N  N   . GLU A 1 5   ? 11.139  22.908  10.101  1.00 23.62 ? 1490 GLU A N   1 
ATOM   32   C  CA  . GLU A 1 5   ? 10.010  22.450  9.281   1.00 26.43 ? 1490 GLU A CA  1 
ATOM   33   C  C   . GLU A 1 5   ? 9.364   21.158  9.770   1.00 27.02 ? 1490 GLU A C   1 
ATOM   34   O  O   . GLU A 1 5   ? 8.275   20.793  9.302   1.00 29.81 ? 1490 GLU A O   1 
ATOM   35   C  CB  . GLU A 1 5   ? 10.459  22.261  7.833   1.00 31.25 ? 1490 GLU A CB  1 
ATOM   36   C  CG  . GLU A 1 5   ? 11.062  23.500  7.212   1.00 32.33 ? 1490 GLU A CG  1 
ATOM   37   C  CD  . GLU A 1 5   ? 12.519  23.718  7.582   1.00 36.65 ? 1490 GLU A CD  1 
ATOM   38   O  OE1 . GLU A 1 5   ? 13.112  22.891  8.331   1.00 27.37 ? 1490 GLU A OE1 1 
ATOM   39   O  OE2 . GLU A 1 5   ? 13.079  24.731  7.097   1.00 35.88 ? 1490 GLU A OE2 1 
ATOM   40   N  N   . CYS A 1 6   ? 10.031  20.480  10.710  1.00 27.47 ? 1491 CYS A N   1 
ATOM   41   C  CA  . CYS A 1 6   ? 9.503   19.241  11.271  1.00 26.89 ? 1491 CYS A CA  1 
ATOM   42   C  C   . CYS A 1 6   ? 8.253   19.502  12.107  1.00 26.64 ? 1491 CYS A C   1 
ATOM   43   O  O   . CYS A 1 6   ? 7.505   18.576  12.434  1.00 26.23 ? 1491 CYS A O   1 
ATOM   44   C  CB  . CYS A 1 6   ? 10.573  18.563  12.128  1.00 30.65 ? 1491 CYS A CB  1 
ATOM   45   S  SG  . CYS A 1 6   ? 12.125  18.197  11.244  1.00 31.59 ? 1491 CYS A SG  1 
ATOM   46   N  N   . LEU A 1 7   ? 8.039   20.767  12.475  1.00 25.54 ? 1492 LEU A N   1 
ATOM   47   C  CA  . LEU A 1 7   ? 6.866   21.156  13.245  1.00 24.98 ? 1492 LEU A CA  1 
ATOM   48   C  C   . LEU A 1 7   ? 5.657   21.297  12.308  1.00 25.69 ? 1492 LEU A C   1 
ATOM   49   O  O   . LEU A 1 7   ? 4.553   21.451  12.781  1.00 32.88 ? 1492 LEU A O   1 
ATOM   50   C  CB  . LEU A 1 7   ? 7.138   22.468  14.013  1.00 27.78 ? 1492 LEU A CB  1 
ATOM   51   C  CG  . LEU A 1 7   ? 8.441   22.462  14.831  1.00 31.30 ? 1492 LEU A CG  1 
ATOM   52   C  CD1 . LEU A 1 7   ? 8.579   23.766  15.631  1.00 29.68 ? 1492 LEU A CD1 1 
ATOM   53   C  CD2 . LEU A 1 7   ? 8.445   21.242  15.774  1.00 27.00 ? 1492 LEU A CD2 1 
ATOM   54   N  N   . ASP A 1 8   ? 5.890   21.226  10.999  1.00 30.64 ? 1493 ASP A N   1 
ATOM   55   C  CA  . ASP A 1 8   ? 4.853   21.287  9.931   1.00 34.96 ? 1493 ASP A CA  1 
ATOM   56   C  C   . ASP A 1 8   ? 4.432   19.813  9.757   1.00 37.51 ? 1493 ASP A C   1 
ATOM   57   O  O   . ASP A 1 8   ? 5.268   18.913  9.637   1.00 29.74 ? 1493 ASP A O   1 
ATOM   58   C  CB  . ASP A 1 8   ? 5.503   21.850  8.651   1.00 39.72 ? 1493 ASP A CB  1 
ATOM   59   C  CG  . ASP A 1 8   ? 4.547   21.919  7.436   1.00 45.92 ? 1493 ASP A CG  1 
ATOM   60   O  OD1 . ASP A 1 8   ? 3.449   21.297  7.461   1.00 36.01 ? 1493 ASP A OD1 1 
ATOM   61   O  OD2 . ASP A 1 8   ? 4.942   22.606  6.445   1.00 37.71 ? 1493 ASP A OD2 1 
ATOM   62   N  N   . PRO A 1 9   ? 3.124   19.541  9.761   1.00 45.35 ? 1494 PRO A N   1 
ATOM   63   C  CA  . PRO A 1 9   ? 2.659   18.149  9.621   1.00 42.64 ? 1494 PRO A CA  1 
ATOM   64   C  C   . PRO A 1 9   ? 2.796   17.557  8.233   1.00 41.10 ? 1494 PRO A C   1 
ATOM   65   O  O   . PRO A 1 9   ? 2.875   16.350  8.090   1.00 36.86 ? 1494 PRO A O   1 
ATOM   66   C  CB  . PRO A 1 9   ? 1.195   18.224  10.069  1.00 43.06 ? 1494 PRO A CB  1 
ATOM   67   C  CG  . PRO A 1 9   ? 1.143   19.445  10.906  1.00 51.40 ? 1494 PRO A CG  1 
ATOM   68   C  CD  . PRO A 1 9   ? 2.009   20.418  10.138  1.00 45.37 ? 1494 PRO A CD  1 
ATOM   69   N  N   . THR A 1 10  ? 2.814   18.398  7.201   1.00 39.21 ? 1495 THR A N   1 
ATOM   70   C  CA  . THR A 1 10  ? 2.945   17.869  5.865   1.00 45.59 ? 1495 THR A CA  1 
ATOM   71   C  C   . THR A 1 10  ? 4.377   17.378  5.594   1.00 46.85 ? 1495 THR A C   1 
ATOM   72   O  O   . THR A 1 10  ? 4.628   16.711  4.586   1.00 46.47 ? 1495 THR A O   1 
ATOM   73   C  CB  . THR A 1 10  ? 2.583   18.926  4.796   1.00 48.93 ? 1495 THR A CB  1 
ATOM   74   O  OG1 . THR A 1 10  ? 3.451   20.058  4.927   1.00 47.89 ? 1495 THR A OG1 1 
ATOM   75   C  CG2 . THR A 1 10  ? 1.126   19.359  4.946   1.00 51.67 ? 1495 THR A CG2 1 
ATOM   76   N  N   . THR A 1 11  ? 5.298   17.671  6.513   1.00 41.43 ? 1496 THR A N   1 
ATOM   77   C  CA  . THR A 1 11  ? 6.697   17.299  6.329   1.00 35.31 ? 1496 THR A CA  1 
ATOM   78   C  C   . THR A 1 11  ? 7.089   15.835  6.457   1.00 27.64 ? 1496 THR A C   1 
ATOM   79   O  O   . THR A 1 11  ? 6.809   15.188  7.477   1.00 30.03 ? 1496 THR A O   1 
ATOM   80   C  CB  . THR A 1 11  ? 7.621   18.096  7.307   1.00 32.23 ? 1496 THR A CB  1 
ATOM   81   O  OG1 . THR A 1 11  ? 7.299   19.486  7.243   1.00 41.35 ? 1496 THR A OG1 1 
ATOM   82   C  CG2 . THR A 1 11  ? 9.043   17.954  6.890   1.00 35.15 ? 1496 THR A CG2 1 
ATOM   83   N  N   . CYS A 1 12  ? 7.851   15.364  5.472   1.00 28.61 ? 1497 CYS A N   1 
ATOM   84   C  CA  . CYS A 1 12  ? 8.344   13.981  5.447   1.00 28.53 ? 1497 CYS A CA  1 
ATOM   85   C  C   . CYS A 1 12  ? 7.230   12.969  5.608   1.00 28.74 ? 1497 CYS A C   1 
ATOM   86   O  O   . CYS A 1 12  ? 7.011   12.402  6.693   1.00 25.14 ? 1497 CYS A O   1 
ATOM   87   C  CB  . CYS A 1 12  ? 9.386   13.729  6.523   1.00 33.41 ? 1497 CYS A CB  1 
ATOM   88   S  SG  . CYS A 1 12  ? 10.873  14.756  6.427   1.00 43.09 ? 1497 CYS A SG  1 
ATOM   89   N  N   . ILE A 1 13  ? 6.526   12.727  4.509   1.00 23.68 ? 1498 ILE A N   1 
ATOM   90   C  CA  . ILE A 1 13  ? 5.452   11.753  4.521   1.00 24.28 ? 1498 ILE A CA  1 
ATOM   91   C  C   . ILE A 1 13  ? 6.052   10.347  4.759   1.00 26.51 ? 1498 ILE A C   1 
ATOM   92   O  O   . ILE A 1 13  ? 7.038   9.956   4.110   1.00 25.61 ? 1498 ILE A O   1 
ATOM   93   C  CB  . ILE A 1 13  ? 4.709   11.777  3.177   1.00 29.22 ? 1498 ILE A CB  1 
ATOM   94   C  CG1 . ILE A 1 13  ? 4.073   13.161  2.964   1.00 35.71 ? 1498 ILE A CG1 1 
ATOM   95   C  CG2 . ILE A 1 13  ? 3.616   10.715  3.165   1.00 28.50 ? 1498 ILE A CG2 1 
ATOM   96   C  CD1 . ILE A 1 13  ? 3.664   13.451  1.493   1.00 38.03 ? 1498 ILE A CD1 1 
ATOM   97   N  N   . SER A 1 14  ? 5.483   9.631   5.728   1.00 24.38 ? 1499 SER A N   1 
ATOM   98   C  CA  . SER A 1 14  ? 5.932   8.274   6.083   1.00 25.60 ? 1499 SER A CA  1 
ATOM   99   C  C   . SER A 1 14  ? 7.406   8.209   6.546   1.00 24.15 ? 1499 SER A C   1 
ATOM   100  O  O   . SER A 1 14  ? 8.027   7.136   6.576   1.00 29.52 ? 1499 SER A O   1 
ATOM   101  C  CB  . SER A 1 14  ? 5.714   7.359   4.886   1.00 21.62 ? 1499 SER A CB  1 
ATOM   102  O  OG  . SER A 1 14  ? 4.339   7.188   4.635   1.00 26.37 ? 1499 SER A OG  1 
ATOM   103  N  N   . GLY A 1 15  ? 7.951   9.349   6.953   1.00 25.74 ? 1500 GLY A N   1 
ATOM   104  C  CA  . GLY A 1 15  ? 9.337   9.406   7.372   1.00 24.27 ? 1500 GLY A CA  1 
ATOM   105  C  C   . GLY A 1 15  ? 9.543   10.226  8.637   1.00 27.57 ? 1500 GLY A C   1 
ATOM   106  O  O   . GLY A 1 15  ? 8.606   10.817  9.169   1.00 26.43 ? 1500 GLY A O   1 
ATOM   107  N  N   . ASN A 1 16  ? 10.781  10.267  9.109   1.00 23.20 ? 1501 ASN A N   1 
ATOM   108  C  CA  . ASN A 1 16  ? 11.125  11.003  10.313  1.00 28.00 ? 1501 ASN A CA  1 
ATOM   109  C  C   . ASN A 1 16  ? 11.990  12.210  9.975   1.00 30.66 ? 1501 ASN A C   1 
ATOM   110  O  O   . ASN A 1 16  ? 13.124  12.097  9.532   1.00 31.71 ? 1501 ASN A O   1 
ATOM   111  C  CB  . ASN A 1 16  ? 11.836  10.068  11.315  1.00 30.58 ? 1501 ASN A CB  1 
ATOM   112  C  CG  . ASN A 1 16  ? 10.850  9.154   12.072  1.00 35.62 ? 1501 ASN A CG  1 
ATOM   113  O  OD1 . ASN A 1 16  ? 10.044  9.617   12.889  1.00 26.33 ? 1501 ASN A OD1 1 
ATOM   114  N  ND2 . ASN A 1 16  ? 10.913  7.856   11.788  1.00 29.22 ? 1501 ASN A ND2 1 
ATOM   115  N  N   . CYS A 1 17  ? 11.420  13.378  10.211  1.00 25.70 ? 1502 CYS A N   1 
ATOM   116  C  CA  . CYS A 1 17  ? 12.064  14.638  9.944   1.00 25.51 ? 1502 CYS A CA  1 
ATOM   117  C  C   . CYS A 1 17  ? 13.128  15.016  10.978  1.00 28.09 ? 1502 CYS A C   1 
ATOM   118  O  O   . CYS A 1 17  ? 12.947  14.822  12.195  1.00 25.22 ? 1502 CYS A O   1 
ATOM   119  C  CB  . CYS A 1 17  ? 10.995  15.720  9.906   1.00 26.64 ? 1502 CYS A CB  1 
ATOM   120  S  SG  . CYS A 1 17  ? 11.474  17.434  9.464   1.00 31.41 ? 1502 CYS A SG  1 
ATOM   121  N  N   . VAL A 1 18  ? 14.230  15.568  10.466  1.00 23.38 ? 1503 VAL A N   1 
ATOM   122  C  CA  . VAL A 1 18  ? 15.325  16.064  11.295  1.00 26.00 ? 1503 VAL A CA  1 
ATOM   123  C  C   . VAL A 1 18  ? 15.637  17.426  10.713  1.00 27.70 ? 1503 VAL A C   1 
ATOM   124  O  O   . VAL A 1 18  ? 16.093  17.569  9.572   1.00 27.71 ? 1503 VAL A O   1 
ATOM   125  C  CB  . VAL A 1 18  ? 16.575  15.137  11.235  1.00 29.21 ? 1503 VAL A CB  1 
ATOM   126  C  CG1 . VAL A 1 18  ? 17.684  15.657  12.184  1.00 28.44 ? 1503 VAL A CG1 1 
ATOM   127  C  CG2 . VAL A 1 18  ? 16.169  13.723  11.620  1.00 30.44 ? 1503 VAL A CG2 1 
ATOM   128  N  N   . ASN A 1 19  ? 15.348  18.440  11.501  1.00 25.37 ? 1504 ASN A N   1 
ATOM   129  C  CA  . ASN A 1 19  ? 15.576  19.809  11.058  1.00 28.60 ? 1504 ASN A CA  1 
ATOM   130  C  C   . ASN A 1 19  ? 17.075  20.103  10.911  1.00 30.50 ? 1504 ASN A C   1 
ATOM   131  O  O   . ASN A 1 19  ? 17.902  19.549  11.634  1.00 27.21 ? 1504 ASN A O   1 
ATOM   132  C  CB  . ASN A 1 19  ? 14.984  20.760  12.089  1.00 24.31 ? 1504 ASN A CB  1 
ATOM   133  C  CG  . ASN A 1 19  ? 15.219  22.171  11.722  1.00 25.77 ? 1504 ASN A CG  1 
ATOM   134  O  OD1 . ASN A 1 19  ? 15.127  22.514  10.532  1.00 23.15 ? 1504 ASN A OD1 1 
ATOM   135  N  ND2 . ASN A 1 19  ? 15.542  22.996  12.696  1.00 26.00 ? 1504 ASN A ND2 1 
ATOM   136  N  N   . THR A 1 20  ? 17.407  20.934  9.944   1.00 25.64 ? 1505 THR A N   1 
ATOM   137  C  CA  . THR A 1 20  ? 18.773  21.437  9.693   1.00 28.35 ? 1505 THR A CA  1 
ATOM   138  C  C   . THR A 1 20  ? 18.633  22.904  9.294   1.00 31.36 ? 1505 THR A C   1 
ATOM   139  O  O   . THR A 1 20  ? 17.538  23.363  8.995   1.00 36.52 ? 1505 THR A O   1 
ATOM   140  C  CB  . THR A 1 20  ? 19.492  20.770  8.485   1.00 27.78 ? 1505 THR A CB  1 
ATOM   141  O  OG1 . THR A 1 20  ? 18.783  21.038  7.273   1.00 30.96 ? 1505 THR A OG1 1 
ATOM   142  C  CG2 . THR A 1 20  ? 19.591  19.262  8.662   1.00 22.63 ? 1505 THR A CG2 1 
ATOM   143  N  N   . PRO A 1 21  ? 19.747  23.656  9.302   1.00 40.16 ? 1506 PRO A N   1 
ATOM   144  C  CA  . PRO A 1 21  ? 19.750  25.075  8.918   1.00 39.45 ? 1506 PRO A CA  1 
ATOM   145  C  C   . PRO A 1 21  ? 19.301  24.960  7.469   1.00 40.00 ? 1506 PRO A C   1 
ATOM   146  O  O   . PRO A 1 21  ? 19.590  23.954  6.816   1.00 39.57 ? 1506 PRO A O   1 
ATOM   147  C  CB  . PRO A 1 21  ? 21.222  25.457  9.050   1.00 43.02 ? 1506 PRO A CB  1 
ATOM   148  C  CG  . PRO A 1 21  ? 21.672  24.566  10.200  1.00 39.92 ? 1506 PRO A CG  1 
ATOM   149  C  CD  . PRO A 1 21  ? 21.063  23.246  9.816   1.00 34.84 ? 1506 PRO A CD  1 
ATOM   150  N  N   . GLY A 1 22  ? 18.596  25.946  6.935   1.00 37.33 ? 1507 GLY A N   1 
ATOM   151  C  CA  . GLY A 1 22  ? 18.113  25.724  5.590   1.00 38.69 ? 1507 GLY A CA  1 
ATOM   152  C  C   . GLY A 1 22  ? 16.830  24.908  5.783   1.00 38.35 ? 1507 GLY A C   1 
ATOM   153  O  O   . GLY A 1 22  ? 16.046  25.256  6.666   1.00 33.71 ? 1507 GLY A O   1 
ATOM   154  N  N   . SER A 1 23  ? 16.606  23.840  5.008   1.00 32.00 ? 1508 SER A N   1 
ATOM   155  C  CA  . SER A 1 23  ? 15.375  23.065  5.165   1.00 30.23 ? 1508 SER A CA  1 
ATOM   156  C  C   . SER A 1 23  ? 15.514  21.973  6.245   1.00 30.80 ? 1508 SER A C   1 
ATOM   157  O  O   . SER A 1 23  ? 15.710  22.300  7.421   1.00 33.48 ? 1508 SER A O   1 
ATOM   158  C  CB  . SER A 1 23  ? 14.919  22.451  3.823   1.00 35.73 ? 1508 SER A CB  1 
ATOM   159  O  OG  . SER A 1 23  ? 15.872  21.521  3.353   1.00 41.30 ? 1508 SER A OG  1 
ATOM   160  N  N   . TYR A 1 24  ? 15.445  20.712  5.832   1.00 32.55 ? 1509 TYR A N   1 
ATOM   161  C  CA  . TYR A 1 24  ? 15.502  19.566  6.766   1.00 28.88 ? 1509 TYR A CA  1 
ATOM   162  C  C   . TYR A 1 24  ? 15.765  18.303  5.969   1.00 30.85 ? 1509 TYR A C   1 
ATOM   163  O  O   . TYR A 1 24  ? 15.719  18.317  4.720   1.00 30.72 ? 1509 TYR A O   1 
ATOM   164  C  CB  . TYR A 1 24  ? 14.117  19.413  7.418   1.00 28.13 ? 1509 TYR A CB  1 
ATOM   165  C  CG  . TYR A 1 24  ? 13.024  19.241  6.352   1.00 27.63 ? 1509 TYR A CG  1 
ATOM   166  C  CD1 . TYR A 1 24  ? 12.439  20.350  5.730   1.00 32.44 ? 1509 TYR A CD1 1 
ATOM   167  C  CD2 . TYR A 1 24  ? 12.641  17.968  5.910   1.00 30.88 ? 1509 TYR A CD2 1 
ATOM   168  C  CE1 . TYR A 1 24  ? 11.492  20.181  4.693   1.00 36.43 ? 1509 TYR A CE1 1 
ATOM   169  C  CE2 . TYR A 1 24  ? 11.719  17.784  4.882   1.00 33.41 ? 1509 TYR A CE2 1 
ATOM   170  C  CZ  . TYR A 1 24  ? 11.142  18.901  4.278   1.00 36.22 ? 1509 TYR A CZ  1 
ATOM   171  O  OH  . TYR A 1 24  ? 10.206  18.713  3.288   1.00 44.62 ? 1509 TYR A OH  1 
ATOM   172  N  N   . ILE A 1 25  ? 16.025  17.203  6.677   1.00 26.88 ? 1510 ILE A N   1 
ATOM   173  C  CA  . ILE A 1 25  ? 16.179  15.904  6.025   1.00 33.21 ? 1510 ILE A CA  1 
ATOM   174  C  C   . ILE A 1 25  ? 15.030  14.998  6.509   1.00 28.60 ? 1510 ILE A C   1 
ATOM   175  O  O   . ILE A 1 25  ? 14.468  15.187  7.616   1.00 26.83 ? 1510 ILE A O   1 
ATOM   176  C  CB  . ILE A 1 25  ? 17.576  15.192  6.323   1.00 32.52 ? 1510 ILE A CB  1 
ATOM   177  C  CG1 . ILE A 1 25  ? 17.662  14.708  7.757   1.00 36.19 ? 1510 ILE A CG1 1 
ATOM   178  C  CG2 . ILE A 1 25  ? 18.748  16.176  6.095   1.00 31.44 ? 1510 ILE A CG2 1 
ATOM   179  C  CD1 . ILE A 1 25  ? 17.089  13.334  7.990   1.00 29.44 ? 1510 ILE A CD1 1 
ATOM   180  N  N   . CYS A 1 26  ? 14.643  14.071  5.649   1.00 25.49 ? 1511 CYS A N   1 
ATOM   181  C  CA  . CYS A 1 26  ? 13.617  13.085  5.975   1.00 29.55 ? 1511 CYS A CA  1 
ATOM   182  C  C   . CYS A 1 26  ? 14.353  11.760  6.092   1.00 30.72 ? 1511 CYS A C   1 
ATOM   183  O  O   . CYS A 1 26  ? 14.958  11.309  5.117   1.00 31.53 ? 1511 CYS A O   1 
ATOM   184  C  CB  . CYS A 1 26  ? 12.603  12.913  4.854   1.00 34.67 ? 1511 CYS A CB  1 
ATOM   185  S  SG  . CYS A 1 26  ? 11.594  14.364  4.561   1.00 47.79 ? 1511 CYS A SG  1 
ATOM   186  N  N   . ASP A 1 27  ? 14.273  11.140  7.261   1.00 30.77 ? 1512 ASP A N   1 
ATOM   187  C  CA  . ASP A 1 27  ? 14.896  9.853   7.539   1.00 31.74 ? 1512 ASP A CA  1 
ATOM   188  C  C   . ASP A 1 27  ? 13.804  8.805   7.313   1.00 34.04 ? 1512 ASP A C   1 
ATOM   189  O  O   . ASP A 1 27  ? 12.784  8.830   7.982   1.00 34.84 ? 1512 ASP A O   1 
ATOM   190  C  CB  . ASP A 1 27  ? 15.359  9.777   8.992   1.00 34.06 ? 1512 ASP A CB  1 
ATOM   191  C  CG  . ASP A 1 27  ? 16.385  8.676   9.211   1.00 45.22 ? 1512 ASP A CG  1 
ATOM   192  O  OD1 . ASP A 1 27  ? 17.010  8.261   8.207   1.00 49.08 ? 1512 ASP A OD1 1 
ATOM   193  O  OD2 . ASP A 1 27  ? 16.587  8.241   10.369  1.00 52.68 ? 1512 ASP A OD2 1 
ATOM   194  N  N   . CYS A 1 28  ? 14.019  7.888   6.377   1.00 30.61 ? 1513 CYS A N   1 
ATOM   195  C  CA  . CYS A 1 28  ? 12.998  6.907   6.065   1.00 32.32 ? 1513 CYS A CA  1 
ATOM   196  C  C   . CYS A 1 28  ? 13.172  5.676   6.894   1.00 30.66 ? 1513 CYS A C   1 
ATOM   197  O  O   . CYS A 1 28  ? 14.297  5.277   7.181   1.00 35.93 ? 1513 CYS A O   1 
ATOM   198  C  CB  . CYS A 1 28  ? 13.059  6.548   4.588   1.00 25.87 ? 1513 CYS A CB  1 
ATOM   199  S  SG  . CYS A 1 28  ? 12.625  7.937   3.508   1.00 35.60 ? 1513 CYS A SG  1 
ATOM   200  N  N   . PRO A 1 29  ? 12.059  5.073   7.332   1.00 31.17 ? 1514 PRO A N   1 
ATOM   201  C  CA  . PRO A 1 29  ? 12.109  3.854   8.138   1.00 28.93 ? 1514 PRO A CA  1 
ATOM   202  C  C   . PRO A 1 29  ? 12.636  2.672   7.277   1.00 35.07 ? 1514 PRO A C   1 
ATOM   203  O  O   . PRO A 1 29  ? 12.655  2.723   6.068   1.00 33.55 ? 1514 PRO A O   1 
ATOM   204  C  CB  . PRO A 1 29  ? 10.648  3.629   8.521   1.00 31.23 ? 1514 PRO A CB  1 
ATOM   205  C  CG  . PRO A 1 29  ? 10.033  5.009   8.413   1.00 38.85 ? 1514 PRO A CG  1 
ATOM   206  C  CD  . PRO A 1 29  ? 10.664  5.483   7.127   1.00 21.44 ? 1514 PRO A CD  1 
ATOM   207  N  N   . PRO A 1 30  ? 13.031  1.581   7.910   1.00 34.42 ? 1515 PRO A N   1 
ATOM   208  C  CA  . PRO A 1 30  ? 13.548  0.408   7.183   1.00 36.10 ? 1515 PRO A CA  1 
ATOM   209  C  C   . PRO A 1 30  ? 12.593  -0.104  6.093   1.00 34.69 ? 1515 PRO A C   1 
ATOM   210  O  O   . PRO A 1 30  ? 11.399  -0.275  6.340   1.00 38.33 ? 1515 PRO A O   1 
ATOM   211  C  CB  . PRO A 1 30  ? 13.752  -0.620  8.292   1.00 36.32 ? 1515 PRO A CB  1 
ATOM   212  C  CG  . PRO A 1 30  ? 13.985  0.243   9.538   1.00 41.01 ? 1515 PRO A CG  1 
ATOM   213  C  CD  . PRO A 1 30  ? 12.968  1.338   9.364   1.00 41.49 ? 1515 PRO A CD  1 
ATOM   214  N  N   . ASP A 1 31  ? 13.139  -0.352  4.901   1.00 36.22 ? 1516 ASP A N   1 
ATOM   215  C  CA  . ASP A 1 31  ? 12.404  -0.837  3.725   1.00 36.28 ? 1516 ASP A CA  1 
ATOM   216  C  C   . ASP A 1 31  ? 11.733  0.291   2.959   1.00 37.59 ? 1516 ASP A C   1 
ATOM   217  O  O   . ASP A 1 31  ? 11.048  0.077   1.962   1.00 40.19 ? 1516 ASP A O   1 
ATOM   218  C  CB  . ASP A 1 31  ? 11.387  -1.902  4.123   1.00 44.17 ? 1516 ASP A CB  1 
ATOM   219  C  CG  . ASP A 1 31  ? 12.065  -3.135  4.689   1.00 40.39 ? 1516 ASP A CG  1 
ATOM   220  O  OD1 . ASP A 1 31  ? 13.133  -3.482  4.156   1.00 43.21 ? 1516 ASP A OD1 1 
ATOM   221  O  OD2 . ASP A 1 31  ? 11.554  -3.737  5.648   1.00 47.07 ? 1516 ASP A OD2 1 
ATOM   222  N  N   . PHE A 1 32  ? 11.926  1.503   3.436   1.00 30.29 ? 1517 PHE A N   1 
ATOM   223  C  CA  . PHE A 1 32  ? 11.365  2.634   2.730   1.00 30.67 ? 1517 PHE A CA  1 
ATOM   224  C  C   . PHE A 1 32  ? 12.536  3.429   2.163   1.00 32.20 ? 1517 PHE A C   1 
ATOM   225  O  O   . PHE A 1 32  ? 13.649  3.376   2.677   1.00 32.76 ? 1517 PHE A O   1 
ATOM   226  C  CB  . PHE A 1 32  ? 10.548  3.521   3.677   1.00 29.11 ? 1517 PHE A CB  1 
ATOM   227  C  CG  . PHE A 1 32  ? 9.207   2.951   4.063   1.00 28.96 ? 1517 PHE A CG  1 
ATOM   228  C  CD1 . PHE A 1 32  ? 9.100   1.978   5.069   1.00 26.52 ? 1517 PHE A CD1 1 
ATOM   229  C  CD2 . PHE A 1 32  ? 8.045   3.398   3.432   1.00 27.95 ? 1517 PHE A CD2 1 
ATOM   230  C  CE1 . PHE A 1 32  ? 7.853   1.453   5.444   1.00 26.83 ? 1517 PHE A CE1 1 
ATOM   231  C  CE2 . PHE A 1 32  ? 6.789   2.884   3.799   1.00 26.75 ? 1517 PHE A CE2 1 
ATOM   232  C  CZ  . PHE A 1 32  ? 6.686   1.912   4.803   1.00 29.06 ? 1517 PHE A CZ  1 
ATOM   233  N  N   . GLU A 1 33  ? 12.283  4.192   1.110   1.00 31.58 ? 1518 GLU A N   1 
ATOM   234  C  CA  . GLU A 1 33  ? 13.341  4.981   0.505   1.00 36.48 ? 1518 GLU A CA  1 
ATOM   235  C  C   . GLU A 1 33  ? 12.761  6.338   0.194   1.00 32.43 ? 1518 GLU A C   1 
ATOM   236  O  O   . GLU A 1 33  ? 11.584  6.456   -0.042  1.00 29.08 ? 1518 GLU A O   1 
ATOM   237  C  CB  . GLU A 1 33  ? 13.811  4.335   -0.809  1.00 38.42 ? 1518 GLU A CB  1 
ATOM   238  C  CG  . GLU A 1 33  ? 12.917  4.638   -2.006  1.00 53.79 ? 1518 GLU A CG  1 
ATOM   239  C  CD  . GLU A 1 33  ? 13.594  4.345   -3.341  1.00 62.17 ? 1518 GLU A CD  1 
ATOM   240  O  OE1 . GLU A 1 33  ? 14.613  5.006   -3.657  1.00 59.66 ? 1518 GLU A OE1 1 
ATOM   241  O  OE2 . GLU A 1 33  ? 13.098  3.455   -4.079  1.00 69.69 ? 1518 GLU A OE2 1 
ATOM   242  N  N   . LEU A 1 34  ? 13.608  7.345   0.156   1.00 32.33 ? 1519 LEU A N   1 
ATOM   243  C  CA  . LEU A 1 34  ? 13.205  8.713   -0.119  1.00 36.16 ? 1519 LEU A CA  1 
ATOM   244  C  C   . LEU A 1 34  ? 12.784  8.921   -1.572  1.00 38.41 ? 1519 LEU A C   1 
ATOM   245  O  O   . LEU A 1 34  ? 13.461  8.444   -2.473  1.00 38.57 ? 1519 LEU A O   1 
ATOM   246  C  CB  . LEU A 1 34  ? 14.399  9.608   0.209   1.00 36.84 ? 1519 LEU A CB  1 
ATOM   247  C  CG  . LEU A 1 34  ? 14.207  11.093  0.369   1.00 36.89 ? 1519 LEU A CG  1 
ATOM   248  C  CD1 . LEU A 1 34  ? 13.388  11.399  1.627   1.00 33.59 ? 1519 LEU A CD1 1 
ATOM   249  C  CD2 . LEU A 1 34  ? 15.600  11.699  0.430   1.00 41.01 ? 1519 LEU A CD2 1 
ATOM   250  N  N   . ASN A 1 35  ? 11.689  9.637   -1.833  1.00 32.12 ? 1520 ASN A N   1 
ATOM   251  C  CA  . ASN A 1 35  ? 11.318  9.822   -3.239  1.00 37.04 ? 1520 ASN A CA  1 
ATOM   252  C  C   . ASN A 1 35  ? 12.253  10.862  -3.888  1.00 33.31 ? 1520 ASN A C   1 
ATOM   253  O  O   . ASN A 1 35  ? 13.015  11.543  -3.195  1.00 33.97 ? 1520 ASN A O   1 
ATOM   254  C  CB  . ASN A 1 35  ? 9.867   10.259  -3.368  1.00 30.43 ? 1520 ASN A CB  1 
ATOM   255  C  CG  . ASN A 1 35  ? 9.692   11.717  -3.076  1.00 35.76 ? 1520 ASN A CG  1 
ATOM   256  O  OD1 . ASN A 1 35  ? 10.117  12.202  -2.021  1.00 35.44 ? 1520 ASN A OD1 1 
ATOM   257  N  ND2 . ASN A 1 35  ? 9.064   12.434  -4.004  1.00 33.19 ? 1520 ASN A ND2 1 
ATOM   258  N  N   . PRO A 1 36  ? 12.224  10.992  -5.229  1.00 36.36 ? 1521 PRO A N   1 
ATOM   259  C  CA  . PRO A 1 36  ? 13.098  11.953  -5.921  1.00 35.68 ? 1521 PRO A CA  1 
ATOM   260  C  C   . PRO A 1 36  ? 13.147  13.377  -5.400  1.00 35.76 ? 1521 PRO A C   1 
ATOM   261  O  O   . PRO A 1 36  ? 14.238  13.965  -5.347  1.00 34.23 ? 1521 PRO A O   1 
ATOM   262  C  CB  . PRO A 1 36  ? 12.591  11.910  -7.364  1.00 37.45 ? 1521 PRO A CB  1 
ATOM   263  C  CG  . PRO A 1 36  ? 12.126  10.494  -7.503  1.00 37.72 ? 1521 PRO A CG  1 
ATOM   264  C  CD  . PRO A 1 36  ? 11.372  10.285  -6.201  1.00 38.70 ? 1521 PRO A CD  1 
ATOM   265  N  N   . THR A 1 37  ? 11.985  13.940  -5.039  1.00 37.45 ? 1522 THR A N   1 
ATOM   266  C  CA  . THR A 1 37  ? 11.924  15.312  -4.552  1.00 32.72 ? 1522 THR A CA  1 
ATOM   267  C  C   . THR A 1 37  ? 12.204  15.450  -3.062  1.00 36.88 ? 1522 THR A C   1 
ATOM   268  O  O   . THR A 1 37  ? 12.164  16.545  -2.529  1.00 38.14 ? 1522 THR A O   1 
ATOM   269  C  CB  . THR A 1 37  ? 10.567  15.973  -4.857  1.00 39.84 ? 1522 THR A CB  1 
ATOM   270  O  OG1 . THR A 1 37  ? 9.499   15.150  -4.352  1.00 40.52 ? 1522 THR A OG1 1 
ATOM   271  C  CG2 . THR A 1 37  ? 10.408  16.169  -6.361  1.00 40.73 ? 1522 THR A CG2 1 
ATOM   272  N  N   . ARG A 1 38  ? 12.493  14.338  -2.397  1.00 31.64 ? 1523 ARG A N   1 
ATOM   273  C  CA  . ARG A 1 38  ? 12.791  14.350  -0.977  1.00 37.26 ? 1523 ARG A CA  1 
ATOM   274  C  C   . ARG A 1 38  ? 11.691  14.879  -0.035  1.00 35.31 ? 1523 ARG A C   1 
ATOM   275  O  O   . ARG A 1 38  ? 11.987  15.491  0.995   1.00 34.73 ? 1523 ARG A O   1 
ATOM   276  C  CB  . ARG A 1 38  ? 14.121  15.093  -0.757  1.00 38.08 ? 1523 ARG A CB  1 
ATOM   277  C  CG  . ARG A 1 38  ? 15.239  14.475  -1.630  1.00 43.03 ? 1523 ARG A CG  1 
ATOM   278  C  CD  . ARG A 1 38  ? 16.679  14.807  -1.166  1.00 40.49 ? 1523 ARG A CD  1 
ATOM   279  N  NE  . ARG A 1 38  ? 16.838  16.246  -0.998  1.00 32.06 ? 1523 ARG A NE  1 
ATOM   280  C  CZ  . ARG A 1 38  ? 18.002  16.868  -0.826  1.00 38.03 ? 1523 ARG A CZ  1 
ATOM   281  N  NH1 . ARG A 1 38  ? 19.136  16.179  -0.804  1.00 33.23 ? 1523 ARG A NH1 1 
ATOM   282  N  NH2 . ARG A 1 38  ? 18.019  18.187  -0.645  1.00 34.89 ? 1523 ARG A NH2 1 
ATOM   283  N  N   . VAL A 1 39  ? 10.425  14.630  -0.366  1.00 29.07 ? 1524 VAL A N   1 
ATOM   284  C  CA  . VAL A 1 39  ? 9.362   15.094  0.516   1.00 31.12 ? 1524 VAL A CA  1 
ATOM   285  C  C   . VAL A 1 39  ? 8.702   13.946  1.250   1.00 31.79 ? 1524 VAL A C   1 
ATOM   286  O  O   . VAL A 1 39  ? 7.781   14.158  2.032   1.00 29.70 ? 1524 VAL A O   1 
ATOM   287  C  CB  . VAL A 1 39  ? 8.250   15.882  -0.228  1.00 34.44 ? 1524 VAL A CB  1 
ATOM   288  C  CG1 . VAL A 1 39  ? 8.847   17.061  -0.932  1.00 42.23 ? 1524 VAL A CG1 1 
ATOM   289  C  CG2 . VAL A 1 39  ? 7.482   14.974  -1.214  1.00 33.53 ? 1524 VAL A CG2 1 
ATOM   290  N  N   . GLY A 1 40  ? 9.168   12.723  1.002   1.00 32.59 ? 1525 GLY A N   1 
ATOM   291  C  CA  . GLY A 1 40  ? 8.557   11.600  1.669   1.00 32.94 ? 1525 GLY A CA  1 
ATOM   292  C  C   . GLY A 1 40  ? 9.242   10.281  1.386   1.00 35.33 ? 1525 GLY A C   1 
ATOM   293  O  O   . GLY A 1 40  ? 10.165  10.195  0.588   1.00 32.14 ? 1525 GLY A O   1 
ATOM   294  N  N   . CYS A 1 41  ? 8.727   9.251   2.039   1.00 28.99 ? 1526 CYS A N   1 
ATOM   295  C  CA  . CYS A 1 41  ? 9.251   7.899   1.965   1.00 31.79 ? 1526 CYS A CA  1 
ATOM   296  C  C   . CYS A 1 41  ? 8.275   6.919   1.329   1.00 29.65 ? 1526 CYS A C   1 
ATOM   297  O  O   . CYS A 1 41  ? 7.075   6.994   1.553   1.00 27.99 ? 1526 CYS A O   1 
ATOM   298  C  CB  . CYS A 1 41  ? 9.583   7.439   3.376   1.00 24.57 ? 1526 CYS A CB  1 
ATOM   299  S  SG  . CYS A 1 41  ? 10.794  8.503   4.233   1.00 33.39 ? 1526 CYS A SG  1 
ATOM   300  N  N   . VAL A 1 42  ? 8.798   6.003   0.523   1.00 30.33 ? 1527 VAL A N   1 
ATOM   301  C  CA  . VAL A 1 42  ? 7.959   4.980   -0.099  1.00 28.55 ? 1527 VAL A CA  1 
ATOM   302  C  C   . VAL A 1 42  ? 8.717   3.660   -0.145  1.00 27.93 ? 1527 VAL A C   1 
ATOM   303  O  O   . VAL A 1 42  ? 9.933   3.648   -0.186  1.00 32.00 ? 1527 VAL A O   1 
ATOM   304  C  CB  . VAL A 1 42  ? 7.572   5.342   -1.539  1.00 26.93 ? 1527 VAL A CB  1 
ATOM   305  C  CG1 . VAL A 1 42  ? 6.577   6.550   -1.525  1.00 32.35 ? 1527 VAL A CG1 1 
ATOM   306  C  CG2 . VAL A 1 42  ? 8.836   5.682   -2.336  1.00 28.50 ? 1527 VAL A CG2 1 
ATOM   307  N  N   . ASP A 1 43  ? 7.978   2.562   -0.161  1.00 31.16 ? 1528 ASP A N   1 
ATOM   308  C  CA  . ASP A 1 43  ? 8.589   1.225   -0.223  1.00 31.92 ? 1528 ASP A CA  1 
ATOM   309  C  C   . ASP A 1 43  ? 8.476   0.908   -1.731  1.00 31.06 ? 1528 ASP A C   1 
ATOM   310  O  O   . ASP A 1 43  ? 7.389   0.755   -2.287  1.00 29.52 ? 1528 ASP A O   1 
ATOM   311  C  CB  . ASP A 1 43  ? 7.783   0.251   0.653   1.00 30.55 ? 1528 ASP A CB  1 
ATOM   312  C  CG  . ASP A 1 43  ? 8.372   -1.178  0.667   1.00 32.85 ? 1528 ASP A CG  1 
ATOM   313  O  OD1 . ASP A 1 43  ? 9.043   -1.535  -0.308  1.00 32.18 ? 1528 ASP A OD1 1 
ATOM   314  O  OD2 . ASP A 1 43  ? 8.134   -1.944  1.632   1.00 34.58 ? 1528 ASP A OD2 1 
ATOM   315  N  N   . THR A 1 44  ? 9.608   0.863   -2.410  1.00 32.24 ? 1529 THR A N   1 
ATOM   316  C  CA  . THR A 1 44  ? 9.561   0.635   -3.852  1.00 32.89 ? 1529 THR A CA  1 
ATOM   317  C  C   . THR A 1 44  ? 9.876   -0.789  -4.271  1.00 34.95 ? 1529 THR A C   1 
ATOM   318  O  O   . THR A 1 44  ? 10.045  -1.040  -5.451  1.00 37.27 ? 1529 THR A O   1 
ATOM   319  C  CB  . THR A 1 44  ? 10.552  1.537   -4.575  1.00 35.09 ? 1529 THR A CB  1 
ATOM   320  O  OG1 . THR A 1 44  ? 11.840  1.285   -4.028  1.00 34.45 ? 1529 THR A OG1 1 
ATOM   321  C  CG2 . THR A 1 44  ? 10.205  3.021   -4.373  1.00 44.01 ? 1529 THR A CG2 1 
ATOM   322  N  N   . ARG A 1 45  ? 9.975   -1.714  -3.329  1.00 31.18 ? 1530 ARG A N   1 
ATOM   323  C  CA  . ARG A 1 45  ? 10.247  -3.092  -3.702  1.00 33.88 ? 1530 ARG A CA  1 
ATOM   324  C  C   . ARG A 1 45  ? 9.041   -3.743  -4.398  1.00 35.94 ? 1530 ARG A C   1 
ATOM   325  O  O   . ARG A 1 45  ? 7.930   -3.207  -4.399  1.00 36.13 ? 1530 ARG A O   1 
ATOM   326  C  CB  . ARG A 1 45  ? 10.622  -3.905  -2.467  1.00 32.79 ? 1530 ARG A CB  1 
ATOM   327  C  CG  . ARG A 1 45  ? 11.795  -3.362  -1.704  1.00 36.91 ? 1530 ARG A CG  1 
ATOM   328  C  CD  . ARG A 1 45  ? 11.936  -4.060  -0.367  1.00 38.21 ? 1530 ARG A CD  1 
ATOM   329  N  NE  . ARG A 1 45  ? 10.801  -3.793  0.523   1.00 37.09 ? 1530 ARG A NE  1 
ATOM   330  C  CZ  . ARG A 1 45  ? 10.482  -4.543  1.568   1.00 33.76 ? 1530 ARG A CZ  1 
ATOM   331  N  NH1 . ARG A 1 45  ? 11.207  -5.615  1.861   1.00 41.38 ? 1530 ARG A NH1 1 
ATOM   332  N  NH2 . ARG A 1 45  ? 9.445   -4.220  2.334   1.00 34.64 ? 1530 ARG A NH2 1 
ATOM   333  N  N   . SER A 1 46  ? 9.269   -4.890  -5.032  1.00 39.35 ? 1531 SER A N   1 
ATOM   334  C  CA  . SER A 1 46  ? 8.190   -5.609  -5.704  1.00 42.54 ? 1531 SER A CA  1 
ATOM   335  C  C   . SER A 1 46  ? 8.058   -6.963  -5.052  1.00 42.14 ? 1531 SER A C   1 
ATOM   336  O  O   . SER A 1 46  ? 9.045   -7.536  -4.588  1.00 41.43 ? 1531 SER A O   1 
ATOM   337  C  CB  . SER A 1 46  ? 8.476   -5.779  -7.196  1.00 49.09 ? 1531 SER A CB  1 
ATOM   338  O  OG  . SER A 1 46  ? 8.403   -4.524  -7.847  1.00 54.29 ? 1531 SER A OG  1 
ATOM   339  N  N   . GLY A 1 47  ? 6.841   -7.476  -4.993  1.00 36.42 ? 1532 GLY A N   1 
ATOM   340  C  CA  . GLY A 1 47  ? 6.669   -8.759  -4.345  1.00 37.93 ? 1532 GLY A CA  1 
ATOM   341  C  C   . GLY A 1 47  ? 5.287   -9.283  -4.592  1.00 38.56 ? 1532 GLY A C   1 
ATOM   342  O  O   . GLY A 1 47  ? 4.434   -8.591  -5.133  1.00 36.35 ? 1532 GLY A O   1 
ATOM   343  N  N   . ASN A 1 48  ? 5.055   -10.522 -4.197  1.00 35.64 ? 1533 ASN A N   1 
ATOM   344  C  CA  . ASN A 1 48  ? 3.752   -11.085 -4.414  1.00 34.30 ? 1533 ASN A CA  1 
ATOM   345  C  C   . ASN A 1 48  ? 2.869   -10.736 -3.228  1.00 30.23 ? 1533 ASN A C   1 
ATOM   346  O  O   . ASN A 1 48  ? 3.331   -10.563 -2.114  1.00 32.24 ? 1533 ASN A O   1 
ATOM   347  C  CB  . ASN A 1 48  ? 3.855   -12.610 -4.602  1.00 34.20 ? 1533 ASN A CB  1 
ATOM   348  C  CG  . ASN A 1 48  ? 4.684   -12.989 -5.820  1.00 39.11 ? 1533 ASN A CG  1 
ATOM   349  O  OD1 . ASN A 1 48  ? 4.722   -12.256 -6.801  1.00 40.68 ? 1533 ASN A OD1 1 
ATOM   350  N  ND2 . ASN A 1 48  ? 5.343   -14.143 -5.764  1.00 44.56 ? 1533 ASN A ND2 1 
ATOM   351  N  N   . CYS A 1 49  ? 1.583   -10.641 -3.479  1.00 29.93 ? 1534 CYS A N   1 
ATOM   352  C  CA  . CYS A 1 49  ? 0.640   -10.313 -2.425  1.00 33.49 ? 1534 CYS A CA  1 
ATOM   353  C  C   . CYS A 1 49  ? -0.184  -11.554 -2.148  1.00 34.84 ? 1534 CYS A C   1 
ATOM   354  O  O   . CYS A 1 49  ? -0.687  -12.166 -3.093  1.00 34.28 ? 1534 CYS A O   1 
ATOM   355  C  CB  . CYS A 1 49  ? -0.270  -9.194  -2.912  1.00 30.79 ? 1534 CYS A CB  1 
ATOM   356  S  SG  . CYS A 1 49  ? -1.443  -8.614  -1.669  1.00 32.66 ? 1534 CYS A SG  1 
ATOM   357  N  N   . TYR A 1 50  ? -0.344  -11.888 -0.862  1.00 37.30 ? 1535 TYR A N   1 
ATOM   358  C  CA  . TYR A 1 50  ? -1.080  -13.065 -0.422  1.00 36.37 ? 1535 TYR A CA  1 
ATOM   359  C  C   . TYR A 1 50  ? -2.268  -12.775 0.462   1.00 39.59 ? 1535 TYR A C   1 
ATOM   360  O  O   . TYR A 1 50  ? -2.248  -11.896 1.336   1.00 35.34 ? 1535 TYR A O   1 
ATOM   361  C  CB  . TYR A 1 50  ? -0.159  -14.023 0.343   1.00 37.28 ? 1535 TYR A CB  1 
ATOM   362  C  CG  . TYR A 1 50  ? 1.065   -14.421 -0.432  1.00 37.81 ? 1535 TYR A CG  1 
ATOM   363  C  CD1 . TYR A 1 50  ? 1.033   -15.488 -1.337  1.00 37.87 ? 1535 TYR A CD1 1 
ATOM   364  C  CD2 . TYR A 1 50  ? 2.240   -13.691 -0.309  1.00 36.41 ? 1535 TYR A CD2 1 
ATOM   365  C  CE1 . TYR A 1 50  ? 2.154   -15.813 -2.112  1.00 38.81 ? 1535 TYR A CE1 1 
ATOM   366  C  CE2 . TYR A 1 50  ? 3.373   -14.005 -1.071  1.00 42.67 ? 1535 TYR A CE2 1 
ATOM   367  C  CZ  . TYR A 1 50  ? 3.323   -15.068 -1.972  1.00 42.52 ? 1535 TYR A CZ  1 
ATOM   368  O  OH  . TYR A 1 50  ? 4.450   -15.373 -2.700  1.00 44.23 ? 1535 TYR A OH  1 
ATOM   369  N  N   . LEU A 1 51  ? -3.301  -13.570 0.264   1.00 38.73 ? 1536 LEU A N   1 
ATOM   370  C  CA  . LEU A 1 51  ? -4.509  -13.397 1.032   1.00 45.69 ? 1536 LEU A CA  1 
ATOM   371  C  C   . LEU A 1 51  ? -4.448  -14.135 2.369   1.00 46.76 ? 1536 LEU A C   1 
ATOM   372  O  O   . LEU A 1 51  ? -5.213  -13.816 3.271   1.00 50.52 ? 1536 LEU A O   1 
ATOM   373  C  CB  . LEU A 1 51  ? -5.693  -13.884 0.190   1.00 48.55 ? 1536 LEU A CB  1 
ATOM   374  C  CG  . LEU A 1 51  ? -7.102  -13.354 0.451   1.00 51.65 ? 1536 LEU A CG  1 
ATOM   375  C  CD1 . LEU A 1 51  ? -7.141  -11.839 0.303   1.00 48.01 ? 1536 LEU A CD1 1 
ATOM   376  C  CD2 . LEU A 1 51  ? -8.055  -14.011 -0.540  1.00 54.08 ? 1536 LEU A CD2 1 
ATOM   377  N  N   . ASP A 1 52  ? -3.532  -15.091 2.516   1.00 50.41 ? 1537 ASP A N   1 
ATOM   378  C  CA  . ASP A 1 52  ? -3.446  -15.869 3.759   1.00 57.76 ? 1537 ASP A CA  1 
ATOM   379  C  C   . ASP A 1 52  ? -2.046  -16.203 4.302   1.00 59.63 ? 1537 ASP A C   1 
ATOM   380  O  O   . ASP A 1 52  ? -1.070  -16.324 3.548   1.00 55.09 ? 1537 ASP A O   1 
ATOM   381  C  CB  . ASP A 1 52  ? -4.235  -17.182 3.596   1.00 62.84 ? 1537 ASP A CB  1 
ATOM   382  C  CG  . ASP A 1 52  ? -5.726  -16.947 3.374   1.00 67.76 ? 1537 ASP A CG  1 
ATOM   383  O  OD1 . ASP A 1 52  ? -6.302  -17.565 2.461   1.00 70.09 ? 1537 ASP A OD1 1 
ATOM   384  O  OD2 . ASP A 1 52  ? -6.332  -16.147 4.117   1.00 72.41 ? 1537 ASP A OD2 1 
ATOM   385  N  N   . ILE A 1 53  ? -1.975  -16.348 5.628   1.00 61.34 ? 1538 ILE A N   1 
ATOM   386  C  CA  . ILE A 1 53  ? -0.739  -16.687 6.333   1.00 67.66 ? 1538 ILE A CA  1 
ATOM   387  C  C   . ILE A 1 53  ? -1.027  -17.243 7.719   1.00 68.57 ? 1538 ILE A C   1 
ATOM   388  O  O   . ILE A 1 53  ? -1.695  -18.265 7.859   1.00 72.45 ? 1538 ILE A O   1 
ATOM   389  C  CB  . ILE A 1 53  ? 0.189   -15.477 6.512   1.00 70.36 ? 1538 ILE A CB  1 
ATOM   390  C  CG1 . ILE A 1 53  ? -0.587  -14.304 7.103   1.00 71.89 ? 1538 ILE A CG1 1 
ATOM   391  C  CG2 . ILE A 1 53  ? 0.829   -15.119 5.193   1.00 75.14 ? 1538 ILE A CG2 1 
ATOM   392  C  CD1 . ILE A 1 53  ? 0.294   -13.122 7.440   1.00 74.32 ? 1538 ILE A CD1 1 
ATOM   393  N  N   . CYS A 1 64  ? 2.952   -18.248 3.784   1.00 65.17 ? 1549 CYS A N   1 
ATOM   394  C  CA  . CYS A 1 64  ? 2.424   -17.342 2.765   1.00 64.75 ? 1549 CYS A CA  1 
ATOM   395  C  C   . CYS A 1 64  ? 1.700   -18.132 1.690   1.00 60.39 ? 1549 CYS A C   1 
ATOM   396  O  O   . CYS A 1 64  ? 2.306   -18.958 1.010   1.00 63.14 ? 1549 CYS A O   1 
ATOM   397  C  CB  . CYS A 1 64  ? 3.563   -16.574 2.097   1.00 66.48 ? 1549 CYS A CB  1 
ATOM   398  S  SG  . CYS A 1 64  ? 3.608   -14.768 2.330   1.00 71.23 ? 1549 CYS A SG  1 
ATOM   399  N  N   . SER A 1 65  ? 0.411   -17.876 1.516   1.00 56.26 ? 1550 SER A N   1 
ATOM   400  C  CA  . SER A 1 65  ? -0.328  -18.588 0.491   1.00 52.44 ? 1550 SER A CA  1 
ATOM   401  C  C   . SER A 1 65  ? -1.482  -17.798 -0.064  1.00 48.61 ? 1550 SER A C   1 
ATOM   402  O  O   . SER A 1 65  ? -1.873  -16.763 0.479   1.00 43.26 ? 1550 SER A O   1 
ATOM   403  C  CB  . SER A 1 65  ? -0.827  -19.938 1.020   1.00 50.70 ? 1550 SER A CB  1 
ATOM   404  O  OG  . SER A 1 65  ? -1.491  -19.790 2.262   1.00 51.68 ? 1550 SER A OG  1 
ATOM   405  N  N   . ASN A 1 66  ? -2.009  -18.298 -1.176  1.00 49.05 ? 1551 ASN A N   1 
ATOM   406  C  CA  . ASN A 1 66  ? -3.140  -17.692 -1.863  1.00 48.37 ? 1551 ASN A CA  1 
ATOM   407  C  C   . ASN A 1 66  ? -2.765  -16.361 -2.483  1.00 47.21 ? 1551 ASN A C   1 
ATOM   408  O  O   . ASN A 1 66  ? -3.308  -15.320 -2.132  1.00 37.79 ? 1551 ASN A O   1 
ATOM   409  C  CB  . ASN A 1 66  ? -4.325  -17.518 -0.901  1.00 50.69 ? 1551 ASN A CB  1 
ATOM   410  C  CG  . ASN A 1 66  ? -5.660  -17.622 -1.608  1.00 60.76 ? 1551 ASN A CG  1 
ATOM   411  O  OD1 . ASN A 1 66  ? -6.698  -17.801 -0.973  1.00 66.60 ? 1551 ASN A OD1 1 
ATOM   412  N  ND2 . ASN A 1 66  ? -5.642  -17.498 -2.935  1.00 61.78 ? 1551 ASN A ND2 1 
ATOM   413  N  N   . GLU A 1 67  ? -1.843  -16.426 -3.427  1.00 43.76 ? 1552 GLU A N   1 
ATOM   414  C  CA  . GLU A 1 67  ? -1.360  -15.252 -4.142  1.00 46.27 ? 1552 GLU A CA  1 
ATOM   415  C  C   . GLU A 1 67  ? -2.500  -14.508 -4.864  1.00 42.45 ? 1552 GLU A C   1 
ATOM   416  O  O   . GLU A 1 67  ? -3.278  -15.115 -5.589  1.00 41.83 ? 1552 GLU A O   1 
ATOM   417  C  CB  . GLU A 1 67  ? -0.292  -15.732 -5.128  1.00 50.29 ? 1552 GLU A CB  1 
ATOM   418  C  CG  . GLU A 1 67  ? 0.468   -14.681 -5.882  1.00 54.69 ? 1552 GLU A CG  1 
ATOM   419  C  CD  . GLU A 1 67  ? 1.512   -15.304 -6.793  1.00 59.38 ? 1552 GLU A CD  1 
ATOM   420  O  OE1 . GLU A 1 67  ? 2.631   -15.611 -6.325  1.00 61.52 ? 1552 GLU A OE1 1 
ATOM   421  O  OE2 . GLU A 1 67  ? 1.204   -15.506 -7.978  1.00 61.41 ? 1552 GLU A OE2 1 
ATOM   422  N  N   . ILE A 1 68  ? -2.633  -13.201 -4.647  1.00 37.21 ? 1553 ILE A N   1 
ATOM   423  C  CA  . ILE A 1 68  ? -3.693  -12.451 -5.342  1.00 30.20 ? 1553 ILE A CA  1 
ATOM   424  C  C   . ILE A 1 68  ? -3.109  -11.374 -6.248  1.00 29.30 ? 1553 ILE A C   1 
ATOM   425  O  O   . ILE A 1 68  ? -3.822  -10.712 -6.992  1.00 32.89 ? 1553 ILE A O   1 
ATOM   426  C  CB  . ILE A 1 68  ? -4.684  -11.806 -4.349  1.00 30.39 ? 1553 ILE A CB  1 
ATOM   427  C  CG1 . ILE A 1 68  ? -3.927  -11.073 -3.245  1.00 28.22 ? 1553 ILE A CG1 1 
ATOM   428  C  CG2 . ILE A 1 68  ? -5.603  -12.888 -3.740  1.00 30.90 ? 1553 ILE A CG2 1 
ATOM   429  C  CD1 . ILE A 1 68  ? -4.830  -10.195 -2.392  1.00 29.79 ? 1553 ILE A CD1 1 
ATOM   430  N  N   . GLY A 1 69  ? -1.799  -11.210 -6.170  1.00 29.09 ? 1554 GLY A N   1 
ATOM   431  C  CA  . GLY A 1 69  ? -1.120  -10.232 -6.983  1.00 33.18 ? 1554 GLY A CA  1 
ATOM   432  C  C   . GLY A 1 69  ? 0.329   -10.615 -7.145  1.00 28.24 ? 1554 GLY A C   1 
ATOM   433  O  O   . GLY A 1 69  ? 0.943   -11.209 -6.245  1.00 33.51 ? 1554 GLY A O   1 
ATOM   434  N  N   . VAL A 1 70  ? 0.881   -10.279 -8.305  1.00 31.16 ? 1555 VAL A N   1 
ATOM   435  C  CA  . VAL A 1 70  ? 2.263   -10.570 -8.624  1.00 33.33 ? 1555 VAL A CA  1 
ATOM   436  C  C   . VAL A 1 70  ? 3.036   -9.306  -8.942  1.00 30.11 ? 1555 VAL A C   1 
ATOM   437  O  O   . VAL A 1 70  ? 2.569   -8.467  -9.700  1.00 37.09 ? 1555 VAL A O   1 
ATOM   438  C  CB  . VAL A 1 70  ? 2.363   -11.527 -9.856  1.00 41.94 ? 1555 VAL A CB  1 
ATOM   439  C  CG1 . VAL A 1 70  ? 3.827   -11.677 -10.292 1.00 36.00 ? 1555 VAL A CG1 1 
ATOM   440  C  CG2 . VAL A 1 70  ? 1.761   -12.896 -9.503  1.00 42.46 ? 1555 VAL A CG2 1 
ATOM   441  N  N   . GLY A 1 71  ? 4.229   -9.200  -8.371  1.00 32.73 ? 1556 GLY A N   1 
ATOM   442  C  CA  . GLY A 1 71  ? 5.077   -8.060  -8.605  1.00 38.02 ? 1556 GLY A CA  1 
ATOM   443  C  C   . GLY A 1 71  ? 4.424   -6.737  -8.263  1.00 38.80 ? 1556 GLY A C   1 
ATOM   444  O  O   . GLY A 1 71  ? 4.465   -5.812  -9.076  1.00 40.33 ? 1556 GLY A O   1 
ATOM   445  N  N   . VAL A 1 72  ? 3.828   -6.639  -7.076  1.00 34.07 ? 1557 VAL A N   1 
ATOM   446  C  CA  . VAL A 1 72  ? 3.188   -5.383  -6.648  1.00 32.50 ? 1557 VAL A CA  1 
ATOM   447  C  C   . VAL A 1 72  ? 3.931   -4.819  -5.440  1.00 30.51 ? 1557 VAL A C   1 
ATOM   448  O  O   . VAL A 1 72  ? 4.713   -5.534  -4.788  1.00 29.16 ? 1557 VAL A O   1 
ATOM   449  C  CB  . VAL A 1 72  ? 1.686   -5.600  -6.288  1.00 32.73 ? 1557 VAL A CB  1 
ATOM   450  C  CG1 . VAL A 1 72  ? 0.921   -6.079  -7.526  1.00 38.11 ? 1557 VAL A CG1 1 
ATOM   451  C  CG2 . VAL A 1 72  ? 1.535   -6.586  -5.130  1.00 37.41 ? 1557 VAL A CG2 1 
ATOM   452  N  N   . SER A 1 73  ? 3.695   -3.548  -5.111  1.00 28.21 ? 1558 SER A N   1 
ATOM   453  C  CA  . SER A 1 73  ? 4.392   -2.938  -3.958  1.00 21.84 ? 1558 SER A CA  1 
ATOM   454  C  C   . SER A 1 73  ? 3.684   -3.393  -2.690  1.00 24.74 ? 1558 SER A C   1 
ATOM   455  O  O   . SER A 1 73  ? 2.523   -3.828  -2.731  1.00 25.09 ? 1558 SER A O   1 
ATOM   456  C  CB  . SER A 1 73  ? 4.345   -1.409  -4.089  1.00 26.55 ? 1558 SER A CB  1 
ATOM   457  O  OG  . SER A 1 73  ? 3.002   -0.969  -3.925  1.00 27.60 ? 1558 SER A OG  1 
ATOM   458  N  N   . LYS A 1 74  ? 4.373   -3.302  -1.564  1.00 25.31 ? 1559 LYS A N   1 
ATOM   459  C  CA  . LYS A 1 74  ? 3.798   -3.699  -0.307  1.00 29.57 ? 1559 LYS A CA  1 
ATOM   460  C  C   . LYS A 1 74  ? 2.583   -2.828  0.048   1.00 25.53 ? 1559 LYS A C   1 
ATOM   461  O  O   . LYS A 1 74  ? 1.588   -3.319  0.538   1.00 25.29 ? 1559 LYS A O   1 
ATOM   462  C  CB  . LYS A 1 74  ? 4.856   -3.627  0.785   1.00 25.59 ? 1559 LYS A CB  1 
ATOM   463  C  CG  . LYS A 1 74  ? 4.410   -4.265  2.103   1.00 27.60 ? 1559 LYS A CG  1 
ATOM   464  C  CD  . LYS A 1 74  ? 5.541   -4.245  3.134   1.00 30.58 ? 1559 LYS A CD  1 
ATOM   465  C  CE  . LYS A 1 74  ? 5.132   -4.939  4.441   1.00 33.12 ? 1559 LYS A CE  1 
ATOM   466  N  NZ  . LYS A 1 74  ? 6.376   -5.149  5.235   1.00 31.57 ? 1559 LYS A NZ  1 
ATOM   467  N  N   . ALA A 1 75  ? 2.643   -1.529  -0.220  1.00 26.63 ? 1560 ALA A N   1 
ATOM   468  C  CA  . ALA A 1 75  ? 1.477   -0.699  0.118   1.00 24.13 ? 1560 ALA A CA  1 
ATOM   469  C  C   . ALA A 1 75  ? 0.268   -1.082  -0.751  1.00 22.77 ? 1560 ALA A C   1 
ATOM   470  O  O   . ALA A 1 75  ? -0.867  -1.145  -0.261  1.00 23.25 ? 1560 ALA A O   1 
ATOM   471  C  CB  . ALA A 1 75  ? 1.831   0.819   -0.037  1.00 22.55 ? 1560 ALA A CB  1 
ATOM   472  N  N   . SER A 1 76  ? 0.479   -1.363  -2.046  1.00 24.64 ? 1561 SER A N   1 
ATOM   473  C  CA  . SER A 1 76  ? -0.685  -1.722  -2.889  1.00 23.25 ? 1561 SER A CA  1 
ATOM   474  C  C   . SER A 1 76  ? -1.378  -2.962  -2.325  1.00 26.35 ? 1561 SER A C   1 
ATOM   475  O  O   . SER A 1 76  ? -2.603  -3.097  -2.336  1.00 28.73 ? 1561 SER A O   1 
ATOM   476  C  CB  . SER A 1 76  ? -0.272  -1.995  -4.347  1.00 26.13 ? 1561 SER A CB  1 
ATOM   477  O  OG  . SER A 1 76  ? 0.019   -0.790  -5.042  1.00 29.60 ? 1561 SER A OG  1 
ATOM   478  N  N   . CYS A 1 77  ? -0.569  -3.858  -1.797  1.00 25.99 ? 1562 CYS A N   1 
ATOM   479  C  CA  . CYS A 1 77  ? -1.052  -5.109  -1.234  1.00 26.39 ? 1562 CYS A CA  1 
ATOM   480  C  C   . CYS A 1 77  ? -1.672  -4.913  0.147   1.00 25.24 ? 1562 CYS A C   1 
ATOM   481  O  O   . CYS A 1 77  ? -2.851  -5.204  0.387   1.00 28.01 ? 1562 CYS A O   1 
ATOM   482  C  CB  . CYS A 1 77  ? 0.145   -6.061  -1.123  1.00 26.72 ? 1562 CYS A CB  1 
ATOM   483  S  SG  . CYS A 1 77  ? -0.214  -7.671  -0.338  1.00 33.63 ? 1562 CYS A SG  1 
ATOM   484  N  N   . CYS A 1 78  ? -0.873  -4.387  1.052   1.00 26.90 ? 1563 CYS A N   1 
ATOM   485  C  CA  . CYS A 1 78  ? -1.294  -4.233  2.432   1.00 29.65 ? 1563 CYS A CA  1 
ATOM   486  C  C   . CYS A 1 78  ? -2.308  -3.147  2.732   1.00 29.90 ? 1563 CYS A C   1 
ATOM   487  O  O   . CYS A 1 78  ? -3.048  -3.254  3.703   1.00 26.09 ? 1563 CYS A O   1 
ATOM   488  C  CB  . CYS A 1 78  ? -0.063  -4.048  3.295   1.00 29.57 ? 1563 CYS A CB  1 
ATOM   489  S  SG  . CYS A 1 78  ? 1.039   -5.507  3.314   1.00 35.35 ? 1563 CYS A SG  1 
ATOM   490  N  N   . CYS A 1 79  ? -2.330  -2.087  1.924   1.00 23.86 ? 1564 CYS A N   1 
ATOM   491  C  CA  . CYS A 1 79  ? -3.307  -1.037  2.166   1.00 25.48 ? 1564 CYS A CA  1 
ATOM   492  C  C   . CYS A 1 79  ? -4.627  -1.426  1.503   1.00 26.43 ? 1564 CYS A C   1 
ATOM   493  O  O   . CYS A 1 79  ? -5.614  -0.677  1.587   1.00 28.84 ? 1564 CYS A O   1 
ATOM   494  C  CB  . CYS A 1 79  ? -2.830  0.298   1.622   1.00 21.02 ? 1564 CYS A CB  1 
ATOM   495  S  SG  . CYS A 1 79  ? -1.205  0.807   2.278   1.00 27.39 ? 1564 CYS A SG  1 
ATOM   496  N  N   . SER A 1 80  ? -4.634  -2.582  0.837   1.00 27.94 ? 1565 SER A N   1 
ATOM   497  C  CA  . SER A 1 80  ? -5.858  -3.107  0.231   1.00 27.51 ? 1565 SER A CA  1 
ATOM   498  C  C   . SER A 1 80  ? -6.238  -4.320  1.100   1.00 29.83 ? 1565 SER A C   1 
ATOM   499  O  O   . SER A 1 80  ? -6.096  -4.268  2.317   1.00 31.14 ? 1565 SER A O   1 
ATOM   500  C  CB  . SER A 1 80  ? -5.627  -3.563  -1.211  1.00 28.08 ? 1565 SER A CB  1 
ATOM   501  O  OG  . SER A 1 80  ? -6.834  -4.105  -1.728  1.00 39.25 ? 1565 SER A OG  1 
ATOM   502  N  N   . LEU A 1 81  ? -6.651  -5.416  0.467   1.00 29.15 ? 1566 LEU A N   1 
ATOM   503  C  CA  . LEU A 1 81  ? -7.100  -6.603  1.183   1.00 33.52 ? 1566 LEU A CA  1 
ATOM   504  C  C   . LEU A 1 81  ? -6.024  -7.647  1.425   1.00 29.56 ? 1566 LEU A C   1 
ATOM   505  O  O   . LEU A 1 81  ? -6.325  -8.720  1.913   1.00 33.86 ? 1566 LEU A O   1 
ATOM   506  C  CB  . LEU A 1 81  ? -8.288  -7.239  0.428   1.00 31.05 ? 1566 LEU A CB  1 
ATOM   507  C  CG  . LEU A 1 81  ? -9.515  -6.316  0.242   1.00 31.28 ? 1566 LEU A CG  1 
ATOM   508  C  CD1 . LEU A 1 81  ? -10.708 -7.093  -0.306  1.00 28.62 ? 1566 LEU A CD1 1 
ATOM   509  C  CD2 . LEU A 1 81  ? -9.898  -5.708  1.582   1.00 38.25 ? 1566 LEU A CD2 1 
ATOM   510  N  N   . GLY A 1 82  ? -4.775  -7.350  1.089   1.00 28.59 ? 1567 GLY A N   1 
ATOM   511  C  CA  . GLY A 1 82  ? -3.702  -8.313  1.309   1.00 28.38 ? 1567 GLY A CA  1 
ATOM   512  C  C   . GLY A 1 82  ? -3.355  -8.538  2.774   1.00 32.42 ? 1567 GLY A C   1 
ATOM   513  O  O   . GLY A 1 82  ? -3.475  -7.644  3.602   1.00 29.68 ? 1567 GLY A O   1 
ATOM   514  N  N   . LYS A 1 83  ? -2.909  -9.744  3.114   1.00 33.24 ? 1568 LYS A N   1 
ATOM   515  C  CA  . LYS A 1 83  ? -2.554  -10.042 4.484   1.00 33.39 ? 1568 LYS A CA  1 
ATOM   516  C  C   . LYS A 1 83  ? -1.061  -10.278 4.676   1.00 31.32 ? 1568 LYS A C   1 
ATOM   517  O  O   . LYS A 1 83  ? -0.541  -10.140 5.781   1.00 32.14 ? 1568 LYS A O   1 
ATOM   518  C  CB  . LYS A 1 83  ? -3.363  -11.245 4.966   1.00 38.75 ? 1568 LYS A CB  1 
ATOM   519  C  CG  . LYS A 1 83  ? -4.833  -10.919 5.154   1.00 46.35 ? 1568 LYS A CG  1 
ATOM   520  C  CD  . LYS A 1 83  ? -5.008  -9.842  6.218   1.00 57.32 ? 1568 LYS A CD  1 
ATOM   521  C  CE  . LYS A 1 83  ? -6.469  -9.616  6.614   1.00 61.83 ? 1568 LYS A CE  1 
ATOM   522  N  NZ  . LYS A 1 83  ? -7.263  -8.980  5.533   1.00 64.11 ? 1568 LYS A NZ  1 
ATOM   523  N  N   . ALA A 1 84  ? -0.373  -10.592 3.585   1.00 30.15 ? 1569 ALA A N   1 
ATOM   524  C  CA  . ALA A 1 84  ? 1.052   -10.819 3.618   1.00 32.93 ? 1569 ALA A CA  1 
ATOM   525  C  C   . ALA A 1 84  ? 1.586   -10.471 2.254   1.00 29.32 ? 1569 ALA A C   1 
ATOM   526  O  O   . ALA A 1 84  ? 0.861   -10.509 1.265   1.00 34.05 ? 1569 ALA A O   1 
ATOM   527  C  CB  . ALA A 1 84  ? 1.368   -12.270 3.948   1.00 32.70 ? 1569 ALA A CB  1 
ATOM   528  N  N   . TRP A 1 85  ? 2.875   -10.172 2.212   1.00 31.15 ? 1570 TRP A N   1 
ATOM   529  C  CA  . TRP A 1 85  ? 3.525   -9.744  0.987   1.00 32.78 ? 1570 TRP A CA  1 
ATOM   530  C  C   . TRP A 1 85  ? 4.995   -10.153 0.924   1.00 35.13 ? 1570 TRP A C   1 
ATOM   531  O  O   . TRP A 1 85  ? 5.663   -10.289 1.965   1.00 38.22 ? 1570 TRP A O   1 
ATOM   532  C  CB  . TRP A 1 85  ? 3.445   -8.210  0.917   1.00 29.24 ? 1570 TRP A CB  1 
ATOM   533  C  CG  . TRP A 1 85  ? 4.208   -7.606  -0.188  1.00 20.35 ? 1570 TRP A CG  1 
ATOM   534  C  CD1 . TRP A 1 85  ? 3.730   -7.290  -1.425  1.00 27.80 ? 1570 TRP A CD1 1 
ATOM   535  C  CD2 . TRP A 1 85  ? 5.574   -7.208  -0.173  1.00 22.94 ? 1570 TRP A CD2 1 
ATOM   536  N  NE1 . TRP A 1 85  ? 4.706   -6.717  -2.173  1.00 27.41 ? 1570 TRP A NE1 1 
ATOM   537  C  CE2 . TRP A 1 85  ? 5.855   -6.651  -1.435  1.00 26.17 ? 1570 TRP A CE2 1 
ATOM   538  C  CE3 . TRP A 1 85  ? 6.600   -7.263  0.787   1.00 28.47 ? 1570 TRP A CE3 1 
ATOM   539  C  CZ2 . TRP A 1 85  ? 7.112   -6.155  -1.775  1.00 28.13 ? 1570 TRP A CZ2 1 
ATOM   540  C  CZ3 . TRP A 1 85  ? 7.863   -6.763  0.442   1.00 30.22 ? 1570 TRP A CZ3 1 
ATOM   541  C  CH2 . TRP A 1 85  ? 8.102   -6.221  -0.821  1.00 30.05 ? 1570 TRP A CH2 1 
ATOM   542  N  N   . GLY A 1 86  ? 5.474   -10.343 -0.306  1.00 34.54 ? 1571 GLY A N   1 
ATOM   543  C  CA  . GLY A 1 86  ? 6.870   -10.650 -0.563  1.00 35.91 ? 1571 GLY A CA  1 
ATOM   544  C  C   . GLY A 1 86  ? 7.429   -12.024 -0.231  1.00 41.27 ? 1571 GLY A C   1 
ATOM   545  O  O   . GLY A 1 86  ? 6.765   -12.893 0.344   1.00 36.17 ? 1571 GLY A O   1 
ATOM   546  N  N   . THR A 1 87  ? 8.686   -12.193 -0.623  1.00 44.07 ? 1572 THR A N   1 
ATOM   547  C  CA  . THR A 1 87  ? 9.433   -13.417 -0.384  1.00 49.27 ? 1572 THR A CA  1 
ATOM   548  C  C   . THR A 1 87  ? 10.816  -12.942 0.030   1.00 48.17 ? 1572 THR A C   1 
ATOM   549  O  O   . THR A 1 87  ? 11.513  -12.302 -0.751  1.00 51.99 ? 1572 THR A O   1 
ATOM   550  C  CB  . THR A 1 87  ? 9.555   -14.269 -1.662  1.00 49.74 ? 1572 THR A CB  1 
ATOM   551  O  OG1 . THR A 1 87  ? 10.360  -13.570 -2.623  1.00 60.83 ? 1572 THR A OG1 1 
ATOM   552  C  CG2 . THR A 1 87  ? 8.193   -14.525 -2.261  1.00 46.65 ? 1572 THR A CG2 1 
ATOM   553  N  N   . PRO A 1 88  ? 11.218  -13.207 1.279   1.00 50.29 ? 1573 PRO A N   1 
ATOM   554  C  CA  . PRO A 1 88  ? 10.524  -13.907 2.370   1.00 48.82 ? 1573 PRO A CA  1 
ATOM   555  C  C   . PRO A 1 88  ? 9.244   -13.193 2.810   1.00 49.76 ? 1573 PRO A C   1 
ATOM   556  O  O   . PRO A 1 88  ? 9.179   -11.967 2.870   1.00 50.06 ? 1573 PRO A O   1 
ATOM   557  C  CB  . PRO A 1 88  ? 11.566  -13.926 3.488   1.00 52.31 ? 1573 PRO A CB  1 
ATOM   558  C  CG  . PRO A 1 88  ? 12.852  -13.877 2.751   1.00 51.51 ? 1573 PRO A CG  1 
ATOM   559  C  CD  . PRO A 1 88  ? 12.579  -12.843 1.697   1.00 52.00 ? 1573 PRO A CD  1 
ATOM   560  N  N   . CYS A 1 89  ? 8.239   -13.985 3.128   1.00 45.78 ? 1574 CYS A N   1 
ATOM   561  C  CA  . CYS A 1 89  ? 6.937   -13.507 3.551   1.00 48.92 ? 1574 CYS A CA  1 
ATOM   562  C  C   . CYS A 1 89  ? 6.961   -12.474 4.688   1.00 47.99 ? 1574 CYS A C   1 
ATOM   563  O  O   . CYS A 1 89  ? 7.514   -12.729 5.769   1.00 47.81 ? 1574 CYS A O   1 
ATOM   564  C  CB  . CYS A 1 89  ? 6.131   -14.727 3.973   1.00 52.37 ? 1574 CYS A CB  1 
ATOM   565  S  SG  . CYS A 1 89  ? 4.343   -14.547 4.207   1.00 65.96 ? 1574 CYS A SG  1 
ATOM   566  N  N   . GLU A 1 90  ? 6.354   -11.314 4.441   1.00 44.51 ? 1575 GLU A N   1 
ATOM   567  C  CA  . GLU A 1 90  ? 6.255   -10.239 5.442   1.00 42.82 ? 1575 GLU A CA  1 
ATOM   568  C  C   . GLU A 1 90  ? 4.768   -10.059 5.725   1.00 39.64 ? 1575 GLU A C   1 
ATOM   569  O  O   . GLU A 1 90  ? 3.969   -9.925  4.807   1.00 36.66 ? 1575 GLU A O   1 
ATOM   570  C  CB  . GLU A 1 90  ? 6.837   -8.930  4.895   1.00 43.10 ? 1575 GLU A CB  1 
ATOM   571  C  CG  . GLU A 1 90  ? 8.350   -8.861  4.896   1.00 43.63 ? 1575 GLU A CG  1 
ATOM   572  C  CD  . GLU A 1 90  ? 8.884   -7.617  4.200   1.00 41.17 ? 1575 GLU A CD  1 
ATOM   573  O  OE1 . GLU A 1 90  ? 8.239   -6.550  4.260   1.00 40.75 ? 1575 GLU A OE1 1 
ATOM   574  O  OE2 . GLU A 1 90  ? 9.968   -7.689  3.603   1.00 43.15 ? 1575 GLU A OE2 1 
ATOM   575  N  N   . MET A 1 91  ? 4.387   -10.094 6.990   1.00 39.04 ? 1576 MET A N   1 
ATOM   576  C  CA  . MET A 1 91  ? 2.993   -9.948  7.351   1.00 37.97 ? 1576 MET A CA  1 
ATOM   577  C  C   . MET A 1 91  ? 2.589   -8.483  7.235   1.00 36.15 ? 1576 MET A C   1 
ATOM   578  O  O   . MET A 1 91  ? 3.329   -7.601  7.637   1.00 34.15 ? 1576 MET A O   1 
ATOM   579  C  CB  . MET A 1 91  ? 2.779   -10.422 8.795   1.00 44.15 ? 1576 MET A CB  1 
ATOM   580  C  CG  . MET A 1 91  ? 1.340   -10.469 9.228   1.00 46.66 ? 1576 MET A CG  1 
ATOM   581  S  SD  . MET A 1 91  ? 1.143   -11.254 10.840  1.00 62.27 ? 1576 MET A SD  1 
ATOM   582  C  CE  . MET A 1 91  ? 1.624   -12.910 10.526  1.00 49.93 ? 1576 MET A CE  1 
ATOM   583  N  N   . CYS A 1 92  ? 1.422   -8.228  6.670   1.00 34.63 ? 1577 CYS A N   1 
ATOM   584  C  CA  . CYS A 1 92  ? 0.956   -6.842  6.548   1.00 36.30 ? 1577 CYS A CA  1 
ATOM   585  C  C   . CYS A 1 92  ? 0.694   -6.303  7.956   1.00 34.80 ? 1577 CYS A C   1 
ATOM   586  O  O   . CYS A 1 92  ? 0.185   -7.027  8.822   1.00 34.19 ? 1577 CYS A O   1 
ATOM   587  C  CB  . CYS A 1 92  ? -0.337  -6.791  5.741   1.00 32.70 ? 1577 CYS A CB  1 
ATOM   588  S  SG  . CYS A 1 92  ? -0.153  -7.046  3.944   1.00 37.31 ? 1577 CYS A SG  1 
ATOM   589  N  N   . PRO A 1 93  ? 1.031   -5.030  8.208   1.00 33.52 ? 1578 PRO A N   1 
ATOM   590  C  CA  . PRO A 1 93  ? 0.789   -4.493  9.559   1.00 28.59 ? 1578 PRO A CA  1 
ATOM   591  C  C   . PRO A 1 93  ? -0.706  -4.373  9.849   1.00 31.25 ? 1578 PRO A C   1 
ATOM   592  O  O   . PRO A 1 93  ? -1.511  -4.189  8.937   1.00 30.94 ? 1578 PRO A O   1 
ATOM   593  C  CB  . PRO A 1 93  ? 1.494   -3.133  9.521   1.00 35.87 ? 1578 PRO A CB  1 
ATOM   594  C  CG  . PRO A 1 93  ? 1.329   -2.693  8.070   1.00 30.83 ? 1578 PRO A CG  1 
ATOM   595  C  CD  . PRO A 1 93  ? 1.590   -4.001  7.302   1.00 35.21 ? 1578 PRO A CD  1 
ATOM   596  N  N   . ALA A 1 94  ? -1.076  -4.495  11.120  1.00 31.39 ? 1579 ALA A N   1 
ATOM   597  C  CA  . ALA A 1 94  ? -2.459  -4.395  11.542  1.00 26.16 ? 1579 ALA A CA  1 
ATOM   598  C  C   . ALA A 1 94  ? -2.853  -2.946  11.351  1.00 29.74 ? 1579 ALA A C   1 
ATOM   599  O  O   . ALA A 1 94  ? -2.014  -2.047  11.514  1.00 28.79 ? 1579 ALA A O   1 
ATOM   600  C  CB  . ALA A 1 94  ? -2.598  -4.785  13.017  1.00 32.30 ? 1579 ALA A CB  1 
ATOM   601  N  N   . VAL A 1 95  ? -4.132  -2.734  11.064  1.00 28.73 ? 1580 VAL A N   1 
ATOM   602  C  CA  . VAL A 1 95  ? -4.641  -1.401  10.765  1.00 33.74 ? 1580 VAL A CA  1 
ATOM   603  C  C   . VAL A 1 95  ? -4.610  -0.320  11.829  1.00 30.87 ? 1580 VAL A C   1 
ATOM   604  O  O   . VAL A 1 95  ? -4.815  0.857   11.494  1.00 32.40 ? 1580 VAL A O   1 
ATOM   605  C  CB  . VAL A 1 95  ? -6.054  -1.489  10.206  1.00 34.04 ? 1580 VAL A CB  1 
ATOM   606  C  CG1 . VAL A 1 95  ? -6.051  -2.383  8.980   1.00 42.00 ? 1580 VAL A CG1 1 
ATOM   607  C  CG2 . VAL A 1 95  ? -7.004  -2.037  11.277  1.00 34.69 ? 1580 VAL A CG2 1 
ATOM   608  N  N   . ASN A 1 96  ? -4.334  -0.685  13.080  1.00 32.39 ? 1581 ASN A N   1 
ATOM   609  C  CA  . ASN A 1 96  ? -4.268  0.304   14.175  1.00 33.26 ? 1581 ASN A CA  1 
ATOM   610  C  C   . ASN A 1 96  ? -2.847  0.581   14.638  1.00 33.86 ? 1581 ASN A C   1 
ATOM   611  O  O   . ASN A 1 96  ? -2.651  1.237   15.665  1.00 35.51 ? 1581 ASN A O   1 
ATOM   612  C  CB  . ASN A 1 96  ? -5.039  -0.197  15.402  1.00 37.97 ? 1581 ASN A CB  1 
ATOM   613  C  CG  . ASN A 1 96  ? -4.307  -1.344  16.104  1.00 45.84 ? 1581 ASN A CG  1 
ATOM   614  O  OD1 . ASN A 1 96  ? -3.830  -2.275  15.452  1.00 48.40 ? 1581 ASN A OD1 1 
ATOM   615  N  ND2 . ASN A 1 96  ? -4.213  -1.278  17.430  1.00 48.00 ? 1581 ASN A ND2 1 
ATOM   616  N  N   . THR A 1 97  ? -1.843  0.129   13.901  1.00 29.55 ? 1582 THR A N   1 
ATOM   617  C  CA  . THR A 1 97  ? -0.464  0.316   14.353  1.00 28.22 ? 1582 THR A CA  1 
ATOM   618  C  C   . THR A 1 97  ? 0.246   1.489   13.697  1.00 27.62 ? 1582 THR A C   1 
ATOM   619  O  O   . THR A 1 97  ? -0.222  1.999   12.694  1.00 26.69 ? 1582 THR A O   1 
ATOM   620  C  CB  . THR A 1 97  ? 0.370   -0.916  14.046  1.00 29.78 ? 1582 THR A CB  1 
ATOM   621  O  OG1 . THR A 1 97  ? 0.382   -1.121  12.630  1.00 29.00 ? 1582 THR A OG1 1 
ATOM   622  C  CG2 . THR A 1 97  ? -0.238  -2.195  14.729  1.00 33.17 ? 1582 THR A CG2 1 
ATOM   623  N  N   . SER A 1 98  ? 1.377   1.896   14.268  1.00 28.01 ? 1583 SER A N   1 
ATOM   624  C  CA  . SER A 1 98  ? 2.193   2.956   13.684  1.00 25.92 ? 1583 SER A CA  1 
ATOM   625  C  C   . SER A 1 98  ? 2.716   2.458   12.348  1.00 26.28 ? 1583 SER A C   1 
ATOM   626  O  O   . SER A 1 98  ? 2.879   3.238   11.426  1.00 24.91 ? 1583 SER A O   1 
ATOM   627  C  CB  . SER A 1 98  ? 3.369   3.332   14.602  1.00 25.26 ? 1583 SER A CB  1 
ATOM   628  O  OG  . SER A 1 98  ? 4.229   2.213   14.861  1.00 26.44 ? 1583 SER A OG  1 
ATOM   629  N  N   . GLU A 1 99  ? 2.993   1.155   12.226  1.00 24.02 ? 1584 GLU A N   1 
ATOM   630  C  CA  . GLU A 1 99  ? 3.465   0.647   10.949  1.00 26.30 ? 1584 GLU A CA  1 
ATOM   631  C  C   . GLU A 1 99  ? 2.437   0.886   9.836   1.00 24.38 ? 1584 GLU A C   1 
ATOM   632  O  O   . GLU A 1 99  ? 2.802   1.250   8.712   1.00 27.08 ? 1584 GLU A O   1 
ATOM   633  C  CB  . GLU A 1 99  ? 3.774   -0.877  11.004  1.00 25.59 ? 1584 GLU A CB  1 
ATOM   634  C  CG  . GLU A 1 99  ? 5.082   -1.256  11.734  1.00 28.45 ? 1584 GLU A CG  1 
ATOM   635  C  CD  . GLU A 1 99  ? 4.969   -1.164  13.249  1.00 32.75 ? 1584 GLU A CD  1 
ATOM   636  O  OE1 . GLU A 1 99  ? 3.849   -0.963  13.745  1.00 33.39 ? 1584 GLU A OE1 1 
ATOM   637  O  OE2 . GLU A 1 99  ? 5.987   -1.324  13.959  1.00 42.96 ? 1584 GLU A OE2 1 
ATOM   638  N  N   . TYR A 1 100 ? 1.162   0.660   10.134  1.00 19.98 ? 1585 TYR A N   1 
ATOM   639  C  CA  . TYR A 1 100 ? 0.144   0.827   9.126   1.00 21.32 ? 1585 TYR A CA  1 
ATOM   640  C  C   . TYR A 1 100 ? 0.016   2.318   8.791   1.00 24.01 ? 1585 TYR A C   1 
ATOM   641  O  O   . TYR A 1 100 ? -0.261  2.677   7.652   1.00 25.99 ? 1585 TYR A O   1 
ATOM   642  C  CB  . TYR A 1 100 ? -1.190  0.283   9.623   1.00 20.94 ? 1585 TYR A CB  1 
ATOM   643  C  CG  . TYR A 1 100 ? -2.301  0.291   8.591   1.00 26.79 ? 1585 TYR A CG  1 
ATOM   644  C  CD1 . TYR A 1 100 ? -3.164  1.385   8.468   1.00 26.40 ? 1585 TYR A CD1 1 
ATOM   645  C  CD2 . TYR A 1 100 ? -2.491  -0.795  7.748   1.00 23.75 ? 1585 TYR A CD2 1 
ATOM   646  C  CE1 . TYR A 1 100 ? -4.203  1.383   7.501   1.00 24.36 ? 1585 TYR A CE1 1 
ATOM   647  C  CE2 . TYR A 1 100 ? -3.507  -0.831  6.808   1.00 24.01 ? 1585 TYR A CE2 1 
ATOM   648  C  CZ  . TYR A 1 100 ? -4.363  0.269   6.687   1.00 24.37 ? 1585 TYR A CZ  1 
ATOM   649  O  OH  . TYR A 1 100 ? -5.367  0.201   5.772   1.00 29.44 ? 1585 TYR A OH  1 
ATOM   650  N  N   . LYS A 1 101 ? 0.234   3.174   9.780   1.00 23.30 ? 1586 LYS A N   1 
ATOM   651  C  CA  . LYS A 1 101 ? 0.130   4.622   9.514   1.00 23.38 ? 1586 LYS A CA  1 
ATOM   652  C  C   . LYS A 1 101 ? 1.209   5.041   8.505   1.00 27.51 ? 1586 LYS A C   1 
ATOM   653  O  O   . LYS A 1 101 ? 0.957   5.848   7.601   1.00 27.86 ? 1586 LYS A O   1 
ATOM   654  C  CB  . LYS A 1 101 ? 0.303   5.408   10.820  1.00 27.05 ? 1586 LYS A CB  1 
ATOM   655  C  CG  . LYS A 1 101 ? 0.342   6.951   10.648  1.00 27.93 ? 1586 LYS A CG  1 
ATOM   656  C  CD  . LYS A 1 101 ? -0.970  7.514   10.100  1.00 27.28 ? 1586 LYS A CD  1 
ATOM   657  C  CE  . LYS A 1 101 ? -1.255  8.973   10.625  1.00 28.45 ? 1586 LYS A CE  1 
ATOM   658  N  NZ  . LYS A 1 101 ? -2.557  9.585   10.066  1.00 28.64 ? 1586 LYS A NZ  1 
ATOM   659  N  N   . ILE A 1 102 ? 2.403   4.474   8.637   1.00 21.50 ? 1587 ILE A N   1 
ATOM   660  C  CA  . ILE A 1 102 ? 3.524   4.801   7.740   1.00 28.55 ? 1587 ILE A CA  1 
ATOM   661  C  C   . ILE A 1 102 ? 3.328   4.206   6.343   1.00 29.98 ? 1587 ILE A C   1 
ATOM   662  O  O   . ILE A 1 102 ? 3.521   4.864   5.322   1.00 24.34 ? 1587 ILE A O   1 
ATOM   663  C  CB  . ILE A 1 102 ? 4.867   4.260   8.362   1.00 26.12 ? 1587 ILE A CB  1 
ATOM   664  C  CG1 . ILE A 1 102 ? 5.233   5.116   9.587   1.00 32.33 ? 1587 ILE A CG1 1 
ATOM   665  C  CG2 . ILE A 1 102 ? 5.969   4.237   7.349   1.00 30.57 ? 1587 ILE A CG2 1 
ATOM   666  C  CD1 . ILE A 1 102 ? 5.273   6.578   9.356   1.00 30.77 ? 1587 ILE A CD1 1 
ATOM   667  N  N   . LEU A 1 103 ? 2.896   2.957   6.301   1.00 24.90 ? 1588 LEU A N   1 
ATOM   668  C  CA  . LEU A 1 103 ? 2.707   2.289   5.012   1.00 25.22 ? 1588 LEU A CA  1 
ATOM   669  C  C   . LEU A 1 103 ? 1.478   2.781   4.229   1.00 27.59 ? 1588 LEU A C   1 
ATOM   670  O  O   . LEU A 1 103 ? 1.541   2.881   3.001   1.00 23.87 ? 1588 LEU A O   1 
ATOM   671  C  CB  . LEU A 1 103 ? 2.584   0.774   5.236   1.00 27.43 ? 1588 LEU A CB  1 
ATOM   672  C  CG  . LEU A 1 103 ? 2.530   -0.132  3.983   1.00 27.02 ? 1588 LEU A CG  1 
ATOM   673  C  CD1 . LEU A 1 103 ? 3.868   -0.034  3.204   1.00 24.56 ? 1588 LEU A CD1 1 
ATOM   674  C  CD2 . LEU A 1 103 ? 2.262   -1.576  4.448   1.00 27.32 ? 1588 LEU A CD2 1 
ATOM   675  N  N   . CYS A 1 104 ? 0.379   3.076   4.944   1.00 22.98 ? 1589 CYS A N   1 
ATOM   676  C  CA  . CYS A 1 104 ? -0.884  3.514   4.353   1.00 24.22 ? 1589 CYS A CA  1 
ATOM   677  C  C   . CYS A 1 104 ? -1.291  4.892   4.930   1.00 25.36 ? 1589 CYS A C   1 
ATOM   678  O  O   . CYS A 1 104 ? -2.262  5.012   5.674   1.00 23.88 ? 1589 CYS A O   1 
ATOM   679  C  CB  . CYS A 1 104 ? -1.984  2.469   4.653   1.00 24.43 ? 1589 CYS A CB  1 
ATOM   680  S  SG  . CYS A 1 104 ? -1.428  0.749   4.297   1.00 28.73 ? 1589 CYS A SG  1 
ATOM   681  N  N   . PRO A 1 105 ? -0.555  5.944   4.571   1.00 25.96 ? 1590 PRO A N   1 
ATOM   682  C  CA  . PRO A 1 105 ? -0.875  7.282   5.093   1.00 29.01 ? 1590 PRO A CA  1 
ATOM   683  C  C   . PRO A 1 105 ? -2.245  7.856   4.743   1.00 27.65 ? 1590 PRO A C   1 
ATOM   684  O  O   . PRO A 1 105 ? -2.663  8.829   5.368   1.00 30.01 ? 1590 PRO A O   1 
ATOM   685  C  CB  . PRO A 1 105 ? 0.280   8.157   4.568   1.00 24.21 ? 1590 PRO A CB  1 
ATOM   686  C  CG  . PRO A 1 105 ? 0.612   7.509   3.283   1.00 30.82 ? 1590 PRO A CG  1 
ATOM   687  C  CD  . PRO A 1 105 ? 0.568   6.000   3.627   1.00 25.45 ? 1590 PRO A CD  1 
ATOM   688  N  N   . GLY A 1 106 ? -2.920  7.285   3.743   1.00 24.81 ? 1591 GLY A N   1 
ATOM   689  C  CA  . GLY A 1 106 ? -4.232  7.776   3.381   1.00 26.27 ? 1591 GLY A CA  1 
ATOM   690  C  C   . GLY A 1 106 ? -5.316  6.797   3.811   1.00 26.82 ? 1591 GLY A C   1 
ATOM   691  O  O   . GLY A 1 106 ? -6.460  6.891   3.376   1.00 29.34 ? 1591 GLY A O   1 
ATOM   692  N  N   . GLY A 1 107 ? -4.944  5.832   4.654   1.00 28.51 ? 1592 GLY A N   1 
ATOM   693  C  CA  . GLY A 1 107 ? -5.898  4.838   5.119   1.00 21.14 ? 1592 GLY A CA  1 
ATOM   694  C  C   . GLY A 1 107 ? -6.127  3.752   4.084   1.00 25.42 ? 1592 GLY A C   1 
ATOM   695  O  O   . GLY A 1 107 ? -5.413  3.643   3.084   1.00 24.33 ? 1592 GLY A O   1 
ATOM   696  N  N   . GLU A 1 108 ? -7.159  2.951   4.306   1.00 25.46 ? 1593 GLU A N   1 
ATOM   697  C  CA  . GLU A 1 108 ? -7.434  1.850   3.415   1.00 24.73 ? 1593 GLU A CA  1 
ATOM   698  C  C   . GLU A 1 108 ? -7.831  2.219   1.996   1.00 28.64 ? 1593 GLU A C   1 
ATOM   699  O  O   . GLU A 1 108 ? -8.567  3.192   1.777   1.00 26.89 ? 1593 GLU A O   1 
ATOM   700  C  CB  . GLU A 1 108 ? -8.522  0.962   4.014   1.00 33.83 ? 1593 GLU A CB  1 
ATOM   701  C  CG  . GLU A 1 108 ? -8.764  -0.292  3.194   1.00 40.77 ? 1593 GLU A CG  1 
ATOM   702  C  CD  . GLU A 1 108 ? -9.531  -1.352  3.960   1.00 53.15 ? 1593 GLU A CD  1 
ATOM   703  O  OE1 . GLU A 1 108 ? -10.690 -1.087  4.363   1.00 53.26 ? 1593 GLU A OE1 1 
ATOM   704  O  OE2 . GLU A 1 108 ? -8.959  -2.446  4.154   1.00 56.98 ? 1593 GLU A OE2 1 
ATOM   705  N  N   . GLY A 1 109 ? -7.327  1.449   1.034   1.00 26.09 ? 1594 GLY A N   1 
ATOM   706  C  CA  . GLY A 1 109 ? -7.678  1.654   -0.368  1.00 26.07 ? 1594 GLY A CA  1 
ATOM   707  C  C   . GLY A 1 109 ? -6.810  2.567   -1.229  1.00 24.28 ? 1594 GLY A C   1 
ATOM   708  O  O   . GLY A 1 109 ? -6.999  2.595   -2.439  1.00 26.75 ? 1594 GLY A O   1 
ATOM   709  N  N   . PHE A 1 110 ? -5.846  3.257   -0.625  1.00 25.00 ? 1595 PHE A N   1 
ATOM   710  C  CA  . PHE A 1 110 ? -4.988  4.194   -1.331  1.00 25.06 ? 1595 PHE A CA  1 
ATOM   711  C  C   . PHE A 1 110 ? -3.506  3.943   -1.049  1.00 29.42 ? 1595 PHE A C   1 
ATOM   712  O  O   . PHE A 1 110 ? -3.153  3.299   -0.071  1.00 25.70 ? 1595 PHE A O   1 
ATOM   713  C  CB  . PHE A 1 110 ? -5.363  5.628   -0.905  1.00 21.68 ? 1595 PHE A CB  1 
ATOM   714  C  CG  . PHE A 1 110 ? -6.773  5.982   -1.213  1.00 25.18 ? 1595 PHE A CG  1 
ATOM   715  C  CD1 . PHE A 1 110 ? -7.809  5.579   -0.368  1.00 24.22 ? 1595 PHE A CD1 1 
ATOM   716  C  CD2 . PHE A 1 110 ? -7.085  6.686   -2.395  1.00 23.29 ? 1595 PHE A CD2 1 
ATOM   717  C  CE1 . PHE A 1 110 ? -9.149  5.863   -0.677  1.00 23.41 ? 1595 PHE A CE1 1 
ATOM   718  C  CE2 . PHE A 1 110 ? -8.425  6.977   -2.713  1.00 21.95 ? 1595 PHE A CE2 1 
ATOM   719  C  CZ  . PHE A 1 110 ? -9.463  6.561   -1.844  1.00 24.62 ? 1595 PHE A CZ  1 
ATOM   720  N  N   . ARG A 1 111 ? -2.638  4.464   -1.909  1.00 27.57 ? 1596 ARG A N   1 
ATOM   721  C  CA  . ARG A 1 111 ? -1.213  4.295   -1.721  1.00 30.16 ? 1596 ARG A CA  1 
ATOM   722  C  C   . ARG A 1 111 ? -0.537  5.506   -2.360  1.00 27.94 ? 1596 ARG A C   1 
ATOM   723  O  O   . ARG A 1 111 ? -1.046  6.091   -3.322  1.00 31.94 ? 1596 ARG A O   1 
ATOM   724  C  CB  . ARG A 1 111 ? -0.730  2.978   -2.382  1.00 30.87 ? 1596 ARG A CB  1 
ATOM   725  C  CG  . ARG A 1 111 ? -0.906  2.965   -3.870  1.00 34.41 ? 1596 ARG A CG  1 
ATOM   726  C  CD  . ARG A 1 111 ? 0.397   2.634   -4.614  1.00 48.63 ? 1596 ARG A CD  1 
ATOM   727  N  NE  . ARG A 1 111 ? 0.449   3.370   -5.874  1.00 53.11 ? 1596 ARG A NE  1 
ATOM   728  C  CZ  . ARG A 1 111 ? 1.073   2.966   -6.976  1.00 61.17 ? 1596 ARG A CZ  1 
ATOM   729  N  NH1 . ARG A 1 111 ? 1.719   1.805   -6.994  1.00 60.55 ? 1596 ARG A NH1 1 
ATOM   730  N  NH2 . ARG A 1 111 ? 1.042   3.728   -8.069  1.00 60.39 ? 1596 ARG A NH2 1 
ATOM   731  N  N   . PRO A 1 112 ? 0.609   5.917   -1.820  1.00 30.29 ? 1597 PRO A N   1 
ATOM   732  C  CA  . PRO A 1 112 ? 1.295   7.072   -2.384  1.00 28.37 ? 1597 PRO A CA  1 
ATOM   733  C  C   . PRO A 1 112 ? 1.965   6.744   -3.695  1.00 31.32 ? 1597 PRO A C   1 
ATOM   734  O  O   . PRO A 1 112 ? 2.538   5.657   -3.858  1.00 26.27 ? 1597 PRO A O   1 
ATOM   735  C  CB  . PRO A 1 112 ? 2.321   7.439   -1.327  1.00 28.99 ? 1597 PRO A CB  1 
ATOM   736  C  CG  . PRO A 1 112 ? 1.864   6.702   -0.080  1.00 33.64 ? 1597 PRO A CG  1 
ATOM   737  C  CD  . PRO A 1 112 ? 1.291   5.443   -0.608  1.00 29.70 ? 1597 PRO A CD  1 
ATOM   738  N  N   . ASN A 1 113 ? 1.892   7.690   -4.631  1.00 26.32 ? 1598 ASN A N   1 
ATOM   739  C  CA  . ASN A 1 113 ? 2.532   7.494   -5.920  1.00 30.95 ? 1598 ASN A CA  1 
ATOM   740  C  C   . ASN A 1 113 ? 4.015   7.331   -5.569  1.00 31.50 ? 1598 ASN A C   1 
ATOM   741  O  O   . ASN A 1 113 ? 4.572   8.129   -4.817  1.00 33.45 ? 1598 ASN A O   1 
ATOM   742  C  CB  . ASN A 1 113 ? 2.307   8.720   -6.830  1.00 29.92 ? 1598 ASN A CB  1 
ATOM   743  C  CG  . ASN A 1 113 ? 2.966   8.548   -8.184  1.00 34.00 ? 1598 ASN A CG  1 
ATOM   744  O  OD1 . ASN A 1 113 ? 4.174   8.665   -8.314  1.00 30.64 ? 1598 ASN A OD1 1 
ATOM   745  N  ND2 . ASN A 1 113 ? 2.170   8.218   -9.186  1.00 32.86 ? 1598 ASN A ND2 1 
ATOM   746  N  N   . PRO A 1 114 ? 4.674   6.281   -6.094  1.00 34.83 ? 1599 PRO A N   1 
ATOM   747  C  CA  . PRO A 1 114 ? 6.099   6.074   -5.774  1.00 36.17 ? 1599 PRO A CA  1 
ATOM   748  C  C   . PRO A 1 114 ? 7.051   7.239   -6.103  1.00 38.00 ? 1599 PRO A C   1 
ATOM   749  O  O   . PRO A 1 114 ? 8.128   7.337   -5.519  1.00 36.31 ? 1599 PRO A O   1 
ATOM   750  C  CB  . PRO A 1 114 ? 6.459   4.789   -6.533  1.00 37.83 ? 1599 PRO A CB  1 
ATOM   751  C  CG  . PRO A 1 114 ? 5.116   4.178   -6.905  1.00 39.72 ? 1599 PRO A CG  1 
ATOM   752  C  CD  . PRO A 1 114 ? 4.209   5.335   -7.116  1.00 33.92 ? 1599 PRO A CD  1 
ATOM   753  N  N   . ILE A 1 115 ? 6.641   8.138   -6.995  1.00 35.68 ? 1600 ILE A N   1 
ATOM   754  C  CA  . ILE A 1 115 ? 7.472   9.276   -7.379  1.00 38.41 ? 1600 ILE A CA  1 
ATOM   755  C  C   . ILE A 1 115 ? 7.073   10.622  -6.760  1.00 34.58 ? 1600 ILE A C   1 
ATOM   756  O  O   . ILE A 1 115 ? 7.921   11.354  -6.277  1.00 34.61 ? 1600 ILE A O   1 
ATOM   757  C  CB  . ILE A 1 115 ? 7.481   9.445   -8.942  1.00 42.59 ? 1600 ILE A CB  1 
ATOM   758  C  CG1 . ILE A 1 115 ? 8.217   8.269   -9.582  1.00 43.76 ? 1600 ILE A CG1 1 
ATOM   759  C  CG2 . ILE A 1 115 ? 8.132   10.780  -9.347  1.00 38.87 ? 1600 ILE A CG2 1 
ATOM   760  C  CD1 . ILE A 1 115 ? 8.192   8.301   -11.078 1.00 50.82 ? 1600 ILE A CD1 1 
ATOM   761  N  N   . THR A 1 116 ? 5.787   10.944  -6.785  1.00 33.26 ? 1601 THR A N   1 
ATOM   762  C  CA  . THR A 1 116 ? 5.302   12.218  -6.260  1.00 34.27 ? 1601 THR A CA  1 
ATOM   763  C  C   . THR A 1 116 ? 4.815   12.111  -4.804  1.00 37.12 ? 1601 THR A C   1 
ATOM   764  O  O   . THR A 1 116 ? 4.612   13.122  -4.138  1.00 32.50 ? 1601 THR A O   1 
ATOM   765  C  CB  . THR A 1 116 ? 4.123   12.703  -7.078  1.00 35.08 ? 1601 THR A CB  1 
ATOM   766  O  OG1 . THR A 1 116 ? 3.028   11.802  -6.872  1.00 35.46 ? 1601 THR A OG1 1 
ATOM   767  C  CG2 . THR A 1 116 ? 4.470   12.738  -8.573  1.00 39.16 ? 1601 THR A CG2 1 
ATOM   768  N  N   . VAL A 1 117 ? 4.618   10.878  -4.341  1.00 34.99 ? 1602 VAL A N   1 
ATOM   769  C  CA  . VAL A 1 117 ? 4.120   10.574  -3.004  1.00 35.37 ? 1602 VAL A CA  1 
ATOM   770  C  C   . VAL A 1 117 ? 2.704   11.135  -2.786  1.00 35.66 ? 1602 VAL A C   1 
ATOM   771  O  O   . VAL A 1 117 ? 2.244   11.258  -1.660  1.00 34.58 ? 1602 VAL A O   1 
ATOM   772  C  CB  . VAL A 1 117 ? 5.093   11.090  -1.919  1.00 37.63 ? 1602 VAL A CB  1 
ATOM   773  C  CG1 . VAL A 1 117 ? 4.807   10.377  -0.568  1.00 40.23 ? 1602 VAL A CG1 1 
ATOM   774  C  CG2 . VAL A 1 117 ? 6.537   10.813  -2.360  1.00 43.43 ? 1602 VAL A CG2 1 
ATOM   775  N  N   . ILE A 1 118 ? 2.028   11.496  -3.876  1.00 30.31 ? 1603 ILE A N   1 
ATOM   776  C  CA  . ILE A 1 118 ? 0.659   11.977  -3.777  1.00 34.57 ? 1603 ILE A CA  1 
ATOM   777  C  C   . ILE A 1 118 ? -0.212  10.722  -3.689  1.00 31.31 ? 1603 ILE A C   1 
ATOM   778  O  O   . ILE A 1 118 ? 0.024   9.723   -4.397  1.00 29.69 ? 1603 ILE A O   1 
ATOM   779  C  CB  . ILE A 1 118 ? 0.261   12.813  -5.029  1.00 35.70 ? 1603 ILE A CB  1 
ATOM   780  C  CG1 . ILE A 1 118 ? 1.012   14.154  -5.020  1.00 40.62 ? 1603 ILE A CG1 1 
ATOM   781  C  CG2 . ILE A 1 118 ? -1.256  13.065  -5.052  1.00 38.07 ? 1603 ILE A CG2 1 
ATOM   782  C  CD1 . ILE A 1 118 ? 0.816   14.987  -6.303  1.00 39.32 ? 1603 ILE A CD1 1 
ATOM   783  N  N   . LEU A 1 119 ? -1.200  10.759  -2.814  1.00 27.66 ? 1604 LEU A N   1 
ATOM   784  C  CA  . LEU A 1 119 ? -2.073  9.625   -2.664  1.00 28.24 ? 1604 LEU A CA  1 
ATOM   785  C  C   . LEU A 1 119 ? -2.913  9.380   -3.911  1.00 29.54 ? 1604 LEU A C   1 
ATOM   786  O  O   . LEU A 1 119 ? -3.416  10.327  -4.570  1.00 27.19 ? 1604 LEU A O   1 
ATOM   787  C  CB  . LEU A 1 119 ? -2.948  9.807   -1.442  1.00 30.04 ? 1604 LEU A CB  1 
ATOM   788  C  CG  . LEU A 1 119 ? -2.202  9.622   -0.106  1.00 30.84 ? 1604 LEU A CG  1 
ATOM   789  C  CD1 . LEU A 1 119 ? -2.964  10.310  0.969   1.00 32.37 ? 1604 LEU A CD1 1 
ATOM   790  C  CD2 . LEU A 1 119 ? -2.029  8.138   0.218   1.00 29.65 ? 1604 LEU A CD2 1 
ATOM   791  N  N   . GLU A 1 120 ? -3.023  8.100   -4.256  1.00 25.97 ? 1605 GLU A N   1 
ATOM   792  C  CA  . GLU A 1 120 ? -3.796  7.643   -5.395  1.00 22.84 ? 1605 GLU A CA  1 
ATOM   793  C  C   . GLU A 1 120 ? -4.607  6.412   -5.013  1.00 26.07 ? 1605 GLU A C   1 
ATOM   794  O  O   . GLU A 1 120 ? -4.203  5.622   -4.123  1.00 25.69 ? 1605 GLU A O   1 
ATOM   795  C  CB  . GLU A 1 120 ? -2.858  7.287   -6.555  1.00 28.22 ? 1605 GLU A CB  1 
ATOM   796  C  CG  . GLU A 1 120 ? -2.179  8.446   -7.211  1.00 32.99 ? 1605 GLU A CG  1 
ATOM   797  C  CD  . GLU A 1 120 ? -1.078  8.011   -8.179  1.00 40.42 ? 1605 GLU A CD  1 
ATOM   798  O  OE1 . GLU A 1 120 ? -0.653  8.854   -9.006  1.00 45.27 ? 1605 GLU A OE1 1 
ATOM   799  O  OE2 . GLU A 1 120 ? -0.623  6.848   -8.091  1.00 41.37 ? 1605 GLU A OE2 1 
ATOM   800  N  N   . ASP A 1 121 ? -5.734  6.211   -5.696  1.00 25.52 ? 1606 ASP A N   1 
ATOM   801  C  CA  . ASP A 1 121 ? -6.537  5.047   -5.413  1.00 24.74 ? 1606 ASP A CA  1 
ATOM   802  C  C   . ASP A 1 121 ? -5.766  3.810   -5.848  1.00 23.86 ? 1606 ASP A C   1 
ATOM   803  O  O   . ASP A 1 121 ? -5.067  3.837   -6.853  1.00 25.46 ? 1606 ASP A O   1 
ATOM   804  C  CB  . ASP A 1 121 ? -7.853  5.040   -6.187  1.00 24.03 ? 1606 ASP A CB  1 
ATOM   805  C  CG  . ASP A 1 121 ? -8.539  3.701   -6.109  1.00 28.33 ? 1606 ASP A CG  1 
ATOM   806  O  OD1 . ASP A 1 121 ? -8.805  3.278   -4.965  1.00 29.93 ? 1606 ASP A OD1 1 
ATOM   807  O  OD2 . ASP A 1 121 ? -8.812  3.063   -7.173  1.00 30.06 ? 1606 ASP A OD2 1 
ATOM   808  N  N   . ILE A 1 122 ? -5.850  2.728   -5.080  1.00 22.47 ? 1607 ILE A N   1 
ATOM   809  C  CA  . ILE A 1 122 ? -5.234  1.500   -5.538  1.00 24.21 ? 1607 ILE A CA  1 
ATOM   810  C  C   . ILE A 1 122 ? -6.213  0.880   -6.553  1.00 23.77 ? 1607 ILE A C   1 
ATOM   811  O  O   . ILE A 1 122 ? -7.445  0.779   -6.319  1.00 26.96 ? 1607 ILE A O   1 
ATOM   812  C  CB  . ILE A 1 122 ? -5.027  0.449   -4.369  1.00 27.64 ? 1607 ILE A CB  1 
ATOM   813  C  CG1 . ILE A 1 122 ? -3.965  0.970   -3.376  1.00 25.35 ? 1607 ILE A CG1 1 
ATOM   814  C  CG2 . ILE A 1 122 ? -4.641  -0.915  -4.974  1.00 25.76 ? 1607 ILE A CG2 1 
ATOM   815  C  CD1 . ILE A 1 122 ? -3.981  0.283   -1.998  1.00 23.79 ? 1607 ILE A CD1 1 
ATOM   816  N  N   . ASP A 1 123 ? -5.694  0.472   -7.693  1.00 24.68 ? 1608 ASP A N   1 
ATOM   817  C  CA  . ASP A 1 123 ? -6.560  -0.174  -8.666  1.00 25.13 ? 1608 ASP A CA  1 
ATOM   818  C  C   . ASP A 1 123 ? -6.392  -1.673  -8.425  1.00 27.28 ? 1608 ASP A C   1 
ATOM   819  O  O   . ASP A 1 123 ? -5.483  -2.294  -8.955  1.00 26.65 ? 1608 ASP A O   1 
ATOM   820  C  CB  . ASP A 1 123 ? -6.140  0.112   -10.103 1.00 25.84 ? 1608 ASP A CB  1 
ATOM   821  C  CG  . ASP A 1 123 ? -7.119  -0.470  -11.078 1.00 29.60 ? 1608 ASP A CG  1 
ATOM   822  O  OD1 . ASP A 1 123 ? -7.732  -1.508  -10.732 1.00 29.51 ? 1608 ASP A OD1 1 
ATOM   823  O  OD2 . ASP A 1 123 ? -7.296  0.091   -12.165 1.00 33.16 ? 1608 ASP A OD2 1 
ATOM   824  N  N   . GLU A 1 124 ? -7.285  -2.225  -7.627  1.00 25.21 ? 1609 GLU A N   1 
ATOM   825  C  CA  . GLU A 1 124 ? -7.280  -3.632  -7.260  1.00 28.39 ? 1609 GLU A CA  1 
ATOM   826  C  C   . GLU A 1 124 ? -7.425  -4.555  -8.481  1.00 29.91 ? 1609 GLU A C   1 
ATOM   827  O  O   . GLU A 1 124 ? -6.906  -5.654  -8.501  1.00 26.02 ? 1609 GLU A O   1 
ATOM   828  C  CB  . GLU A 1 124 ? -8.460  -3.873  -6.312  1.00 30.03 ? 1609 GLU A CB  1 
ATOM   829  C  CG  . GLU A 1 124 ? -8.268  -3.285  -4.885  1.00 29.54 ? 1609 GLU A CG  1 
ATOM   830  C  CD  . GLU A 1 124 ? -8.725  -1.865  -4.612  1.00 36.94 ? 1609 GLU A CD  1 
ATOM   831  O  OE1 . GLU A 1 124 ? -8.796  -1.607  -3.396  1.00 33.23 ? 1609 GLU A OE1 1 
ATOM   832  O  OE2 . GLU A 1 124 ? -8.987  -0.992  -5.511  1.00 18.37 ? 1609 GLU A OE2 1 
ATOM   833  N  N   . CYS A 1 125 ? -8.160  -4.114  -9.498  1.00 28.06 ? 1610 CYS A N   1 
ATOM   834  C  CA  . CYS A 1 125 ? -8.360  -4.971  -10.664 1.00 30.29 ? 1610 CYS A CA  1 
ATOM   835  C  C   . CYS A 1 125 ? -7.060  -5.114  -11.459 1.00 33.93 ? 1610 CYS A C   1 
ATOM   836  O  O   . CYS A 1 125 ? -6.786  -6.189  -11.995 1.00 28.90 ? 1610 CYS A O   1 
ATOM   837  C  CB  . CYS A 1 125 ? -9.491  -4.407  -11.540 1.00 34.44 ? 1610 CYS A CB  1 
ATOM   838  S  SG  . CYS A 1 125 ? -11.047 -4.108  -10.616 1.00 40.00 ? 1610 CYS A SG  1 
ATOM   839  N  N   . GLN A 1 126 ? -6.260  -4.045  -11.534 1.00 29.44 ? 1611 GLN A N   1 
ATOM   840  C  CA  . GLN A 1 126 ? -4.962  -4.116  -12.246 1.00 36.51 ? 1611 GLN A CA  1 
ATOM   841  C  C   . GLN A 1 126 ? -3.898  -4.801  -11.381 1.00 36.61 ? 1611 GLN A C   1 
ATOM   842  O  O   . GLN A 1 126 ? -3.178  -5.696  -11.844 1.00 32.30 ? 1611 GLN A O   1 
ATOM   843  C  CB  . GLN A 1 126 ? -4.449  -2.715  -12.639 1.00 33.01 ? 1611 GLN A CB  1 
ATOM   844  C  CG  . GLN A 1 126 ? -5.291  -1.997  -13.688 1.00 38.67 ? 1611 GLN A CG  1 
ATOM   845  C  CD  . GLN A 1 126 ? -4.786  -0.588  -14.040 1.00 41.78 ? 1611 GLN A CD  1 
ATOM   846  O  OE1 . GLN A 1 126 ? -4.177  0.108   -13.218 1.00 42.91 ? 1611 GLN A OE1 1 
ATOM   847  N  NE2 . GLN A 1 126 ? -5.062  -0.162  -15.259 1.00 43.02 ? 1611 GLN A NE2 1 
ATOM   848  N  N   . GLU A 1 127 ? -3.823  -4.417  -10.102 1.00 35.28 ? 1612 GLU A N   1 
ATOM   849  C  CA  . GLU A 1 127 ? -2.795  -4.976  -9.229  1.00 34.01 ? 1612 GLU A CA  1 
ATOM   850  C  C   . GLU A 1 127 ? -3.047  -6.273  -8.479  1.00 31.98 ? 1612 GLU A C   1 
ATOM   851  O  O   . GLU A 1 127 ? -2.114  -7.033  -8.291  1.00 31.68 ? 1612 GLU A O   1 
ATOM   852  C  CB  . GLU A 1 127 ? -2.352  -3.929  -8.214  1.00 36.33 ? 1612 GLU A CB  1 
ATOM   853  C  CG  . GLU A 1 127 ? -1.846  -2.676  -8.870  1.00 44.00 ? 1612 GLU A CG  1 
ATOM   854  C  CD  . GLU A 1 127 ? -0.815  -1.990  -8.029  1.00 53.65 ? 1612 GLU A CD  1 
ATOM   855  O  OE1 . GLU A 1 127 ? -1.176  -1.053  -7.278  1.00 50.28 ? 1612 GLU A OE1 1 
ATOM   856  O  OE2 . GLU A 1 127 ? 0.361   -2.413  -8.117  1.00 55.11 ? 1612 GLU A OE2 1 
ATOM   857  N  N   . LEU A 1 128 ? -4.277  -6.532  -8.062  1.00 29.40 ? 1613 LEU A N   1 
ATOM   858  C  CA  . LEU A 1 128 ? -4.589  -7.747  -7.283  1.00 28.01 ? 1613 LEU A CA  1 
ATOM   859  C  C   . LEU A 1 128 ? -5.784  -8.476  -7.926  1.00 30.23 ? 1613 LEU A C   1 
ATOM   860  O  O   . LEU A 1 128 ? -6.851  -8.605  -7.312  1.00 30.31 ? 1613 LEU A O   1 
ATOM   861  C  CB  . LEU A 1 128 ? -4.941  -7.344  -5.833  1.00 30.01 ? 1613 LEU A CB  1 
ATOM   862  C  CG  . LEU A 1 128 ? -3.992  -6.326  -5.189  1.00 32.49 ? 1613 LEU A CG  1 
ATOM   863  C  CD1 . LEU A 1 128 ? -4.513  -5.817  -3.853  1.00 32.28 ? 1613 LEU A CD1 1 
ATOM   864  C  CD2 . LEU A 1 128 ? -2.629  -6.990  -5.037  1.00 30.34 ? 1613 LEU A CD2 1 
ATOM   865  N  N   . PRO A 1 129 ? -5.611  -8.975  -9.172  1.00 29.88 ? 1614 PRO A N   1 
ATOM   866  C  CA  . PRO A 1 129 ? -6.699  -9.678  -9.869  1.00 32.07 ? 1614 PRO A CA  1 
ATOM   867  C  C   . PRO A 1 129 ? -7.238  -10.887 -9.100  1.00 30.70 ? 1614 PRO A C   1 
ATOM   868  O  O   . PRO A 1 129 ? -8.397  -11.266 -9.266  1.00 34.73 ? 1614 PRO A O   1 
ATOM   869  C  CB  . PRO A 1 129 ? -6.069  -10.039 -11.233 1.00 31.30 ? 1614 PRO A CB  1 
ATOM   870  C  CG  . PRO A 1 129 ? -4.632  -10.195 -10.909 1.00 28.41 ? 1614 PRO A CG  1 
ATOM   871  C  CD  . PRO A 1 129 ? -4.340  -9.094  -9.914  1.00 29.96 ? 1614 PRO A CD  1 
ATOM   872  N  N   . GLY A 1 130 ? -6.388  -11.472 -8.269  1.00 32.93 ? 1615 GLY A N   1 
ATOM   873  C  CA  . GLY A 1 130 ? -6.779  -12.607 -7.448  1.00 31.86 ? 1615 GLY A CA  1 
ATOM   874  C  C   . GLY A 1 130 ? -7.885  -12.279 -6.457  1.00 32.90 ? 1615 GLY A C   1 
ATOM   875  O  O   . GLY A 1 130 ? -8.425  -13.166 -5.795  1.00 33.64 ? 1615 GLY A O   1 
ATOM   876  N  N   . LEU A 1 131 ? -8.250  -11.010 -6.322  1.00 35.53 ? 1616 LEU A N   1 
ATOM   877  C  CA  . LEU A 1 131 ? -9.329  -10.693 -5.399  1.00 33.89 ? 1616 LEU A CA  1 
ATOM   878  C  C   . LEU A 1 131 ? -10.649 -11.043 -6.064  1.00 37.12 ? 1616 LEU A C   1 
ATOM   879  O  O   . LEU A 1 131 ? -11.678 -11.023 -5.425  1.00 37.27 ? 1616 LEU A O   1 
ATOM   880  C  CB  . LEU A 1 131 ? -9.318  -9.204  -5.000  1.00 35.72 ? 1616 LEU A CB  1 
ATOM   881  C  CG  . LEU A 1 131 ? -8.126  -8.805  -4.113  1.00 35.88 ? 1616 LEU A CG  1 
ATOM   882  C  CD1 . LEU A 1 131 ? -8.143  -7.300  -3.796  1.00 26.14 ? 1616 LEU A CD1 1 
ATOM   883  C  CD2 . LEU A 1 131 ? -8.185  -9.638  -2.831  1.00 36.76 ? 1616 LEU A CD2 1 
ATOM   884  N  N   . CYS A 1 132 ? -10.623 -11.368 -7.353  1.00 36.42 ? 1617 CYS A N   1 
ATOM   885  C  CA  . CYS A 1 132 ? -11.864 -11.693 -8.052  1.00 36.50 ? 1617 CYS A CA  1 
ATOM   886  C  C   . CYS A 1 132 ? -11.617 -12.793 -9.084  1.00 35.62 ? 1617 CYS A C   1 
ATOM   887  O  O   . CYS A 1 132 ? -11.829 -12.595 -10.256 1.00 30.97 ? 1617 CYS A O   1 
ATOM   888  C  CB  . CYS A 1 132 ? -12.394 -10.420 -8.721  1.00 37.68 ? 1617 CYS A CB  1 
ATOM   889  S  SG  . CYS A 1 132 ? -14.091 -10.456 -9.379  1.00 42.26 ? 1617 CYS A SG  1 
ATOM   890  N  N   . GLN A 1 133 ? -11.170 -13.965 -8.629  1.00 34.00 ? 1618 GLN A N   1 
ATOM   891  C  CA  . GLN A 1 133 ? -10.899 -15.084 -9.526  1.00 32.67 ? 1618 GLN A CA  1 
ATOM   892  C  C   . GLN A 1 133 ? -12.125 -15.592 -10.262 1.00 31.92 ? 1618 GLN A C   1 
ATOM   893  O  O   . GLN A 1 133 ? -13.049 -16.125 -9.658  1.00 30.38 ? 1618 GLN A O   1 
ATOM   894  C  CB  . GLN A 1 133 ? -10.248 -16.228 -8.738  1.00 36.59 ? 1618 GLN A CB  1 
ATOM   895  C  CG  . GLN A 1 133 ? -8.894  -15.848 -8.156  1.00 43.87 ? 1618 GLN A CG  1 
ATOM   896  C  CD  . GLN A 1 133 ? -7.810  -15.825 -9.199  1.00 54.24 ? 1618 GLN A CD  1 
ATOM   897  O  OE1 . GLN A 1 133 ? -7.436  -16.865 -9.757  1.00 62.80 ? 1618 GLN A OE1 1 
ATOM   898  N  NE2 . GLN A 1 133 ? -7.295  -14.638 -9.481  1.00 63.16 ? 1618 GLN A NE2 1 
ATOM   899  N  N   . GLY A 1 134 ? -12.152 -15.394 -11.578 1.00 37.63 ? 1619 GLY A N   1 
ATOM   900  C  CA  . GLY A 1 134 ? -13.273 -15.855 -12.382 1.00 35.59 ? 1619 GLY A CA  1 
ATOM   901  C  C   . GLY A 1 134 ? -14.416 -14.880 -12.533 1.00 38.74 ? 1619 GLY A C   1 
ATOM   902  O  O   . GLY A 1 134 ? -15.418 -15.207 -13.170 1.00 36.33 ? 1619 GLY A O   1 
ATOM   903  N  N   . GLY A 1 135 ? -14.292 -13.692 -11.943 1.00 34.61 ? 1620 GLY A N   1 
ATOM   904  C  CA  . GLY A 1 135 ? -15.360 -12.710 -12.050 1.00 35.83 ? 1620 GLY A CA  1 
ATOM   905  C  C   . GLY A 1 135 ? -14.905 -11.447 -12.763 1.00 33.07 ? 1620 GLY A C   1 
ATOM   906  O  O   . GLY A 1 135 ? -13.779 -11.389 -13.244 1.00 32.33 ? 1620 GLY A O   1 
ATOM   907  N  N   . LYS A 1 136 ? -15.784 -10.452 -12.862 1.00 35.02 ? 1621 LYS A N   1 
ATOM   908  C  CA  . LYS A 1 136 ? -15.427 -9.195  -13.496 1.00 32.49 ? 1621 LYS A CA  1 
ATOM   909  C  C   . LYS A 1 136 ? -15.182 -8.208  -12.364 1.00 34.57 ? 1621 LYS A C   1 
ATOM   910  O  O   . LYS A 1 136 ? -16.010 -8.031  -11.466 1.00 30.88 ? 1621 LYS A O   1 
ATOM   911  C  CB  . LYS A 1 136 ? -16.552 -8.666  -14.378 1.00 42.53 ? 1621 LYS A CB  1 
ATOM   912  C  CG  . LYS A 1 136 ? -16.197 -7.347  -15.052 1.00 54.04 ? 1621 LYS A CG  1 
ATOM   913  C  CD  . LYS A 1 136 ? -17.437 -6.580  -15.519 1.00 58.13 ? 1621 LYS A CD  1 
ATOM   914  C  CE  . LYS A 1 136 ? -17.059 -5.171  -15.940 1.00 64.18 ? 1621 LYS A CE  1 
ATOM   915  N  NZ  . LYS A 1 136 ? -18.242 -4.261  -15.966 1.00 66.95 ? 1621 LYS A NZ  1 
ATOM   916  N  N   . CYS A 1 137 ? -14.030 -7.571  -12.409 1.00 35.34 ? 1622 CYS A N   1 
ATOM   917  C  CA  . CYS A 1 137 ? -13.651 -6.623  -11.379 1.00 34.71 ? 1622 CYS A CA  1 
ATOM   918  C  C   . CYS A 1 137 ? -13.822 -5.209  -11.925 1.00 35.17 ? 1622 CYS A C   1 
ATOM   919  O  O   . CYS A 1 137 ? -13.477 -4.952  -13.077 1.00 34.68 ? 1622 CYS A O   1 
ATOM   920  C  CB  . CYS A 1 137 ? -12.188 -6.875  -11.032 1.00 35.81 ? 1622 CYS A CB  1 
ATOM   921  S  SG  . CYS A 1 137 ? -11.435 -5.886  -9.696  1.00 40.67 ? 1622 CYS A SG  1 
ATOM   922  N  N   . ILE A 1 138 ? -14.380 -4.318  -11.110 1.00 30.60 ? 1623 ILE A N   1 
ATOM   923  C  CA  . ILE A 1 138 ? -14.529 -2.909  -11.479 1.00 36.36 ? 1623 ILE A CA  1 
ATOM   924  C  C   . ILE A 1 138 ? -13.816 -2.123  -10.357 1.00 31.79 ? 1623 ILE A C   1 
ATOM   925  O  O   . ILE A 1 138 ? -14.138 -2.288  -9.201  1.00 29.03 ? 1623 ILE A O   1 
ATOM   926  C  CB  . ILE A 1 138 ? -16.012 -2.456  -11.515 1.00 35.40 ? 1623 ILE A CB  1 
ATOM   927  C  CG1 . ILE A 1 138 ? -16.808 -3.328  -12.485 1.00 46.90 ? 1623 ILE A CG1 1 
ATOM   928  C  CG2 . ILE A 1 138 ? -16.098 -0.997  -11.958 1.00 39.88 ? 1623 ILE A CG2 1 
ATOM   929  C  CD1 . ILE A 1 138 ? -18.322 -3.152  -12.353 1.00 52.75 ? 1623 ILE A CD1 1 
ATOM   930  N  N   . ASN A 1 139 ? -12.840 -1.301  -10.708 1.00 32.96 ? 1624 ASN A N   1 
ATOM   931  C  CA  . ASN A 1 139 ? -12.120 -0.512  -9.710  1.00 33.62 ? 1624 ASN A CA  1 
ATOM   932  C  C   . ASN A 1 139 ? -12.925 0.707   -9.296  1.00 36.84 ? 1624 ASN A C   1 
ATOM   933  O  O   . ASN A 1 139 ? -13.518 1.385   -10.150 1.00 29.33 ? 1624 ASN A O   1 
ATOM   934  C  CB  . ASN A 1 139 ? -10.783 -0.044  -10.265 1.00 31.12 ? 1624 ASN A CB  1 
ATOM   935  C  CG  . ASN A 1 139 ? -9.989  0.765   -9.254  1.00 30.87 ? 1624 ASN A CG  1 
ATOM   936  O  OD1 . ASN A 1 139 ? -9.880  0.380   -8.071  1.00 26.24 ? 1624 ASN A OD1 1 
ATOM   937  N  ND2 . ASN A 1 139 ? -9.398  1.880   -9.713  1.00 24.01 ? 1624 ASN A ND2 1 
ATOM   938  N  N   . THR A 1 140 ? -12.953 0.973   -7.991  1.00 30.88 ? 1625 THR A N   1 
ATOM   939  C  CA  . THR A 1 140 ? -13.658 2.134   -7.464  1.00 31.30 ? 1625 THR A CA  1 
ATOM   940  C  C   . THR A 1 140 ? -12.746 2.964   -6.563  1.00 30.79 ? 1625 THR A C   1 
ATOM   941  O  O   . THR A 1 140 ? -11.621 2.561   -6.209  1.00 26.42 ? 1625 THR A O   1 
ATOM   942  C  CB  . THR A 1 140 ? -14.918 1.727   -6.657  1.00 28.90 ? 1625 THR A CB  1 
ATOM   943  O  OG1 . THR A 1 140 ? -14.528 1.023   -5.470  1.00 34.29 ? 1625 THR A OG1 1 
ATOM   944  C  CG2 . THR A 1 140 ? -15.818 0.808   -7.504  1.00 33.69 ? 1625 THR A CG2 1 
ATOM   945  N  N   . PHE A 1 141 ? -13.227 4.151   -6.207  1.00 29.77 ? 1626 PHE A N   1 
ATOM   946  C  CA  . PHE A 1 141 ? -12.490 5.055   -5.351  1.00 33.49 ? 1626 PHE A CA  1 
ATOM   947  C  C   . PHE A 1 141 ? -12.413 4.428   -3.965  1.00 35.02 ? 1626 PHE A C   1 
ATOM   948  O  O   . PHE A 1 141 ? -13.438 4.290   -3.297  1.00 34.96 ? 1626 PHE A O   1 
ATOM   949  C  CB  . PHE A 1 141 ? -13.224 6.396   -5.268  1.00 34.67 ? 1626 PHE A CB  1 
ATOM   950  C  CG  . PHE A 1 141 ? -12.397 7.499   -4.660  1.00 34.42 ? 1626 PHE A CG  1 
ATOM   951  C  CD1 . PHE A 1 141 ? -11.226 7.925   -5.287  1.00 33.42 ? 1626 PHE A CD1 1 
ATOM   952  C  CD2 . PHE A 1 141 ? -12.781 8.102   -3.462  1.00 35.45 ? 1626 PHE A CD2 1 
ATOM   953  C  CE1 . PHE A 1 141 ? -10.435 8.941   -4.729  1.00 28.99 ? 1626 PHE A CE1 1 
ATOM   954  C  CE2 . PHE A 1 141 ? -11.981 9.135   -2.893  1.00 31.76 ? 1626 PHE A CE2 1 
ATOM   955  C  CZ  . PHE A 1 141 ? -10.819 9.538   -3.535  1.00 33.16 ? 1626 PHE A CZ  1 
ATOM   956  N  N   . GLY A 1 142 ? -11.218 4.009   -3.558  1.00 29.71 ? 1627 GLY A N   1 
ATOM   957  C  CA  . GLY A 1 142 ? -11.041 3.406   -2.233  1.00 26.32 ? 1627 GLY A CA  1 
ATOM   958  C  C   . GLY A 1 142 ? -11.369 1.929   -2.101  1.00 28.49 ? 1627 GLY A C   1 
ATOM   959  O  O   . GLY A 1 142 ? -11.103 1.318   -1.072  1.00 28.82 ? 1627 GLY A O   1 
ATOM   960  N  N   . SER A 1 143 ? -11.962 1.338   -3.131  1.00 28.08 ? 1628 SER A N   1 
ATOM   961  C  CA  . SER A 1 143 ? -12.298 -0.077  -3.080  1.00 26.67 ? 1628 SER A CA  1 
ATOM   962  C  C   . SER A 1 143 ? -12.365 -0.617  -4.508  1.00 24.18 ? 1628 SER A C   1 
ATOM   963  O  O   . SER A 1 143 ? -11.695 -0.091  -5.422  1.00 29.69 ? 1628 SER A O   1 
ATOM   964  C  CB  . SER A 1 143 ? -13.649 -0.227  -2.339  1.00 31.78 ? 1628 SER A CB  1 
ATOM   965  O  OG  . SER A 1 143 ? -13.983 -1.574  -2.123  1.00 38.24 ? 1628 SER A OG  1 
ATOM   966  N  N   . PHE A 1 144 ? -13.189 -1.641  -4.695  1.00 29.75 ? 1629 PHE A N   1 
ATOM   967  C  CA  . PHE A 1 144 ? -13.404 -2.266  -5.985  1.00 30.46 ? 1629 PHE A CA  1 
ATOM   968  C  C   . PHE A 1 144 ? -14.640 -3.145  -5.824  1.00 28.65 ? 1629 PHE A C   1 
ATOM   969  O  O   . PHE A 1 144 ? -15.053 -3.438  -4.706  1.00 31.33 ? 1629 PHE A O   1 
ATOM   970  C  CB  . PHE A 1 144 ? -12.206 -3.136  -6.375  1.00 27.58 ? 1629 PHE A CB  1 
ATOM   971  C  CG  . PHE A 1 144 ? -12.054 -4.361  -5.512  1.00 25.73 ? 1629 PHE A CG  1 
ATOM   972  C  CD1 . PHE A 1 144 ? -12.443 -5.608  -5.979  1.00 33.16 ? 1629 PHE A CD1 1 
ATOM   973  C  CD2 . PHE A 1 144 ? -11.567 -4.244  -4.214  1.00 27.31 ? 1629 PHE A CD2 1 
ATOM   974  C  CE1 . PHE A 1 144 ? -12.346 -6.744  -5.140  1.00 22.49 ? 1629 PHE A CE1 1 
ATOM   975  C  CE2 . PHE A 1 144 ? -11.469 -5.362  -3.371  1.00 31.32 ? 1629 PHE A CE2 1 
ATOM   976  C  CZ  . PHE A 1 144 ? -11.860 -6.603  -3.834  1.00 29.76 ? 1629 PHE A CZ  1 
ATOM   977  N  N   . GLN A 1 145 ? -15.201 -3.571  -6.946  1.00 30.56 ? 1630 GLN A N   1 
ATOM   978  C  CA  . GLN A 1 145 ? -16.378 -4.419  -6.974  1.00 34.94 ? 1630 GLN A CA  1 
ATOM   979  C  C   . GLN A 1 145 ? -16.016 -5.676  -7.753  1.00 39.40 ? 1630 GLN A C   1 
ATOM   980  O  O   . GLN A 1 145 ? -15.216 -5.622  -8.680  1.00 33.09 ? 1630 GLN A O   1 
ATOM   981  C  CB  . GLN A 1 145 ? -17.525 -3.708  -7.692  1.00 41.78 ? 1630 GLN A CB  1 
ATOM   982  C  CG  . GLN A 1 145 ? -17.992 -2.407  -7.047  1.00 49.63 ? 1630 GLN A CG  1 
ATOM   983  C  CD  . GLN A 1 145 ? -18.861 -1.574  -7.988  1.00 56.95 ? 1630 GLN A CD  1 
ATOM   984  O  OE1 . GLN A 1 145 ? -19.370 -0.509  -7.618  1.00 56.69 ? 1630 GLN A OE1 1 
ATOM   985  N  NE2 . GLN A 1 145 ? -19.024 -2.055  -9.219  1.00 54.92 ? 1630 GLN A NE2 1 
ATOM   986  N  N   . CYS A 1 146 ? -16.605 -6.799  -7.363  1.00 36.63 ? 1631 CYS A N   1 
ATOM   987  C  CA  . CYS A 1 146 ? -16.364 -8.075  -8.029  1.00 35.76 ? 1631 CYS A CA  1 
ATOM   988  C  C   . CYS A 1 146 ? -17.711 -8.764  -8.330  1.00 38.25 ? 1631 CYS A C   1 
ATOM   989  O  O   . CYS A 1 146 ? -18.530 -9.013  -7.423  1.00 38.10 ? 1631 CYS A O   1 
ATOM   990  C  CB  . CYS A 1 146 ? -15.503 -8.965  -7.138  1.00 37.37 ? 1631 CYS A CB  1 
ATOM   991  S  SG  . CYS A 1 146 ? -15.283 -10.671 -7.755  1.00 44.15 ? 1631 CYS A SG  1 
ATOM   992  N  N   . ARG A 1 147 ? -17.940 -9.046  -9.604  1.00 37.73 ? 1632 ARG A N   1 
ATOM   993  C  CA  . ARG A 1 147 ? -19.179 -9.692  -10.051 1.00 43.44 ? 1632 ARG A CA  1 
ATOM   994  C  C   . ARG A 1 147 ? -18.894 -11.047 -10.656 1.00 37.67 ? 1632 ARG A C   1 
ATOM   995  O  O   . ARG A 1 147 ? -18.146 -11.145 -11.626 1.00 34.31 ? 1632 ARG A O   1 
ATOM   996  C  CB  . ARG A 1 147 ? -19.869 -8.851  -11.121 1.00 49.19 ? 1632 ARG A CB  1 
ATOM   997  C  CG  . ARG A 1 147 ? -20.400 -7.537  -10.656 1.00 59.68 ? 1632 ARG A CG  1 
ATOM   998  C  CD  . ARG A 1 147 ? -20.777 -6.726  -11.876 1.00 67.27 ? 1632 ARG A CD  1 
ATOM   999  N  NE  . ARG A 1 147 ? -21.320 -5.418  -11.538 1.00 71.53 ? 1632 ARG A NE  1 
ATOM   1000 C  CZ  . ARG A 1 147 ? -21.573 -4.482  -12.444 1.00 72.78 ? 1632 ARG A CZ  1 
ATOM   1001 N  NH1 . ARG A 1 147 ? -21.323 -4.727  -13.725 1.00 72.77 ? 1632 ARG A NH1 1 
ATOM   1002 N  NH2 . ARG A 1 147 ? -22.079 -3.312  -12.076 1.00 71.22 ? 1632 ARG A NH2 1 
ATOM   1003 N  N   . CYS A 1 148 ? -19.486 -12.087 -10.091 1.00 33.39 ? 1633 CYS A N   1 
ATOM   1004 C  CA  . CYS A 1 148 ? -19.284 -13.422 -10.617 1.00 35.91 ? 1633 CYS A CA  1 
ATOM   1005 C  C   . CYS A 1 148 ? -20.265 -13.666 -11.761 1.00 36.31 ? 1633 CYS A C   1 
ATOM   1006 O  O   . CYS A 1 148 ? -21.367 -13.138 -11.773 1.00 35.99 ? 1633 CYS A O   1 
ATOM   1007 C  CB  . CYS A 1 148 ? -19.478 -14.468 -9.501  1.00 35.94 ? 1633 CYS A CB  1 
ATOM   1008 S  SG  . CYS A 1 148 ? -18.185 -14.422 -8.201  1.00 41.32 ? 1633 CYS A SG  1 
ATOM   1009 N  N   . PRO A 1 149 ? -19.849 -14.437 -12.769 1.00 36.14 ? 1634 PRO A N   1 
ATOM   1010 C  CA  . PRO A 1 149 ? -20.735 -14.724 -13.893 1.00 36.31 ? 1634 PRO A CA  1 
ATOM   1011 C  C   . PRO A 1 149 ? -21.933 -15.560 -13.430 1.00 33.18 ? 1634 PRO A C   1 
ATOM   1012 O  O   . PRO A 1 149 ? -21.886 -16.221 -12.377 1.00 38.32 ? 1634 PRO A O   1 
ATOM   1013 C  CB  . PRO A 1 149 ? -19.827 -15.493 -14.852 1.00 35.63 ? 1634 PRO A CB  1 
ATOM   1014 C  CG  . PRO A 1 149 ? -18.889 -16.216 -13.934 1.00 38.38 ? 1634 PRO A CG  1 
ATOM   1015 C  CD  . PRO A 1 149 ? -18.551 -15.116 -12.931 1.00 37.63 ? 1634 PRO A CD  1 
ATOM   1016 N  N   . THR A 1 150 ? -22.982 -15.570 -14.233 1.00 35.48 ? 1635 THR A N   1 
ATOM   1017 C  CA  . THR A 1 150 ? -24.195 -16.326 -13.903 1.00 35.75 ? 1635 THR A CA  1 
ATOM   1018 C  C   . THR A 1 150 ? -23.894 -17.761 -13.526 1.00 36.24 ? 1635 THR A C   1 
ATOM   1019 O  O   . THR A 1 150 ? -23.112 -18.434 -14.202 1.00 35.04 ? 1635 THR A O   1 
ATOM   1020 C  CB  . THR A 1 150 ? -25.148 -16.322 -15.081 1.00 41.01 ? 1635 THR A CB  1 
ATOM   1021 O  OG1 . THR A 1 150 ? -25.402 -14.965 -15.445 1.00 39.70 ? 1635 THR A OG1 1 
ATOM   1022 C  CG2 . THR A 1 150 ? -26.459 -17.026 -14.741 1.00 39.15 ? 1635 THR A CG2 1 
ATOM   1023 N  N   . GLY A 1 151 ? -24.494 -18.224 -12.434 1.00 33.81 ? 1636 GLY A N   1 
ATOM   1024 C  CA  . GLY A 1 151 ? -24.290 -19.602 -11.987 1.00 27.60 ? 1636 GLY A CA  1 
ATOM   1025 C  C   . GLY A 1 151 ? -23.178 -19.814 -10.986 1.00 29.71 ? 1636 GLY A C   1 
ATOM   1026 O  O   . GLY A 1 151 ? -23.015 -20.919 -10.438 1.00 31.03 ? 1636 GLY A O   1 
ATOM   1027 N  N   . TYR A 1 152 ? -22.412 -18.750 -10.737 1.00 27.26 ? 1637 TYR A N   1 
ATOM   1028 C  CA  . TYR A 1 152 ? -21.269 -18.758 -9.828  1.00 29.49 ? 1637 TYR A CA  1 
ATOM   1029 C  C   . TYR A 1 152 ? -21.410 -17.639 -8.786  1.00 31.84 ? 1637 TYR A C   1 
ATOM   1030 O  O   . TYR A 1 152 ? -21.981 -16.579 -9.057  1.00 29.19 ? 1637 TYR A O   1 
ATOM   1031 C  CB  . TYR A 1 152 ? -19.968 -18.578 -10.620 1.00 27.26 ? 1637 TYR A CB  1 
ATOM   1032 C  CG  . TYR A 1 152 ? -19.732 -19.700 -11.630 1.00 26.21 ? 1637 TYR A CG  1 
ATOM   1033 C  CD1 . TYR A 1 152 ? -19.079 -20.876 -11.252 1.00 27.26 ? 1637 TYR A CD1 1 
ATOM   1034 C  CD2 . TYR A 1 152 ? -20.202 -19.612 -12.930 1.00 25.97 ? 1637 TYR A CD2 1 
ATOM   1035 C  CE1 . TYR A 1 152 ? -18.909 -21.929 -12.154 1.00 23.95 ? 1637 TYR A CE1 1 
ATOM   1036 C  CE2 . TYR A 1 152 ? -20.026 -20.682 -13.850 1.00 22.50 ? 1637 TYR A CE2 1 
ATOM   1037 C  CZ  . TYR A 1 152 ? -19.378 -21.821 -13.441 1.00 30.92 ? 1637 TYR A CZ  1 
ATOM   1038 O  OH  . TYR A 1 152 ? -19.138 -22.834 -14.343 1.00 31.34 ? 1637 TYR A OH  1 
ATOM   1039 N  N   . TYR A 1 153 ? -20.875 -17.888 -7.603  1.00 31.05 ? 1638 TYR A N   1 
ATOM   1040 C  CA  . TYR A 1 153 ? -20.968 -16.923 -6.519  1.00 35.40 ? 1638 TYR A CA  1 
ATOM   1041 C  C   . TYR A 1 153 ? -19.652 -16.778 -5.819  1.00 35.23 ? 1638 TYR A C   1 
ATOM   1042 O  O   . TYR A 1 153 ? -18.916 -17.758 -5.657  1.00 36.75 ? 1638 TYR A O   1 
ATOM   1043 C  CB  . TYR A 1 153 ? -22.047 -17.390 -5.531  1.00 36.26 ? 1638 TYR A CB  1 
ATOM   1044 C  CG  . TYR A 1 153 ? -23.340 -17.621 -6.253  1.00 39.37 ? 1638 TYR A CG  1 
ATOM   1045 C  CD1 . TYR A 1 153 ? -24.145 -16.546 -6.613  1.00 35.43 ? 1638 TYR A CD1 1 
ATOM   1046 C  CD2 . TYR A 1 153 ? -23.698 -18.899 -6.699  1.00 38.27 ? 1638 TYR A CD2 1 
ATOM   1047 C  CE1 . TYR A 1 153 ? -25.271 -16.730 -7.416  1.00 38.02 ? 1638 TYR A CE1 1 
ATOM   1048 C  CE2 . TYR A 1 153 ? -24.829 -19.086 -7.499  1.00 37.79 ? 1638 TYR A CE2 1 
ATOM   1049 C  CZ  . TYR A 1 153 ? -25.603 -17.991 -7.852  1.00 35.92 ? 1638 TYR A CZ  1 
ATOM   1050 O  OH  . TYR A 1 153 ? -26.721 -18.132 -8.655  1.00 42.88 ? 1638 TYR A OH  1 
ATOM   1051 N  N   . LEU A 1 154 ? -19.381 -15.557 -5.364  1.00 39.78 ? 1639 LEU A N   1 
ATOM   1052 C  CA  . LEU A 1 154 ? -18.138 -15.232 -4.689  1.00 37.03 ? 1639 LEU A CA  1 
ATOM   1053 C  C   . LEU A 1 154 ? -17.926 -15.916 -3.340  1.00 40.12 ? 1639 LEU A C   1 
ATOM   1054 O  O   . LEU A 1 154 ? -18.720 -15.752 -2.415  1.00 42.65 ? 1639 LEU A O   1 
ATOM   1055 C  CB  . LEU A 1 154 ? -18.057 -13.718 -4.504  1.00 46.75 ? 1639 LEU A CB  1 
ATOM   1056 C  CG  . LEU A 1 154 ? -16.763 -12.930 -4.789  1.00 50.81 ? 1639 LEU A CG  1 
ATOM   1057 C  CD1 . LEU A 1 154 ? -16.598 -11.919 -3.670  1.00 47.41 ? 1639 LEU A CD1 1 
ATOM   1058 C  CD2 . LEU A 1 154 ? -15.525 -13.847 -4.909  1.00 49.41 ? 1639 LEU A CD2 1 
ATOM   1059 N  N   . ASN A 1 155 ? -16.855 -16.694 -3.232  1.00 34.37 ? 1640 ASN A N   1 
ATOM   1060 C  CA  . ASN A 1 155 ? -16.502 -17.341 -1.981  1.00 40.38 ? 1640 ASN A CA  1 
ATOM   1061 C  C   . ASN A 1 155 ? -15.688 -16.276 -1.243  1.00 41.24 ? 1640 ASN A C   1 
ATOM   1062 O  O   . ASN A 1 155 ? -14.557 -15.962 -1.655  1.00 40.66 ? 1640 ASN A O   1 
ATOM   1063 C  CB  . ASN A 1 155 ? -15.623 -18.552 -2.250  1.00 40.18 ? 1640 ASN A CB  1 
ATOM   1064 C  CG  . ASN A 1 155 ? -15.104 -19.184 -0.966  1.00 47.52 ? 1640 ASN A CG  1 
ATOM   1065 O  OD1 . ASN A 1 155 ? -14.666 -18.489 -0.044  1.00 44.04 ? 1640 ASN A OD1 1 
ATOM   1066 N  ND2 . ASN A 1 155 ? -15.135 -20.501 -0.907  1.00 46.75 ? 1640 ASN A ND2 1 
ATOM   1067 N  N   . GLU A 1 156 ? -16.254 -15.720 -0.168  1.00 42.98 ? 1641 GLU A N   1 
ATOM   1068 C  CA  . GLU A 1 156 ? -15.608 -14.642 0.594   1.00 42.78 ? 1641 GLU A CA  1 
ATOM   1069 C  C   . GLU A 1 156 ? -14.238 -14.942 1.185   1.00 43.93 ? 1641 GLU A C   1 
ATOM   1070 O  O   . GLU A 1 156 ? -13.409 -14.057 1.293   1.00 46.55 ? 1641 GLU A O   1 
ATOM   1071 C  CB  . GLU A 1 156 ? -16.542 -14.151 1.705   1.00 45.40 ? 1641 GLU A CB  1 
ATOM   1072 C  CG  . GLU A 1 156 ? -17.862 -13.617 1.215   1.00 51.49 ? 1641 GLU A CG  1 
ATOM   1073 C  CD  . GLU A 1 156 ? -17.732 -12.328 0.433   1.00 58.03 ? 1641 GLU A CD  1 
ATOM   1074 O  OE1 . GLU A 1 156 ? -18.713 -11.940 -0.241  1.00 61.76 ? 1641 GLU A OE1 1 
ATOM   1075 O  OE2 . GLU A 1 156 ? -16.663 -11.695 0.494   1.00 60.16 ? 1641 GLU A OE2 1 
ATOM   1076 N  N   . ASP A 1 157 ? -13.998 -16.180 1.576   1.00 43.78 ? 1642 ASP A N   1 
ATOM   1077 C  CA  . ASP A 1 157 ? -12.717 -16.552 2.152   1.00 48.15 ? 1642 ASP A CA  1 
ATOM   1078 C  C   . ASP A 1 157 ? -11.630 -16.817 1.120   1.00 48.97 ? 1642 ASP A C   1 
ATOM   1079 O  O   . ASP A 1 157 ? -10.445 -16.612 1.391   1.00 48.34 ? 1642 ASP A O   1 
ATOM   1080 C  CB  . ASP A 1 157 ? -12.889 -17.792 3.032   1.00 57.64 ? 1642 ASP A CB  1 
ATOM   1081 C  CG  . ASP A 1 157 ? -13.956 -17.601 4.096   1.00 65.12 ? 1642 ASP A CG  1 
ATOM   1082 O  OD1 . ASP A 1 157 ? -15.020 -18.257 4.005   1.00 67.64 ? 1642 ASP A OD1 1 
ATOM   1083 O  OD2 . ASP A 1 157 ? -13.734 -16.778 5.016   1.00 69.89 ? 1642 ASP A OD2 1 
ATOM   1084 N  N   . THR A 1 158 ? -12.015 -17.270 -0.069  1.00 43.64 ? 1643 THR A N   1 
ATOM   1085 C  CA  . THR A 1 158 ? -11.009 -17.561 -1.069  1.00 41.40 ? 1643 THR A CA  1 
ATOM   1086 C  C   . THR A 1 158 ? -10.946 -16.522 -2.182  1.00 40.19 ? 1643 THR A C   1 
ATOM   1087 O  O   . THR A 1 158 ? -9.967  -16.482 -2.925  1.00 36.92 ? 1643 THR A O   1 
ATOM   1088 C  CB  . THR A 1 158 ? -11.228 -18.947 -1.687  1.00 41.37 ? 1643 THR A CB  1 
ATOM   1089 O  OG1 . THR A 1 158 ? -12.429 -18.946 -2.464  1.00 35.97 ? 1643 THR A OG1 1 
ATOM   1090 C  CG2 . THR A 1 158 ? -11.356 -20.001 -0.578  1.00 40.54 ? 1643 THR A CG2 1 
ATOM   1091 N  N   . ARG A 1 159 ? -11.975 -15.684 -2.271  1.00 35.46 ? 1644 ARG A N   1 
ATOM   1092 C  CA  . ARG A 1 159 ? -12.052 -14.669 -3.310  1.00 36.02 ? 1644 ARG A CA  1 
ATOM   1093 C  C   . ARG A 1 159 ? -12.188 -15.272 -4.736  1.00 37.23 ? 1644 ARG A C   1 
ATOM   1094 O  O   . ARG A 1 159 ? -11.871 -14.622 -5.745  1.00 32.91 ? 1644 ARG A O   1 
ATOM   1095 C  CB  . ARG A 1 159 ? -10.826 -13.757 -3.197  1.00 39.30 ? 1644 ARG A CB  1 
ATOM   1096 C  CG  . ARG A 1 159 ? -11.034 -12.649 -2.148  1.00 42.36 ? 1644 ARG A CG  1 
ATOM   1097 C  CD  . ARG A 1 159 ? -11.841 -11.568 -2.815  1.00 47.39 ? 1644 ARG A CD  1 
ATOM   1098 N  NE  . ARG A 1 159 ? -12.803 -10.930 -1.948  1.00 48.12 ? 1644 ARG A NE  1 
ATOM   1099 C  CZ  . ARG A 1 159 ? -13.687 -10.037 -2.376  1.00 49.99 ? 1644 ARG A CZ  1 
ATOM   1100 N  NH1 . ARG A 1 159 ? -13.718 -9.697  -3.656  1.00 41.88 ? 1644 ARG A NH1 1 
ATOM   1101 N  NH2 . ARG A 1 159 ? -14.527 -9.476  -1.522  1.00 54.69 ? 1644 ARG A NH2 1 
ATOM   1102 N  N   . VAL A 1 160 ? -12.708 -16.494 -4.802  1.00 32.81 ? 1645 VAL A N   1 
ATOM   1103 C  CA  . VAL A 1 160 ? -12.906 -17.205 -6.064  1.00 36.86 ? 1645 VAL A CA  1 
ATOM   1104 C  C   . VAL A 1 160 ? -14.388 -17.327 -6.391  1.00 37.97 ? 1645 VAL A C   1 
ATOM   1105 O  O   . VAL A 1 160 ? -15.197 -17.634 -5.517  1.00 38.19 ? 1645 VAL A O   1 
ATOM   1106 C  CB  . VAL A 1 160 ? -12.273 -18.643 -6.002  1.00 32.27 ? 1645 VAL A CB  1 
ATOM   1107 C  CG1 . VAL A 1 160 ? -12.445 -19.386 -7.341  1.00 29.66 ? 1645 VAL A CG1 1 
ATOM   1108 C  CG2 . VAL A 1 160 ? -10.796 -18.537 -5.680  1.00 35.91 ? 1645 VAL A CG2 1 
ATOM   1109 N  N   . CYS A 1 161 ? -14.761 -17.047 -7.637  1.00 39.29 ? 1646 CYS A N   1 
ATOM   1110 C  CA  . CYS A 1 161 ? -16.153 -17.209 -8.027  1.00 37.56 ? 1646 CYS A CA  1 
ATOM   1111 C  C   . CYS A 1 161 ? -16.317 -18.702 -8.032  1.00 43.50 ? 1646 CYS A C   1 
ATOM   1112 O  O   . CYS A 1 161 ? -15.943 -19.407 -8.972  1.00 42.36 ? 1646 CYS A O   1 
ATOM   1113 C  CB  . CYS A 1 161 ? -16.433 -16.608 -9.385  1.00 36.46 ? 1646 CYS A CB  1 
ATOM   1114 S  SG  . CYS A 1 161 ? -16.487 -14.809 -9.267  1.00 35.90 ? 1646 CYS A SG  1 
ATOM   1115 N  N   . ASP A 1 162 ? -16.790 -19.132 -6.875  1.00 48.46 ? 1647 ASP A N   1 
ATOM   1116 C  CA  . ASP A 1 162 ? -17.040 -20.489 -6.476  1.00 52.93 ? 1647 ASP A CA  1 
ATOM   1117 C  C   . ASP A 1 162 ? -15.932 -21.287 -5.815  1.00 54.84 ? 1647 ASP A C   1 
ATOM   1118 O  O   . ASP A 1 162 ? -16.072 -21.647 -4.636  1.00 54.50 ? 1647 ASP A O   1 
ATOM   1119 C  CB  . ASP A 1 162 ? -17.623 -21.254 -7.606  1.00 45.91 ? 1647 ASP A CB  1 
ATOM   1120 C  CG  . ASP A 1 162 ? -19.042 -21.536 -7.359  1.00 40.26 ? 1647 ASP A CG  1 
ATOM   1121 O  OD1 . ASP A 1 162 ? -19.848 -20.579 -7.397  1.00 40.07 ? 1647 ASP A OD1 1 
ATOM   1122 O  OD2 . ASP A 1 162 ? -19.332 -22.710 -7.093  1.00 45.55 ? 1647 ASP A OD2 1 
HETATM 1123 SM SM  . SM  B 2 .   ? 15.271  24.132  8.822   1.00 24.85 ? 2648 SM  A SM  1 
HETATM 1124 SM SM  . SM  C 2 .   ? -9.658  1.112   -5.924  1.00 23.23 ? 2649 SM  A SM  1 
HETATM 1125 SM SM  . SM  D 2 .   ? 8.223   -1.252  14.570  0.30 23.10 ? 2650 SM  A SM  1 
HETATM 1126 O  O   . HOH E 3 .   ? 19.962  26.182  12.947  1.00 47.87 ? 2001 HOH A O   1 
HETATM 1127 O  O   . HOH E 3 .   ? 1.282   16.193  2.937   1.00 55.32 ? 2002 HOH A O   1 
HETATM 1128 O  O   . HOH E 3 .   ? 16.201  19.088  15.695  1.00 44.83 ? 2003 HOH A O   1 
HETATM 1129 O  O   . HOH E 3 .   ? 12.221  -8.442  6.798   1.00 94.30 ? 2004 HOH A O   1 
HETATM 1130 O  O   . HOH E 3 .   ? 17.143  8.510   -2.158  1.00 46.78 ? 2005 HOH A O   1 
HETATM 1131 O  O   . HOH E 3 .   ? 9.309   -12.168 -6.044  1.00 51.85 ? 2006 HOH A O   1 
HETATM 1132 O  O   . HOH E 3 .   ? 8.674   -8.676  -8.478  1.00 46.91 ? 2007 HOH A O   1 
HETATM 1133 O  O   . HOH E 3 .   ? -4.265  -24.399 6.355   1.00 67.59 ? 2008 HOH A O   1 
HETATM 1134 O  O   . HOH E 3 .   ? 5.211   -2.012  6.997   1.00 50.07 ? 2009 HOH A O   1 
HETATM 1135 O  O   . HOH E 3 .   ? 5.276   -3.894  9.009   1.00 43.28 ? 2010 HOH A O   1 
HETATM 1136 O  O   . HOH E 3 .   ? -5.773  -4.407  6.463   1.00 55.96 ? 2011 HOH A O   1 
HETATM 1137 O  O   . HOH E 3 .   ? 0.051   -5.707  15.558  1.00 85.26 ? 2012 HOH A O   1 
HETATM 1138 O  O   . HOH E 3 .   ? 7.692   0.948   9.356   1.00 40.89 ? 2013 HOH A O   1 
HETATM 1139 O  O   . HOH E 3 .   ? -0.231  2.407   -11.836 1.00 83.14 ? 2014 HOH A O   1 
HETATM 1140 O  O   . HOH E 3 .   ? -8.404  -3.683  -14.859 1.00 80.44 ? 2015 HOH A O   1 
HETATM 1141 O  O   . HOH E 3 .   ? -7.736  -11.248 -13.954 1.00 51.35 ? 2016 HOH A O   1 
HETATM 1142 O  O   . HOH E 3 .   ? -18.462 3.690   -6.978  1.00 68.28 ? 2017 HOH A O   1 
HETATM 1143 O  O   . HOH E 3 .   ? -13.850 -5.205  -0.532  1.00 58.26 ? 2018 HOH A O   1 
HETATM 1144 O  O   . HOH E 3 .   ? 17.950  30.953  16.831  1.00 87.73 ? 2019 HOH A O   1 
HETATM 1145 O  O   . HOH E 3 .   ? 18.235  30.821  8.615   1.00 55.28 ? 2020 HOH A O   1 
HETATM 1146 O  O   . HOH E 3 .   ? 13.136  27.557  14.444  1.00 41.90 ? 2021 HOH A O   1 
HETATM 1147 O  O   . HOH E 3 .   ? 18.534  24.308  12.301  1.00 50.72 ? 2022 HOH A O   1 
HETATM 1148 O  O   . HOH E 3 .   ? 14.836  28.241  7.309   1.00 25.19 ? 2023 HOH A O   1 
HETATM 1149 O  O   . HOH E 3 .   ? 16.444  25.503  13.103  1.00 93.32 ? 2024 HOH A O   1 
HETATM 1150 O  O   . HOH E 3 .   ? 10.252  27.104  13.593  1.00 25.91 ? 2025 HOH A O   1 
HETATM 1151 O  O   . HOH E 3 .   ? 7.820   25.022  11.255  1.00 34.32 ? 2026 HOH A O   1 
HETATM 1152 O  O   . HOH E 3 .   ? 14.207  23.371  16.950  1.00 33.75 ? 2027 HOH A O   1 
HETATM 1153 O  O   . HOH E 3 .   ? 13.207  26.972  5.954   1.00 25.29 ? 2028 HOH A O   1 
HETATM 1154 O  O   . HOH E 3 .   ? 7.782   16.183  11.018  1.00 30.91 ? 2029 HOH A O   1 
HETATM 1155 O  O   . HOH E 3 .   ? 3.908   24.115  14.236  1.00 37.34 ? 2030 HOH A O   1 
HETATM 1156 O  O   . HOH E 3 .   ? 7.570   23.688  6.371   1.00 58.28 ? 2031 HOH A O   1 
HETATM 1157 O  O   . HOH E 3 .   ? 1.401   21.857  5.825   1.00 51.74 ? 2032 HOH A O   1 
HETATM 1158 O  O   . HOH E 3 .   ? 2.182   14.642  5.042   1.00 40.07 ? 2033 HOH A O   1 
HETATM 1159 O  O   . HOH E 3 .   ? 4.372   13.573  7.841   1.00 39.51 ? 2034 HOH A O   1 
HETATM 1160 O  O   . HOH E 3 .   ? 3.222   10.608  6.806   1.00 37.55 ? 2035 HOH A O   1 
HETATM 1161 O  O   . HOH E 3 .   ? 9.426   12.073  13.795  1.00 27.64 ? 2036 HOH A O   1 
HETATM 1162 O  O   . HOH E 3 .   ? 11.999  12.759  13.656  1.00 25.99 ? 2037 HOH A O   1 
HETATM 1163 O  O   . HOH E 3 .   ? 16.366  22.009  15.264  1.00 42.60 ? 2038 HOH A O   1 
HETATM 1164 O  O   . HOH E 3 .   ? 19.287  18.573  13.844  1.00 54.35 ? 2039 HOH A O   1 
HETATM 1165 O  O   . HOH E 3 .   ? 14.625  25.675  14.708  1.00 58.55 ? 2040 HOH A O   1 
HETATM 1166 O  O   . HOH E 3 .   ? 14.497  17.788  14.338  1.00 30.02 ? 2041 HOH A O   1 
HETATM 1167 O  O   . HOH E 3 .   ? 20.031  22.360  4.102   1.00 75.74 ? 2042 HOH A O   1 
HETATM 1168 O  O   . HOH E 3 .   ? 19.193  28.631  8.334   1.00 64.23 ? 2043 HOH A O   1 
HETATM 1169 O  O   . HOH E 3 .   ? 14.788  22.704  0.486   1.00 74.81 ? 2044 HOH A O   1 
HETATM 1170 O  O   . HOH E 3 .   ? 18.061  23.340  2.730   1.00 66.64 ? 2045 HOH A O   1 
HETATM 1171 O  O   . HOH E 3 .   ? 17.602  19.554  2.915   1.00 43.00 ? 2046 HOH A O   1 
HETATM 1172 O  O   . HOH E 3 .   ? 8.796   20.482  2.424   1.00 67.50 ? 2047 HOH A O   1 
HETATM 1173 O  O   . HOH E 3 .   ? 7.303   18.552  1.723   1.00 76.70 ? 2048 HOH A O   1 
HETATM 1174 O  O   . HOH E 3 .   ? 8.283   16.850  3.251   1.00 37.39 ? 2049 HOH A O   1 
HETATM 1175 O  O   . HOH E 3 .   ? 16.735  9.545   3.997   1.00 26.95 ? 2050 HOH A O   1 
HETATM 1176 O  O   . HOH E 3 .   ? 16.938  7.783   5.654   1.00 41.15 ? 2051 HOH A O   1 
HETATM 1177 O  O   . HOH E 3 .   ? 16.426  10.206  12.522  1.00 37.05 ? 2052 HOH A O   1 
HETATM 1178 O  O   . HOH E 3 .   ? 12.859  7.159   9.617   1.00 41.74 ? 2053 HOH A O   1 
HETATM 1179 O  O   . HOH E 3 .   ? 16.391  4.482   8.216   1.00 68.48 ? 2054 HOH A O   1 
HETATM 1180 O  O   . HOH E 3 .   ? 15.113  3.007   4.945   1.00 43.70 ? 2055 HOH A O   1 
HETATM 1181 O  O   . HOH E 3 .   ? 14.592  -3.160  2.417   1.00 64.53 ? 2056 HOH A O   1 
HETATM 1182 O  O   . HOH E 3 .   ? 11.986  0.665   -0.626  1.00 40.45 ? 2057 HOH A O   1 
HETATM 1183 O  O   . HOH E 3 .   ? 11.273  -6.363  6.078   1.00 49.77 ? 2058 HOH A O   1 
HETATM 1184 O  O   . HOH E 3 .   ? 16.338  4.575   3.187   1.00 64.84 ? 2059 HOH A O   1 
HETATM 1185 O  O   . HOH E 3 .   ? 15.290  1.383   2.514   1.00 56.55 ? 2060 HOH A O   1 
HETATM 1186 O  O   . HOH E 3 .   ? 12.028  5.983   -4.203  1.00 67.42 ? 2061 HOH A O   1 
HETATM 1187 O  O   . HOH E 3 .   ? 16.652  1.601   -4.833  1.00 69.04 ? 2062 HOH A O   1 
HETATM 1188 O  O   . HOH E 3 .   ? 15.871  6.904   2.398   1.00 45.38 ? 2063 HOH A O   1 
HETATM 1189 O  O   . HOH E 3 .   ? 16.087  11.400  -3.209  1.00 53.70 ? 2064 HOH A O   1 
HETATM 1190 O  O   . HOH E 3 .   ? 14.652  17.370  -4.279  1.00 61.19 ? 2065 HOH A O   1 
HETATM 1191 O  O   . HOH E 3 .   ? 11.943  18.149  1.031   1.00 59.35 ? 2066 HOH A O   1 
HETATM 1192 O  O   . HOH E 3 .   ? 15.328  18.874  0.493   1.00 52.60 ? 2067 HOH A O   1 
HETATM 1193 O  O   . HOH E 3 .   ? 4.503   6.382   1.970   1.00 31.01 ? 2068 HOH A O   1 
HETATM 1194 O  O   . HOH E 3 .   ? 7.478   -1.123  3.929   1.00 38.16 ? 2069 HOH A O   1 
HETATM 1195 O  O   . HOH E 3 .   ? 5.900   2.026   -4.236  1.00 43.51 ? 2070 HOH A O   1 
HETATM 1196 O  O   . HOH E 3 .   ? 5.184   2.700   -0.367  1.00 28.13 ? 2071 HOH A O   1 
HETATM 1197 O  O   . HOH E 3 .   ? 7.004   -2.368  -1.910  1.00 28.97 ? 2072 HOH A O   1 
HETATM 1198 O  O   . HOH E 3 .   ? 11.213  -2.879  -7.447  1.00 59.44 ? 2073 HOH A O   1 
HETATM 1199 O  O   . HOH E 3 .   ? 7.032   -1.562  -6.596  1.00 63.99 ? 2074 HOH A O   1 
HETATM 1200 O  O   . HOH E 3 .   ? 8.149   -10.301 -6.912  1.00 73.81 ? 2075 HOH A O   1 
HETATM 1201 O  O   . HOH E 3 .   ? 7.394   -12.096 -3.625  1.00 38.81 ? 2076 HOH A O   1 
HETATM 1202 O  O   . HOH E 3 .   ? -7.526  -13.396 4.522   1.00 63.63 ? 2077 HOH A O   1 
HETATM 1203 O  O   . HOH E 3 .   ? -9.201  -17.706 4.970   1.00 69.78 ? 2078 HOH A O   1 
HETATM 1204 O  O   . HOH E 3 .   ? -1.408  -19.297 5.632   1.00 77.41 ? 2079 HOH A O   1 
HETATM 1205 O  O   . HOH E 3 .   ? 3.234   -18.088 6.081   1.00 69.50 ? 2080 HOH A O   1 
HETATM 1206 O  O   . HOH E 3 .   ? 5.664   -19.459 4.152   1.00 57.26 ? 2081 HOH A O   1 
HETATM 1207 O  O   . HOH E 3 .   ? -2.465  -21.780 5.059   1.00 53.21 ? 2082 HOH A O   1 
HETATM 1208 O  O   . HOH E 3 .   ? 0.812   -20.102 -2.192  1.00 77.86 ? 2083 HOH A O   1 
HETATM 1209 O  O   . HOH E 3 .   ? -1.225  -18.062 -8.904  1.00 48.66 ? 2084 HOH A O   1 
HETATM 1210 O  O   . HOH E 3 .   ? 3.834   -16.220 -8.886  1.00 60.98 ? 2085 HOH A O   1 
HETATM 1211 O  O   . HOH E 3 .   ? -1.091  -15.463 -8.829  1.00 74.23 ? 2086 HOH A O   1 
HETATM 1212 O  O   . HOH E 3 .   ? -1.921  -13.145 -8.877  1.00 49.26 ? 2087 HOH A O   1 
HETATM 1213 O  O   . HOH E 3 .   ? -0.988  -10.768 -10.665 1.00 54.09 ? 2088 HOH A O   1 
HETATM 1214 O  O   . HOH E 3 .   ? 1.121   -5.920  -11.024 1.00 61.26 ? 2089 HOH A O   1 
HETATM 1215 O  O   . HOH E 3 .   ? 3.825   -2.334  -9.278  1.00 54.61 ? 2090 HOH A O   1 
HETATM 1216 O  O   . HOH E 3 .   ? 6.974   -5.550  -10.645 1.00 54.22 ? 2091 HOH A O   1 
HETATM 1217 O  O   . HOH E 3 .   ? 7.634   -2.661  5.622   1.00 40.42 ? 2092 HOH A O   1 
HETATM 1218 O  O   . HOH E 3 .   ? 4.789   0.054   -1.150  1.00 30.38 ? 2093 HOH A O   1 
HETATM 1219 O  O   . HOH E 3 .   ? -8.089  -9.622  3.307   1.00 48.60 ? 2094 HOH A O   1 
HETATM 1220 O  O   . HOH E 3 .   ? 6.700   -15.663 -0.133  1.00 42.86 ? 2095 HOH A O   1 
HETATM 1221 O  O   . HOH E 3 .   ? 10.293  -9.411  -1.209  1.00 55.40 ? 2096 HOH A O   1 
HETATM 1222 O  O   . HOH E 3 .   ? 11.865  -15.427 -4.721  1.00 55.66 ? 2097 HOH A O   1 
HETATM 1223 O  O   . HOH E 3 .   ? 10.537  -9.881  1.264   1.00 59.68 ? 2098 HOH A O   1 
HETATM 1224 O  O   . HOH E 3 .   ? 10.571  -11.187 6.576   1.00 55.68 ? 2099 HOH A O   1 
HETATM 1225 O  O   . HOH E 3 .   ? 4.032   -7.562  10.831  1.00 58.23 ? 2100 HOH A O   1 
HETATM 1226 O  O   . HOH E 3 .   ? 5.391   -6.446  7.489   1.00 36.45 ? 2101 HOH A O   1 
HETATM 1227 O  O   . HOH E 3 .   ? -3.614  -5.323  8.221   1.00 51.93 ? 2102 HOH A O   1 
HETATM 1228 O  O   . HOH E 3 .   ? 0.763   -5.425  13.188  1.00 44.02 ? 2103 HOH A O   1 
HETATM 1229 O  O   . HOH E 3 .   ? -5.831  -5.216  11.240  1.00 41.80 ? 2104 HOH A O   1 
HETATM 1230 O  O   . HOH E 3 .   ? -6.696  1.919   9.964   1.00 28.34 ? 2105 HOH A O   1 
HETATM 1231 O  O   . HOH E 3 .   ? 2.140   0.667   16.902  1.00 38.33 ? 2106 HOH A O   1 
HETATM 1232 O  O   . HOH E 3 .   ? 2.842   -3.702  13.041  1.00 41.78 ? 2107 HOH A O   1 
HETATM 1233 O  O   . HOH E 3 .   ? 5.298   0.425   7.862   1.00 31.00 ? 2108 HOH A O   1 
HETATM 1234 O  O   . HOH E 3 .   ? 3.403   -3.679  15.459  1.00 71.55 ? 2109 HOH A O   1 
HETATM 1235 O  O   . HOH E 3 .   ? -7.583  0.919   7.539   1.00 32.06 ? 2110 HOH A O   1 
HETATM 1236 O  O   . HOH E 3 .   ? -5.931  -2.166  4.572   1.00 30.39 ? 2111 HOH A O   1 
HETATM 1237 O  O   . HOH E 3 .   ? -4.305  7.660   8.632   1.00 27.08 ? 2112 HOH A O   1 
HETATM 1238 O  O   . HOH E 3 .   ? -1.572  9.848   7.655   1.00 29.19 ? 2113 HOH A O   1 
HETATM 1239 O  O   . HOH E 3 .   ? 1.442   8.567   7.848   1.00 42.96 ? 2114 HOH A O   1 
HETATM 1240 O  O   . HOH E 3 .   ? 3.761   3.657   1.592   1.00 28.30 ? 2115 HOH A O   1 
HETATM 1241 O  O   . HOH E 3 .   ? -9.006  5.932   3.031   1.00 29.21 ? 2116 HOH A O   1 
HETATM 1242 O  O   . HOH E 3 .   ? -8.769  3.424   6.642   1.00 24.45 ? 2117 HOH A O   1 
HETATM 1243 O  O   . HOH E 3 .   ? -11.370 3.589   1.146   1.00 43.75 ? 2118 HOH A O   1 
HETATM 1244 O  O   . HOH E 3 .   ? -11.595 -2.071  1.631   1.00 68.12 ? 2119 HOH A O   1 
HETATM 1245 O  O   . HOH E 3 .   ? -3.015  4.722   2.250   1.00 24.22 ? 2120 HOH A O   1 
HETATM 1246 O  O   . HOH E 3 .   ? -0.487  5.433   -5.891  1.00 65.94 ? 2121 HOH A O   1 
HETATM 1247 O  O   . HOH E 3 .   ? 3.834   1.948   -9.174  1.00 37.25 ? 2122 HOH A O   1 
HETATM 1248 O  O   . HOH E 3 .   ? 3.224   0.972   -5.458  1.00 98.82 ? 2123 HOH A O   1 
HETATM 1249 O  O   . HOH E 3 .   ? 4.896   0.312   -7.245  1.00 88.59 ? 2124 HOH A O   1 
HETATM 1250 O  O   . HOH E 3 .   ? -1.115  4.401   -10.241 1.00 72.00 ? 2125 HOH A O   1 
HETATM 1251 O  O   . HOH E 3 .   ? 3.354   4.067   -10.298 1.00 44.39 ? 2126 HOH A O   1 
HETATM 1252 O  O   . HOH E 3 .   ? 4.259   3.915   -2.952  1.00 35.57 ? 2127 HOH A O   1 
HETATM 1253 O  O   . HOH E 3 .   ? 4.867   6.433   -10.518 1.00 36.02 ? 2128 HOH A O   1 
HETATM 1254 O  O   . HOH E 3 .   ? 2.951   15.320  -2.220  1.00 63.06 ? 2129 HOH A O   1 
HETATM 1255 O  O   . HOH E 3 .   ? 1.169   12.371  -8.719  1.00 39.26 ? 2130 HOH A O   1 
HETATM 1256 O  O   . HOH E 3 .   ? -1.475  13.225  -1.375  1.00 54.26 ? 2131 HOH A O   1 
HETATM 1257 O  O   . HOH E 3 .   ? -1.549  11.467  -8.674  1.00 36.59 ? 2132 HOH A O   1 
HETATM 1258 O  O   . HOH E 3 .   ? -2.579  3.547   -7.358  1.00 44.42 ? 2133 HOH A O   1 
HETATM 1259 O  O   . HOH E 3 .   ? -6.502  8.075   -7.799  1.00 28.65 ? 2134 HOH A O   1 
HETATM 1260 O  O   . HOH E 3 .   ? -6.517  2.334   -12.939 1.00 58.20 ? 2135 HOH A O   1 
HETATM 1261 O  O   . HOH E 3 .   ? -8.913  -1.142  -13.745 1.00 43.79 ? 2136 HOH A O   1 
HETATM 1262 O  O   . HOH E 3 .   ? -9.176  -2.936  -1.258  1.00 37.24 ? 2137 HOH A O   1 
HETATM 1263 O  O   . HOH E 3 .   ? -8.966  0.988   -3.466  1.00 27.53 ? 2138 HOH A O   1 
HETATM 1264 O  O   . HOH E 3 .   ? -8.978  -7.782  -12.759 1.00 47.81 ? 2139 HOH A O   1 
HETATM 1265 O  O   . HOH E 3 .   ? -2.458  0.194   -11.158 1.00 37.51 ? 2140 HOH A O   1 
HETATM 1266 O  O   . HOH E 3 .   ? -4.473  -7.920  -13.906 1.00 70.80 ? 2141 HOH A O   1 
HETATM 1267 O  O   . HOH E 3 .   ? -0.534  -7.777  -10.177 1.00 50.67 ? 2142 HOH A O   1 
HETATM 1268 O  O   . HOH E 3 .   ? 2.247   -1.821  -6.819  1.00 36.06 ? 2143 HOH A O   1 
HETATM 1269 O  O   . HOH E 3 .   ? -2.954  0.730   -8.505  1.00 25.95 ? 2144 HOH A O   1 
HETATM 1270 O  O   . HOH E 3 .   ? -8.379  -12.737 -11.925 1.00 54.74 ? 2145 HOH A O   1 
HETATM 1271 O  O   . HOH E 3 .   ? -9.782  -9.669  -10.965 1.00 43.17 ? 2146 HOH A O   1 
HETATM 1272 O  O   . HOH E 3 .   ? -4.192  -13.863 -8.746  1.00 49.73 ? 2147 HOH A O   1 
HETATM 1273 O  O   . HOH E 3 .   ? -8.186  -16.316 -11.844 1.00 73.15 ? 2148 HOH A O   1 
HETATM 1274 O  O   . HOH E 3 .   ? -5.662  -14.109 -11.302 1.00 45.94 ? 2149 HOH A O   1 
HETATM 1275 O  O   . HOH E 3 .   ? -6.623  -18.885 -11.965 1.00 55.69 ? 2150 HOH A O   1 
HETATM 1276 O  O   . HOH E 3 .   ? -10.138 -14.361 -12.922 1.00 51.03 ? 2151 HOH A O   1 
HETATM 1277 O  O   . HOH E 3 .   ? -15.880 -13.966 -15.391 1.00 51.73 ? 2152 HOH A O   1 
HETATM 1278 O  O   . HOH E 3 .   ? -14.756 -11.158 -16.641 1.00 60.06 ? 2153 HOH A O   1 
HETATM 1279 O  O   . HOH E 3 .   ? -11.286 -10.620 -12.800 1.00 57.04 ? 2154 HOH A O   1 
HETATM 1280 O  O   . HOH E 3 .   ? -17.990 -5.868  -11.459 1.00 89.78 ? 2155 HOH A O   1 
HETATM 1281 O  O   . HOH E 3 .   ? -12.399 -8.160  -14.579 1.00 53.08 ? 2156 HOH A O   1 
HETATM 1282 O  O   . HOH E 3 .   ? -11.067 -4.848  -14.729 1.00 62.77 ? 2157 HOH A O   1 
HETATM 1283 O  O   . HOH E 3 .   ? -9.845  2.818   -12.312 1.00 43.98 ? 2158 HOH A O   1 
HETATM 1284 O  O   . HOH E 3 .   ? -11.802 -1.113  -13.635 1.00 47.44 ? 2159 HOH A O   1 
HETATM 1285 O  O   . HOH E 3 .   ? -15.752 3.259   -10.752 1.00 59.72 ? 2160 HOH A O   1 
HETATM 1286 O  O   . HOH E 3 .   ? -17.118 0.096   -4.245  1.00 57.01 ? 2161 HOH A O   1 
HETATM 1287 O  O   . HOH E 3 .   ? -15.578 4.953   -7.773  1.00 44.02 ? 2162 HOH A O   1 
HETATM 1288 O  O   . HOH E 3 .   ? -16.383 4.256   -4.110  1.00 63.67 ? 2163 HOH A O   1 
HETATM 1289 O  O   . HOH E 3 .   ? -12.223 -2.925  -0.443  1.00 51.83 ? 2164 HOH A O   1 
HETATM 1290 O  O   . HOH E 3 .   ? -17.186 -1.995  -2.595  1.00 58.30 ? 2165 HOH A O   1 
HETATM 1291 O  O   . HOH E 3 .   ? -15.247 -5.364  -2.783  1.00 37.53 ? 2166 HOH A O   1 
HETATM 1292 O  O   . HOH E 3 .   ? -19.380 1.003   -5.946  1.00 57.72 ? 2167 HOH A O   1 
HETATM 1293 O  O   . HOH E 3 .   ? -19.053 -6.375  -5.673  1.00 51.65 ? 2168 HOH A O   1 
HETATM 1294 O  O   . HOH E 3 .   ? -21.116 -5.287  -8.030  1.00 57.83 ? 2169 HOH A O   1 
HETATM 1295 O  O   . HOH E 3 .   ? -23.180 -11.404 -12.721 1.00 64.21 ? 2170 HOH A O   1 
HETATM 1296 O  O   . HOH E 3 .   ? -25.710 -13.578 -17.762 1.00 54.92 ? 2171 HOH A O   1 
HETATM 1297 O  O   . HOH E 3 .   ? -22.433 -13.685 -16.372 1.00 57.36 ? 2172 HOH A O   1 
HETATM 1298 O  O   . HOH E 3 .   ? -25.287 -22.384 -10.142 1.00 56.52 ? 2173 HOH A O   1 
HETATM 1299 O  O   . HOH E 3 .   ? -17.741 -24.788 -13.599 1.00 32.04 ? 2174 HOH A O   1 
HETATM 1300 O  O   . HOH E 3 .   ? -23.331 -14.803 -10.164 1.00 40.75 ? 2175 HOH A O   1 
HETATM 1301 O  O   . HOH E 3 .   ? -26.502 -16.958 -11.008 1.00 45.02 ? 2176 HOH A O   1 
HETATM 1302 O  O   . HOH E 3 .   ? -27.348 -20.960 -9.649  1.00 54.09 ? 2177 HOH A O   1 
HETATM 1303 O  O   . HOH E 3 .   ? -17.988 -20.706 0.868   1.00 63.54 ? 2178 HOH A O   1 
HETATM 1304 O  O   . HOH E 3 .   ? -15.874 -14.148 -2.283  1.00 59.23 ? 2179 HOH A O   1 
HETATM 1305 O  O   . HOH E 3 .   ? -20.719 -10.695 -1.475  1.00 50.48 ? 2180 HOH A O   1 
HETATM 1306 O  O   . HOH E 3 .   ? -18.280 -17.109 0.947   1.00 41.54 ? 2181 HOH A O   1 
HETATM 1307 O  O   . HOH E 3 .   ? -14.126 -11.810 1.056   1.00 45.95 ? 2182 HOH A O   1 
HETATM 1308 O  O   . HOH E 3 .   ? -18.023 -9.588  -0.137  1.00 65.93 ? 2183 HOH A O   1 
HETATM 1309 O  O   . HOH E 3 .   ? -15.849 -20.050 2.296   1.00 57.17 ? 2184 HOH A O   1 
HETATM 1310 O  O   . HOH E 3 .   ? -17.228 -17.113 3.515   1.00 71.04 ? 2185 HOH A O   1 
HETATM 1311 O  O   . HOH E 3 .   ? -15.743 -7.989  -3.295  1.00 63.04 ? 2186 HOH A O   1 
HETATM 1312 O  O   . HOH E 3 .   ? -14.531 -21.729 -9.628  1.00 34.35 ? 2187 HOH A O   1 
HETATM 1313 O  O   . HOH E 3 .   ? -20.826 -21.271 -4.835  1.00 42.35 ? 2188 HOH A O   1 
# 
